data_6ESP
#
_entry.id   6ESP
#
_entity_poly.entity_id   1
_entity_poly.type   'polypeptide(L)'
_entity_poly.pdbx_seq_one_letter_code
;GAMGAPARIEEEELTLTILRQTGGLGISIAGGKGSTPYKGDDEGIFISRVSEEGPAARAGVRVGDKLLEVNGVALQGAEH
HEAVEALRGAGTAVQMRVWRERMVEPENAVTITPLR
;
_entity_poly.pdbx_strand_id   A
#
# COMPACT_ATOMS: atom_id res chain seq x y z
N GLY A 1 13.57 14.72 13.23
CA GLY A 1 12.31 14.98 12.56
C GLY A 1 11.13 14.96 13.50
N ALA A 2 10.33 16.03 13.48
CA ALA A 2 9.16 16.13 14.35
C ALA A 2 8.39 17.41 14.08
N MET A 3 7.24 17.27 13.41
CA MET A 3 6.41 18.43 13.09
C MET A 3 5.04 18.30 13.75
N GLY A 4 4.54 17.08 13.82
CA GLY A 4 3.24 16.85 14.43
C GLY A 4 2.62 15.53 14.00
N ALA A 5 1.48 15.19 14.58
CA ALA A 5 0.79 13.95 14.26
C ALA A 5 -0.72 14.11 14.38
N PRO A 6 -1.30 14.91 13.48
CA PRO A 6 -2.75 15.15 13.46
C PRO A 6 -3.55 13.92 13.05
N ALA A 7 -3.11 13.27 11.98
CA ALA A 7 -3.79 12.08 11.48
C ALA A 7 -3.09 10.82 11.95
N ARG A 8 -3.41 10.39 13.18
CA ARG A 8 -2.80 9.19 13.75
C ARG A 8 -3.87 8.31 14.41
N ILE A 9 -4.70 7.68 13.59
CA ILE A 9 -5.75 6.82 14.09
C ILE A 9 -5.24 5.41 14.35
N GLU A 10 -5.95 4.66 15.19
CA GLU A 10 -5.55 3.29 15.52
C GLU A 10 -5.29 2.49 14.25
N GLU A 11 -4.13 1.84 14.20
CA GLU A 11 -3.74 1.04 13.05
C GLU A 11 -4.41 -0.33 13.10
N GLU A 12 -4.75 -0.87 11.94
CA GLU A 12 -5.39 -2.18 11.85
C GLU A 12 -4.36 -3.28 11.58
N GLU A 13 -3.34 -2.94 10.80
CA GLU A 13 -2.29 -3.90 10.47
C GLU A 13 -2.82 -4.99 9.54
N LEU A 14 -2.45 -4.91 8.27
CA LEU A 14 -2.89 -5.89 7.28
C LEU A 14 -1.72 -6.35 6.42
N THR A 15 -1.19 -7.52 6.74
CA THR A 15 -0.06 -8.08 6.00
C THR A 15 -0.55 -8.95 4.83
N LEU A 16 0.00 -8.72 3.65
CA LEU A 16 -0.37 -9.47 2.46
C LEU A 16 0.87 -9.99 1.74
N THR A 17 0.70 -11.08 0.99
CA THR A 17 1.80 -11.67 0.24
C THR A 17 1.46 -11.76 -1.25
N ILE A 18 2.30 -11.14 -2.07
CA ILE A 18 2.09 -11.16 -3.51
C ILE A 18 3.20 -11.93 -4.22
N LEU A 19 2.89 -13.15 -4.64
CA LEU A 19 3.86 -13.99 -5.33
C LEU A 19 3.89 -13.67 -6.83
N ARG A 20 4.73 -14.39 -7.56
CA ARG A 20 4.87 -14.17 -9.00
C ARG A 20 3.52 -14.33 -9.70
N GLN A 21 3.26 -13.46 -10.67
CA GLN A 21 2.00 -13.50 -11.41
C GLN A 21 1.79 -14.87 -12.05
N THR A 22 0.56 -15.37 -11.94
CA THR A 22 0.22 -16.68 -12.51
C THR A 22 -0.80 -16.54 -13.62
N GLY A 23 -0.69 -15.47 -14.39
CA GLY A 23 -1.61 -15.25 -15.49
C GLY A 23 -1.60 -13.81 -15.98
N GLY A 24 -1.50 -12.87 -15.04
CA GLY A 24 -1.49 -11.47 -15.39
C GLY A 24 -0.08 -10.92 -15.51
N LEU A 25 0.21 -9.89 -14.72
CA LEU A 25 1.54 -9.27 -14.74
C LEU A 25 1.81 -8.54 -13.42
N GLY A 26 1.26 -9.06 -12.33
CA GLY A 26 1.45 -8.44 -11.04
C GLY A 26 0.52 -7.27 -10.81
N ILE A 27 1.09 -6.14 -10.41
CA ILE A 27 0.30 -4.93 -10.15
C ILE A 27 1.02 -3.68 -10.66
N SER A 28 0.49 -2.52 -10.29
CA SER A 28 1.08 -1.25 -10.71
C SER A 28 0.88 -0.19 -9.63
N ILE A 29 1.97 0.25 -9.03
CA ILE A 29 1.93 1.26 -7.98
C ILE A 29 2.59 2.56 -8.44
N ALA A 30 2.53 3.58 -7.59
CA ALA A 30 3.14 4.87 -7.90
C ALA A 30 2.95 5.85 -6.75
N GLY A 31 4.05 6.27 -6.14
CA GLY A 31 3.97 7.20 -5.04
C GLY A 31 4.74 8.48 -5.33
N GLY A 32 5.94 8.60 -4.76
CA GLY A 32 6.75 9.78 -4.96
C GLY A 32 6.14 11.01 -4.31
N LYS A 33 6.93 11.71 -3.51
CA LYS A 33 6.46 12.92 -2.83
C LYS A 33 7.61 13.60 -2.10
N GLY A 34 8.01 13.04 -0.96
CA GLY A 34 9.09 13.61 -0.19
C GLY A 34 8.63 14.75 0.70
N SER A 35 7.38 14.69 1.14
CA SER A 35 6.81 15.73 1.99
C SER A 35 6.76 15.27 3.44
N THR A 36 6.64 16.22 4.36
CA THR A 36 6.58 15.92 5.78
C THR A 36 5.64 14.74 6.06
N PRO A 37 6.05 13.86 6.98
CA PRO A 37 5.26 12.68 7.36
C PRO A 37 3.99 13.05 8.12
N TYR A 38 3.00 12.17 8.06
CA TYR A 38 1.73 12.41 8.74
C TYR A 38 1.90 12.29 10.25
N LYS A 39 2.51 11.20 10.70
CA LYS A 39 2.74 10.97 12.12
C LYS A 39 4.22 10.72 12.40
N GLY A 40 5.08 11.33 11.59
CA GLY A 40 6.51 11.16 11.76
C GLY A 40 7.14 10.30 10.68
N ASP A 41 6.37 9.33 10.19
CA ASP A 41 6.85 8.44 9.14
C ASP A 41 5.69 7.74 8.43
N ASP A 42 5.13 8.42 7.43
CA ASP A 42 4.02 7.87 6.68
C ASP A 42 3.70 8.73 5.47
N GLU A 43 3.44 8.08 4.33
CA GLU A 43 3.13 8.80 3.10
C GLU A 43 1.90 8.20 2.42
N GLY A 44 1.78 6.88 2.48
CA GLY A 44 0.64 6.21 1.87
C GLY A 44 0.82 6.01 0.38
N ILE A 45 0.96 4.76 -0.04
CA ILE A 45 1.13 4.45 -1.46
C ILE A 45 -0.16 3.93 -2.07
N PHE A 46 -0.42 4.34 -3.31
CA PHE A 46 -1.63 3.90 -4.01
C PHE A 46 -1.28 3.09 -5.25
N ILE A 47 -2.19 2.23 -5.67
CA ILE A 47 -1.98 1.40 -6.86
C ILE A 47 -3.27 1.27 -7.67
N SER A 48 -3.20 0.48 -8.73
CA SER A 48 -4.35 0.27 -9.60
C SER A 48 -4.09 -0.87 -10.60
N ARG A 49 -4.47 -2.08 -10.21
CA ARG A 49 -4.27 -3.24 -11.07
C ARG A 49 -4.68 -4.52 -10.34
N VAL A 50 -5.97 -4.82 -10.37
CA VAL A 50 -6.50 -6.02 -9.72
C VAL A 50 -6.25 -7.26 -10.56
N SER A 51 -5.86 -8.35 -9.90
CA SER A 51 -5.59 -9.60 -10.60
C SER A 51 -6.86 -10.44 -10.72
N GLU A 52 -6.81 -11.45 -11.58
CA GLU A 52 -7.95 -12.34 -11.80
C GLU A 52 -8.03 -13.40 -10.70
N GLU A 53 -8.01 -12.96 -9.45
CA GLU A 53 -8.07 -13.88 -8.31
C GLU A 53 -6.83 -14.74 -8.25
N GLY A 54 -5.67 -14.12 -8.40
CA GLY A 54 -4.41 -14.86 -8.35
C GLY A 54 -3.35 -14.15 -7.53
N PRO A 55 -2.22 -14.82 -7.32
CA PRO A 55 -1.10 -14.28 -6.55
C PRO A 55 -0.40 -13.12 -7.28
N ALA A 56 -1.05 -11.96 -7.28
CA ALA A 56 -0.49 -10.78 -7.93
C ALA A 56 -1.06 -9.50 -7.32
N ALA A 57 -2.33 -9.54 -6.95
CA ALA A 57 -2.99 -8.38 -6.37
C ALA A 57 -4.07 -8.81 -5.38
N ARG A 58 -5.00 -9.63 -5.86
CA ARG A 58 -6.10 -10.11 -5.02
C ARG A 58 -5.56 -10.73 -3.74
N ALA A 59 -4.30 -11.14 -3.76
CA ALA A 59 -3.68 -11.74 -2.59
C ALA A 59 -3.83 -10.85 -1.36
N GLY A 60 -4.04 -9.56 -1.60
CA GLY A 60 -4.20 -8.61 -0.51
C GLY A 60 -4.66 -7.25 -0.98
N VAL A 61 -4.05 -6.76 -2.06
CA VAL A 61 -4.41 -5.46 -2.60
C VAL A 61 -5.77 -5.50 -3.29
N ARG A 62 -6.24 -4.34 -3.72
CA ARG A 62 -7.55 -4.24 -4.39
C ARG A 62 -7.68 -2.91 -5.12
N VAL A 63 -7.02 -2.80 -6.27
CA VAL A 63 -7.06 -1.59 -7.07
C VAL A 63 -7.10 -0.35 -6.19
N GLY A 64 -5.94 0.08 -5.72
CA GLY A 64 -5.86 1.25 -4.86
C GLY A 64 -5.99 0.91 -3.40
N ASP A 65 -5.02 0.14 -2.89
CA ASP A 65 -5.03 -0.25 -1.49
C ASP A 65 -4.01 0.54 -0.68
N LYS A 66 -4.41 0.97 0.51
CA LYS A 66 -3.52 1.74 1.38
C LYS A 66 -2.39 0.88 1.92
N LEU A 67 -1.16 1.20 1.53
CA LEU A 67 0.00 0.45 1.98
C LEU A 67 1.10 1.39 2.48
N LEU A 68 1.90 0.91 3.42
CA LEU A 68 2.99 1.72 3.97
C LEU A 68 4.34 1.11 3.61
N GLU A 69 4.59 -0.11 4.06
CA GLU A 69 5.84 -0.80 3.78
C GLU A 69 5.68 -1.76 2.62
N VAL A 70 6.71 -1.84 1.77
CA VAL A 70 6.69 -2.73 0.62
C VAL A 70 7.81 -3.76 0.69
N ASN A 71 7.44 -5.02 0.80
CA ASN A 71 8.41 -6.11 0.89
C ASN A 71 9.33 -5.92 2.09
N GLY A 72 8.79 -5.35 3.16
CA GLY A 72 9.57 -5.13 4.36
C GLY A 72 10.30 -3.79 4.34
N VAL A 73 10.19 -3.08 3.23
CA VAL A 73 10.83 -1.78 3.08
C VAL A 73 9.85 -0.65 3.30
N ALA A 74 10.02 0.09 4.40
CA ALA A 74 9.14 1.21 4.72
C ALA A 74 9.11 2.22 3.58
N LEU A 75 7.94 2.40 2.99
CA LEU A 75 7.77 3.34 1.88
C LEU A 75 7.41 4.73 2.40
N GLN A 76 7.44 4.88 3.73
CA GLN A 76 7.11 6.16 4.35
C GLN A 76 8.07 7.26 3.89
N GLY A 77 7.58 8.11 3.00
CA GLY A 77 8.41 9.19 2.48
C GLY A 77 9.17 8.80 1.24
N ALA A 78 9.34 7.50 1.03
CA ALA A 78 10.07 6.99 -0.12
C ALA A 78 9.41 7.46 -1.42
N GLU A 79 9.99 7.05 -2.55
CA GLU A 79 9.46 7.42 -3.86
C GLU A 79 8.99 6.20 -4.63
N HIS A 80 8.22 6.43 -5.69
CA HIS A 80 7.71 5.35 -6.51
C HIS A 80 8.81 4.39 -6.91
N HIS A 81 10.02 4.93 -7.09
CA HIS A 81 11.18 4.11 -7.45
C HIS A 81 11.62 3.23 -6.29
N GLU A 82 11.42 3.72 -5.08
CA GLU A 82 11.79 2.98 -3.88
C GLU A 82 10.83 1.83 -3.62
N ALA A 83 9.58 2.00 -4.05
CA ALA A 83 8.56 0.98 -3.86
C ALA A 83 8.69 -0.11 -4.91
N VAL A 84 9.10 0.27 -6.12
CA VAL A 84 9.27 -0.68 -7.21
C VAL A 84 10.55 -1.48 -7.06
N GLU A 85 11.60 -0.81 -6.60
CA GLU A 85 12.90 -1.46 -6.41
C GLU A 85 12.76 -2.67 -5.47
N ALA A 86 11.78 -2.61 -4.58
CA ALA A 86 11.55 -3.69 -3.63
C ALA A 86 10.76 -4.83 -4.27
N LEU A 87 9.87 -4.48 -5.19
CA LEU A 87 9.06 -5.47 -5.89
C LEU A 87 9.87 -6.19 -6.96
N ARG A 88 10.95 -5.56 -7.39
CA ARG A 88 11.82 -6.14 -8.41
C ARG A 88 12.14 -7.60 -8.09
N GLY A 89 12.93 -7.80 -7.04
CA GLY A 89 13.31 -9.15 -6.65
C GLY A 89 12.20 -9.87 -5.91
N ALA A 90 11.30 -9.10 -5.30
CA ALA A 90 10.19 -9.66 -4.54
C ALA A 90 9.11 -10.17 -5.48
N GLY A 91 9.29 -9.95 -6.78
CA GLY A 91 8.31 -10.39 -7.75
C GLY A 91 7.80 -11.78 -7.46
N THR A 92 8.68 -12.65 -6.97
CA THR A 92 8.30 -14.02 -6.66
C THR A 92 7.54 -14.10 -5.34
N ALA A 93 7.89 -13.21 -4.41
CA ALA A 93 7.23 -13.17 -3.11
C ALA A 93 7.35 -11.79 -2.48
N VAL A 94 6.29 -11.00 -2.61
CA VAL A 94 6.27 -9.66 -2.06
C VAL A 94 5.48 -9.61 -0.75
N GLN A 95 5.96 -8.82 0.20
CA GLN A 95 5.29 -8.69 1.49
C GLN A 95 5.02 -7.22 1.82
N MET A 96 3.84 -6.75 1.46
CA MET A 96 3.46 -5.37 1.72
C MET A 96 2.46 -5.28 2.86
N ARG A 97 2.52 -4.19 3.61
CA ARG A 97 1.62 -3.99 4.74
C ARG A 97 0.59 -2.90 4.44
N VAL A 98 -0.61 -3.06 4.97
CA VAL A 98 -1.68 -2.09 4.77
C VAL A 98 -2.16 -1.50 6.09
N TRP A 99 -2.00 -0.19 6.24
CA TRP A 99 -2.42 0.49 7.46
C TRP A 99 -3.55 1.47 7.16
N ARG A 100 -4.41 1.69 8.15
CA ARG A 100 -5.53 2.61 8.01
C ARG A 100 -5.27 3.92 8.75
N GLU A 101 -5.55 5.04 8.09
CA GLU A 101 -5.34 6.35 8.69
C GLU A 101 -6.45 7.32 8.28
N ARG A 102 -6.22 8.60 8.49
CA ARG A 102 -7.20 9.62 8.15
C ARG A 102 -6.86 10.29 6.82
N MET A 103 -6.08 9.60 6.00
CA MET A 103 -5.68 10.12 4.70
C MET A 103 -5.79 9.05 3.62
N VAL A 104 -4.77 8.18 3.55
CA VAL A 104 -4.75 7.11 2.57
C VAL A 104 -6.14 6.45 2.44
N GLU A 105 -6.80 6.25 3.58
CA GLU A 105 -8.12 5.64 3.59
C GLU A 105 -9.21 6.70 3.49
N PRO A 106 -9.96 6.68 2.38
CA PRO A 106 -11.05 7.63 2.13
C PRO A 106 -12.24 7.40 3.05
N GLU A 107 -12.98 8.46 3.33
CA GLU A 107 -14.15 8.37 4.18
C GLU A 107 -15.17 7.37 3.63
N ASN A 108 -15.36 7.40 2.31
CA ASN A 108 -16.30 6.50 1.66
C ASN A 108 -16.04 5.06 2.07
N ALA A 109 -14.77 4.71 2.19
CA ALA A 109 -14.39 3.35 2.58
C ALA A 109 -14.57 3.14 4.08
N VAL A 110 -14.32 4.18 4.86
CA VAL A 110 -14.45 4.11 6.31
C VAL A 110 -15.83 3.60 6.71
N THR A 111 -16.81 3.83 5.83
CA THR A 111 -18.18 3.39 6.09
C THR A 111 -18.37 1.92 5.74
N ILE A 112 -18.77 1.13 6.73
CA ILE A 112 -18.99 -0.30 6.53
C ILE A 112 -20.42 -0.58 6.10
N THR A 113 -20.70 -0.35 4.82
CA THR A 113 -22.04 -0.57 4.27
C THR A 113 -21.99 -1.46 3.04
N PRO A 114 -23.08 -2.20 2.78
CA PRO A 114 -23.19 -3.10 1.63
C PRO A 114 -23.27 -2.34 0.31
N LEU A 115 -23.55 -3.07 -0.76
CA LEU A 115 -23.66 -2.47 -2.09
C LEU A 115 -24.89 -2.98 -2.82
N ARG A 116 -25.97 -3.18 -2.08
CA ARG A 116 -27.22 -3.67 -2.66
C ARG A 116 -28.38 -2.76 -2.29
N GLY A 1 10.02 13.86 10.74
CA GLY A 1 10.33 13.81 12.15
C GLY A 1 9.54 12.73 12.87
N ALA A 2 10.25 11.91 13.65
CA ALA A 2 9.61 10.83 14.40
C ALA A 2 9.42 11.22 15.86
N MET A 3 8.45 12.09 16.12
CA MET A 3 8.17 12.54 17.47
C MET A 3 6.67 12.51 17.75
N GLY A 4 6.03 11.40 17.39
CA GLY A 4 4.60 11.26 17.61
C GLY A 4 3.78 11.87 16.49
N ALA A 5 2.59 11.32 16.26
CA ALA A 5 1.70 11.82 15.22
C ALA A 5 0.25 11.54 15.56
N PRO A 6 -0.67 12.29 14.91
CA PRO A 6 -2.10 12.14 15.12
C PRO A 6 -2.64 10.82 14.57
N ALA A 7 -2.04 10.36 13.47
CA ALA A 7 -2.46 9.11 12.86
C ALA A 7 -1.92 7.90 13.62
N ARG A 8 -2.34 7.77 14.87
CA ARG A 8 -1.91 6.67 15.72
C ARG A 8 -3.11 5.85 16.20
N ILE A 9 -3.73 5.14 15.27
CA ILE A 9 -4.89 4.31 15.60
C ILE A 9 -4.54 2.83 15.54
N GLU A 10 -5.34 2.01 16.22
CA GLU A 10 -5.11 0.57 16.23
C GLU A 10 -4.96 0.02 14.82
N GLU A 11 -3.71 -0.25 14.43
CA GLU A 11 -3.42 -0.78 13.11
C GLU A 11 -4.16 -2.08 12.86
N GLU A 12 -4.55 -2.32 11.61
CA GLU A 12 -5.26 -3.54 11.24
C GLU A 12 -4.31 -4.73 11.17
N GLU A 13 -3.02 -4.47 11.34
CA GLU A 13 -2.02 -5.51 11.29
C GLU A 13 -2.36 -6.55 10.21
N LEU A 14 -2.11 -6.18 8.96
CA LEU A 14 -2.39 -7.08 7.84
C LEU A 14 -1.12 -7.35 7.03
N THR A 15 -0.52 -8.50 7.25
CA THR A 15 0.70 -8.88 6.55
C THR A 15 0.38 -9.67 5.28
N LEU A 16 0.91 -9.23 4.15
CA LEU A 16 0.68 -9.89 2.87
C LEU A 16 2.00 -10.14 2.14
N THR A 17 2.01 -11.17 1.30
CA THR A 17 3.21 -11.52 0.54
C THR A 17 2.90 -11.66 -0.94
N ILE A 18 3.71 -11.03 -1.78
CA ILE A 18 3.52 -11.10 -3.22
C ILE A 18 4.71 -11.76 -3.90
N LEU A 19 4.52 -13.01 -4.33
CA LEU A 19 5.59 -13.75 -5.00
C LEU A 19 5.66 -13.38 -6.48
N ARG A 20 6.62 -13.96 -7.19
CA ARG A 20 6.80 -13.70 -8.60
C ARG A 20 5.53 -14.02 -9.38
N GLN A 21 5.53 -13.67 -10.66
CA GLN A 21 4.38 -13.92 -11.52
C GLN A 21 3.24 -12.94 -11.21
N THR A 22 3.12 -11.92 -12.03
CA THR A 22 2.07 -10.91 -11.84
C THR A 22 0.78 -11.31 -12.54
N GLY A 23 0.92 -12.05 -13.63
CA GLY A 23 -0.25 -12.49 -14.38
C GLY A 23 -0.35 -11.83 -15.75
N GLY A 24 -1.11 -12.44 -16.65
CA GLY A 24 -1.28 -11.90 -17.97
C GLY A 24 -1.69 -10.44 -17.96
N LEU A 25 -2.45 -10.05 -16.94
CA LEU A 25 -2.91 -8.68 -16.81
C LEU A 25 -1.84 -7.79 -16.19
N GLY A 26 -1.40 -8.16 -14.99
CA GLY A 26 -0.37 -7.39 -14.31
C GLY A 26 -0.95 -6.33 -13.39
N ILE A 27 -0.55 -6.35 -12.13
CA ILE A 27 -1.04 -5.38 -11.15
C ILE A 27 -0.77 -3.95 -11.62
N SER A 28 -1.15 -2.98 -10.79
CA SER A 28 -0.97 -1.58 -11.12
C SER A 28 -0.55 -0.78 -9.89
N ILE A 29 0.44 -1.29 -9.16
CA ILE A 29 0.94 -0.63 -7.97
C ILE A 29 1.60 0.71 -8.30
N ALA A 30 1.23 1.74 -7.55
CA ALA A 30 1.78 3.08 -7.76
C ALA A 30 1.17 4.08 -6.81
N GLY A 31 2.02 4.77 -6.05
CA GLY A 31 1.54 5.76 -5.10
C GLY A 31 2.67 6.54 -4.45
N GLY A 32 3.06 7.64 -5.07
CA GLY A 32 4.14 8.45 -4.53
C GLY A 32 4.10 9.88 -5.04
N LYS A 33 4.87 10.15 -6.08
CA LYS A 33 4.93 11.48 -6.67
C LYS A 33 5.72 12.44 -5.78
N GLY A 34 5.26 12.62 -4.55
CA GLY A 34 5.94 13.50 -3.61
C GLY A 34 5.04 14.60 -3.10
N SER A 35 3.74 14.32 -3.00
CA SER A 35 2.78 15.30 -2.53
C SER A 35 3.10 15.73 -1.10
N THR A 36 2.55 16.87 -0.69
CA THR A 36 2.78 17.39 0.65
C THR A 36 2.57 16.31 1.70
N PRO A 37 3.30 16.43 2.82
CA PRO A 37 3.21 15.47 3.93
C PRO A 37 1.88 15.55 4.66
N TYR A 38 1.17 14.43 4.73
CA TYR A 38 -0.12 14.38 5.40
C TYR A 38 0.04 14.57 6.91
N LYS A 39 0.86 13.73 7.53
CA LYS A 39 1.10 13.80 8.96
C LYS A 39 2.60 13.99 9.24
N GLY A 40 3.30 14.62 8.32
CA GLY A 40 4.72 14.84 8.48
C GLY A 40 5.57 13.83 7.73
N ASP A 41 5.07 12.60 7.64
CA ASP A 41 5.78 11.54 6.94
C ASP A 41 4.84 10.40 6.57
N ASP A 42 4.20 10.52 5.40
CA ASP A 42 3.28 9.51 4.94
C ASP A 42 2.85 9.77 3.50
N GLU A 43 2.72 8.71 2.72
CA GLU A 43 2.32 8.83 1.31
C GLU A 43 1.16 7.88 0.99
N GLY A 44 1.18 6.71 1.61
CA GLY A 44 0.13 5.74 1.37
C GLY A 44 0.09 5.26 -0.06
N ILE A 45 0.44 3.99 -0.28
CA ILE A 45 0.44 3.43 -1.63
C ILE A 45 -0.95 2.93 -2.01
N PHE A 46 -1.32 3.14 -3.27
CA PHE A 46 -2.61 2.72 -3.77
C PHE A 46 -2.46 1.87 -5.03
N ILE A 47 -3.42 0.97 -5.25
CA ILE A 47 -3.39 0.10 -6.42
C ILE A 47 -4.79 -0.14 -6.96
N SER A 48 -4.88 -0.89 -8.05
CA SER A 48 -6.16 -1.20 -8.66
C SER A 48 -6.00 -2.19 -9.81
N ARG A 49 -6.15 -3.47 -9.49
CA ARG A 49 -6.01 -4.53 -10.51
C ARG A 49 -6.13 -5.90 -9.86
N VAL A 50 -7.36 -6.38 -9.70
CA VAL A 50 -7.61 -7.69 -9.11
C VAL A 50 -7.23 -8.81 -10.07
N SER A 51 -6.54 -9.81 -9.53
CA SER A 51 -6.11 -10.96 -10.34
C SER A 51 -7.06 -12.14 -10.16
N GLU A 52 -6.92 -13.12 -11.04
CA GLU A 52 -7.78 -14.31 -10.99
C GLU A 52 -7.34 -15.24 -9.87
N GLU A 53 -7.29 -14.71 -8.65
CA GLU A 53 -6.89 -15.49 -7.49
C GLU A 53 -5.41 -15.85 -7.56
N GLY A 54 -4.57 -14.83 -7.65
CA GLY A 54 -3.14 -15.05 -7.73
C GLY A 54 -2.37 -14.25 -6.69
N PRO A 55 -1.11 -14.65 -6.46
CA PRO A 55 -0.24 -13.98 -5.48
C PRO A 55 0.18 -12.59 -5.94
N ALA A 56 -0.20 -12.24 -7.17
CA ALA A 56 0.13 -10.93 -7.73
C ALA A 56 -0.65 -9.82 -7.03
N ALA A 57 -1.82 -10.16 -6.54
CA ALA A 57 -2.67 -9.19 -5.85
C ALA A 57 -3.53 -9.86 -4.78
N ARG A 58 -4.26 -10.89 -5.18
CA ARG A 58 -5.12 -11.62 -4.26
C ARG A 58 -4.34 -12.06 -3.02
N ALA A 59 -3.02 -12.13 -3.15
CA ALA A 59 -2.16 -12.54 -2.04
C ALA A 59 -2.44 -11.71 -0.80
N GLY A 60 -3.01 -10.52 -1.00
CA GLY A 60 -3.31 -9.65 0.11
C GLY A 60 -4.00 -8.37 -0.32
N VAL A 61 -3.42 -7.71 -1.33
CA VAL A 61 -3.98 -6.46 -1.84
C VAL A 61 -5.46 -6.61 -2.16
N ARG A 62 -6.11 -5.50 -2.48
CA ARG A 62 -7.53 -5.50 -2.81
C ARG A 62 -7.90 -4.27 -3.63
N VAL A 63 -7.44 -4.22 -4.87
CA VAL A 63 -7.72 -3.09 -5.75
C VAL A 63 -7.75 -1.78 -4.97
N GLY A 64 -6.70 -1.53 -4.20
CA GLY A 64 -6.62 -0.31 -3.42
C GLY A 64 -6.29 -0.58 -1.95
N ASP A 65 -5.12 -1.15 -1.72
CA ASP A 65 -4.68 -1.46 -0.36
C ASP A 65 -3.97 -0.27 0.26
N LYS A 66 -4.30 0.03 1.51
CA LYS A 66 -3.69 1.15 2.23
C LYS A 66 -2.40 0.71 2.92
N LEU A 67 -1.44 0.24 2.13
CA LEU A 67 -0.17 -0.20 2.68
C LEU A 67 0.72 0.98 3.05
N LEU A 68 1.63 0.77 4.00
CA LEU A 68 2.53 1.83 4.45
C LEU A 68 3.98 1.47 4.12
N GLU A 69 4.38 0.27 4.49
CA GLU A 69 5.75 -0.19 4.24
C GLU A 69 5.77 -1.26 3.14
N VAL A 70 6.71 -1.12 2.22
CA VAL A 70 6.85 -2.07 1.12
C VAL A 70 8.10 -2.91 1.27
N ASN A 71 7.91 -4.22 1.43
CA ASN A 71 9.02 -5.15 1.59
C ASN A 71 9.93 -4.72 2.74
N GLY A 72 9.33 -4.12 3.77
CA GLY A 72 10.10 -3.67 4.91
C GLY A 72 10.57 -2.24 4.77
N VAL A 73 10.38 -1.67 3.58
CA VAL A 73 10.80 -0.29 3.32
C VAL A 73 9.62 0.67 3.50
N ALA A 74 9.68 1.46 4.56
CA ALA A 74 8.63 2.43 4.85
C ALA A 74 8.37 3.34 3.65
N LEU A 75 7.17 3.27 3.10
CA LEU A 75 6.80 4.09 1.95
C LEU A 75 6.40 5.49 2.39
N GLN A 76 6.47 5.75 3.69
CA GLN A 76 6.12 7.05 4.24
C GLN A 76 7.00 8.15 3.66
N GLY A 77 6.43 8.96 2.77
CA GLY A 77 7.18 10.04 2.15
C GLY A 77 7.83 9.62 0.85
N ALA A 78 8.11 8.33 0.71
CA ALA A 78 8.73 7.80 -0.50
C ALA A 78 7.89 8.12 -1.73
N GLU A 79 8.50 8.01 -2.90
CA GLU A 79 7.81 8.29 -4.15
C GLU A 79 7.39 7.00 -4.84
N HIS A 80 6.94 7.12 -6.10
CA HIS A 80 6.52 5.96 -6.87
C HIS A 80 7.70 5.05 -7.19
N HIS A 81 8.88 5.67 -7.40
CA HIS A 81 10.08 4.91 -7.72
C HIS A 81 10.65 4.25 -6.46
N GLU A 82 10.34 4.81 -5.31
CA GLU A 82 10.83 4.28 -4.04
C GLU A 82 10.05 3.01 -3.66
N ALA A 83 8.79 2.94 -4.08
CA ALA A 83 7.96 1.78 -3.79
C ALA A 83 8.26 0.63 -4.74
N VAL A 84 8.61 0.96 -5.98
CA VAL A 84 8.92 -0.04 -6.98
C VAL A 84 10.32 -0.62 -6.76
N GLU A 85 11.25 0.25 -6.37
CA GLU A 85 12.64 -0.16 -6.13
C GLU A 85 12.69 -1.36 -5.18
N ALA A 86 11.71 -1.43 -4.28
CA ALA A 86 11.65 -2.51 -3.31
C ALA A 86 11.02 -3.76 -3.92
N LEU A 87 10.06 -3.55 -4.82
CA LEU A 87 9.37 -4.66 -5.48
C LEU A 87 10.26 -5.28 -6.56
N ARG A 88 11.25 -4.51 -7.02
CA ARG A 88 12.17 -4.99 -8.05
C ARG A 88 12.71 -6.36 -7.69
N GLY A 89 13.55 -6.42 -6.67
CA GLY A 89 14.13 -7.69 -6.25
C GLY A 89 13.15 -8.53 -5.45
N ALA A 90 12.21 -7.88 -4.77
CA ALA A 90 11.22 -8.58 -3.97
C ALA A 90 10.17 -9.24 -4.85
N GLY A 91 10.25 -8.99 -6.16
CA GLY A 91 9.30 -9.56 -7.09
C GLY A 91 9.04 -11.03 -6.81
N THR A 92 10.07 -11.75 -6.39
CA THR A 92 9.95 -13.17 -6.09
C THR A 92 9.23 -13.40 -4.77
N ALA A 93 9.41 -12.46 -3.83
CA ALA A 93 8.77 -12.56 -2.52
C ALA A 93 8.68 -11.19 -1.86
N VAL A 94 7.59 -10.47 -2.12
CA VAL A 94 7.39 -9.15 -1.54
C VAL A 94 6.65 -9.24 -0.21
N GLN A 95 7.00 -8.35 0.72
CA GLN A 95 6.37 -8.33 2.03
C GLN A 95 5.86 -6.94 2.37
N MET A 96 4.59 -6.69 2.06
CA MET A 96 3.97 -5.40 2.34
C MET A 96 3.01 -5.49 3.50
N ARG A 97 2.85 -4.39 4.23
CA ARG A 97 1.95 -4.34 5.38
C ARG A 97 0.89 -3.26 5.20
N VAL A 98 -0.31 -3.52 5.71
CA VAL A 98 -1.40 -2.56 5.61
C VAL A 98 -1.75 -1.97 6.98
N TRP A 99 -1.60 -0.65 7.11
CA TRP A 99 -1.89 0.03 8.35
C TRP A 99 -3.05 1.00 8.19
N ARG A 100 -4.19 0.68 8.79
CA ARG A 100 -5.36 1.54 8.70
C ARG A 100 -5.17 2.83 9.48
N GLU A 101 -4.52 3.80 8.85
CA GLU A 101 -4.25 5.09 9.48
C GLU A 101 -5.23 6.15 8.98
N ARG A 102 -5.01 7.40 9.40
CA ARG A 102 -5.87 8.50 8.99
C ARG A 102 -5.25 9.25 7.80
N MET A 103 -4.43 8.56 7.03
CA MET A 103 -3.78 9.16 5.87
C MET A 103 -4.02 8.31 4.62
N VAL A 104 -3.30 7.20 4.51
CA VAL A 104 -3.43 6.32 3.36
C VAL A 104 -4.86 5.79 3.23
N GLU A 105 -5.59 5.80 4.34
CA GLU A 105 -6.97 5.33 4.36
C GLU A 105 -7.94 6.49 4.58
N PRO A 106 -8.46 7.03 3.47
CA PRO A 106 -9.41 8.16 3.51
C PRO A 106 -10.76 7.75 4.06
N GLU A 107 -11.33 8.61 4.91
CA GLU A 107 -12.64 8.33 5.52
C GLU A 107 -13.68 8.01 4.45
N ASN A 108 -13.62 8.74 3.34
CA ASN A 108 -14.56 8.53 2.25
C ASN A 108 -14.60 7.06 1.84
N ALA A 109 -13.43 6.43 1.81
CA ALA A 109 -13.34 5.03 1.44
C ALA A 109 -13.70 4.12 2.61
N VAL A 110 -13.34 4.54 3.82
CA VAL A 110 -13.63 3.76 5.02
C VAL A 110 -15.12 3.43 5.11
N THR A 111 -15.94 4.27 4.49
CA THR A 111 -17.39 4.06 4.50
C THR A 111 -17.80 3.06 3.43
N ILE A 112 -18.46 1.98 3.87
CA ILE A 112 -18.91 0.94 2.96
C ILE A 112 -20.30 1.26 2.41
N THR A 113 -20.36 2.16 1.43
CA THR A 113 -21.62 2.56 0.83
C THR A 113 -21.57 2.42 -0.69
N PRO A 114 -22.73 2.20 -1.31
CA PRO A 114 -22.85 2.05 -2.76
C PRO A 114 -22.59 3.35 -3.50
N LEU A 115 -22.86 3.35 -4.81
CA LEU A 115 -22.66 4.54 -5.63
C LEU A 115 -23.96 4.93 -6.33
N ARG A 116 -24.73 3.93 -6.74
CA ARG A 116 -25.99 4.19 -7.42
C ARG A 116 -27.10 4.51 -6.42
N GLY A 1 6.31 22.25 5.98
CA GLY A 1 5.52 21.99 7.17
C GLY A 1 5.30 20.51 7.41
N ALA A 2 5.43 20.08 8.66
CA ALA A 2 5.25 18.68 9.02
C ALA A 2 5.06 18.52 10.53
N MET A 3 5.08 17.28 10.98
CA MET A 3 4.92 16.99 12.41
C MET A 3 3.87 17.90 13.02
N GLY A 4 2.77 18.10 12.30
CA GLY A 4 1.70 18.96 12.79
C GLY A 4 0.42 18.19 13.08
N ALA A 5 0.01 17.37 12.12
CA ALA A 5 -1.20 16.56 12.27
C ALA A 5 -0.88 15.07 12.30
N PRO A 6 -0.31 14.61 13.42
CA PRO A 6 0.06 13.21 13.61
C PRO A 6 -1.16 12.30 13.73
N ALA A 7 -1.27 11.33 12.83
CA ALA A 7 -2.38 10.39 12.82
C ALA A 7 -1.98 9.07 13.46
N ARG A 8 -2.68 8.68 14.52
CA ARG A 8 -2.39 7.44 15.22
C ARG A 8 -3.68 6.80 15.75
N ILE A 9 -4.34 6.03 14.89
CA ILE A 9 -5.58 5.35 15.27
C ILE A 9 -5.36 3.87 15.47
N GLU A 10 -6.27 3.23 16.20
CA GLU A 10 -6.17 1.80 16.47
C GLU A 10 -5.96 1.02 15.17
N GLU A 11 -4.73 0.56 14.96
CA GLU A 11 -4.39 -0.19 13.76
C GLU A 11 -5.17 -1.51 13.71
N GLU A 12 -5.56 -1.93 12.51
CA GLU A 12 -6.30 -3.16 12.33
C GLU A 12 -5.36 -4.33 12.03
N GLU A 13 -4.22 -4.02 11.41
CA GLU A 13 -3.23 -5.03 11.06
C GLU A 13 -3.74 -5.90 9.91
N LEU A 14 -3.22 -5.64 8.71
CA LEU A 14 -3.62 -6.40 7.53
C LEU A 14 -2.40 -6.77 6.69
N THR A 15 -1.95 -8.01 6.83
CA THR A 15 -0.79 -8.49 6.08
C THR A 15 -1.22 -9.23 4.81
N LEU A 16 -0.57 -8.93 3.70
CA LEU A 16 -0.88 -9.56 2.43
C LEU A 16 0.39 -10.04 1.73
N THR A 17 0.25 -11.07 0.89
CA THR A 17 1.38 -11.61 0.17
C THR A 17 1.14 -11.60 -1.34
N ILE A 18 2.03 -10.95 -2.08
CA ILE A 18 1.91 -10.86 -3.52
C ILE A 18 3.02 -11.63 -4.22
N LEU A 19 2.67 -12.80 -4.75
CA LEU A 19 3.64 -13.65 -5.45
C LEU A 19 3.76 -13.24 -6.91
N ARG A 20 4.67 -13.89 -7.63
CA ARG A 20 4.89 -13.60 -9.04
C ARG A 20 3.60 -13.78 -9.84
N GLN A 21 3.24 -12.75 -10.61
CA GLN A 21 2.03 -12.80 -11.42
C GLN A 21 2.06 -13.99 -12.37
N THR A 22 0.88 -14.42 -12.80
CA THR A 22 0.77 -15.57 -13.71
C THR A 22 -0.27 -15.30 -14.79
N GLY A 23 -1.42 -14.77 -14.39
CA GLY A 23 -2.49 -14.47 -15.34
C GLY A 23 -2.69 -12.99 -15.54
N GLY A 24 -2.90 -12.26 -14.44
CA GLY A 24 -3.10 -10.83 -14.53
C GLY A 24 -1.86 -10.09 -14.97
N LEU A 25 -0.75 -10.31 -14.27
CA LEU A 25 0.51 -9.66 -14.60
C LEU A 25 0.27 -8.27 -15.18
N GLY A 26 -0.55 -7.47 -14.49
CA GLY A 26 -0.83 -6.13 -14.95
C GLY A 26 -1.41 -5.26 -13.86
N ILE A 27 -0.55 -4.77 -12.98
CA ILE A 27 -0.98 -3.91 -11.88
C ILE A 27 -0.52 -2.47 -12.09
N SER A 28 -0.81 -1.62 -11.12
CA SER A 28 -0.43 -0.21 -11.21
C SER A 28 -0.02 0.32 -9.84
N ILE A 29 1.08 -0.22 -9.31
CA ILE A 29 1.57 0.21 -8.01
C ILE A 29 2.49 1.43 -8.14
N ALA A 30 2.24 2.43 -7.31
CA ALA A 30 3.04 3.66 -7.32
C ALA A 30 2.56 4.64 -6.26
N GLY A 31 3.45 5.06 -5.39
CA GLY A 31 3.11 6.00 -4.34
C GLY A 31 4.31 6.70 -3.76
N GLY A 32 4.48 7.97 -4.11
CA GLY A 32 5.61 8.73 -3.61
C GLY A 32 6.00 9.87 -4.54
N LYS A 33 6.92 10.72 -4.07
CA LYS A 33 7.38 11.85 -4.86
C LYS A 33 8.54 12.56 -4.17
N GLY A 34 8.48 12.63 -2.85
CA GLY A 34 9.52 13.29 -2.09
C GLY A 34 9.03 14.53 -1.37
N SER A 35 7.93 15.10 -1.85
CA SER A 35 7.37 16.30 -1.25
C SER A 35 7.27 16.15 0.26
N THR A 36 7.15 17.27 0.96
CA THR A 36 7.04 17.26 2.42
C THR A 36 6.06 16.20 2.89
N PRO A 37 6.41 15.52 3.99
CA PRO A 37 5.58 14.47 4.58
C PRO A 37 4.30 15.03 5.21
N TYR A 38 3.27 14.19 5.27
CA TYR A 38 2.00 14.60 5.86
C TYR A 38 2.12 14.79 7.36
N LYS A 39 2.54 13.72 8.05
CA LYS A 39 2.70 13.77 9.50
C LYS A 39 4.17 13.68 9.88
N GLY A 40 5.05 14.15 9.00
CA GLY A 40 6.47 14.11 9.27
C GLY A 40 7.17 12.97 8.55
N ASP A 41 6.46 11.86 8.39
CA ASP A 41 7.01 10.69 7.73
C ASP A 41 5.90 9.74 7.27
N ASP A 42 5.37 9.99 6.08
CA ASP A 42 4.30 9.16 5.54
C ASP A 42 3.98 9.57 4.10
N GLU A 43 3.72 8.58 3.25
CA GLU A 43 3.41 8.84 1.86
C GLU A 43 2.16 8.06 1.44
N GLY A 44 2.00 6.86 1.98
CA GLY A 44 0.85 6.04 1.64
C GLY A 44 0.82 5.65 0.17
N ILE A 45 1.02 4.37 -0.09
CA ILE A 45 1.01 3.86 -1.46
C ILE A 45 -0.40 3.72 -1.99
N PHE A 46 -0.60 4.09 -3.25
CA PHE A 46 -1.91 4.01 -3.88
C PHE A 46 -1.82 3.32 -5.24
N ILE A 47 -2.71 2.35 -5.47
CA ILE A 47 -2.72 1.61 -6.72
C ILE A 47 -4.13 1.59 -7.32
N SER A 48 -4.27 0.89 -8.45
CA SER A 48 -5.55 0.79 -9.12
C SER A 48 -5.48 -0.18 -10.29
N ARG A 49 -5.83 -1.45 -10.04
CA ARG A 49 -5.80 -2.47 -11.07
C ARG A 49 -6.16 -3.83 -10.50
N VAL A 50 -7.46 -4.14 -10.46
CA VAL A 50 -7.92 -5.41 -9.93
C VAL A 50 -7.70 -6.54 -10.94
N SER A 51 -7.21 -7.66 -10.45
CA SER A 51 -6.95 -8.82 -11.30
C SER A 51 -8.05 -9.86 -11.17
N GLU A 52 -8.06 -10.83 -12.07
CA GLU A 52 -9.06 -11.89 -12.05
C GLU A 52 -8.77 -12.89 -10.93
N GLU A 53 -8.66 -12.39 -9.71
CA GLU A 53 -8.39 -13.24 -8.55
C GLU A 53 -6.98 -13.82 -8.63
N GLY A 54 -5.99 -12.94 -8.74
CA GLY A 54 -4.61 -13.39 -8.81
C GLY A 54 -3.76 -12.87 -7.67
N PRO A 55 -2.67 -13.58 -7.36
CA PRO A 55 -1.75 -13.21 -6.28
C PRO A 55 -0.96 -11.94 -6.61
N ALA A 56 -1.21 -11.37 -7.78
CA ALA A 56 -0.53 -10.15 -8.20
C ALA A 56 -1.09 -8.93 -7.49
N ALA A 57 -2.37 -9.00 -7.12
CA ALA A 57 -3.03 -7.90 -6.43
C ALA A 57 -4.15 -8.40 -5.54
N ARG A 58 -5.06 -9.19 -6.11
CA ARG A 58 -6.18 -9.74 -5.37
C ARG A 58 -5.71 -10.44 -4.10
N ALA A 59 -4.44 -10.84 -4.09
CA ALA A 59 -3.86 -11.52 -2.94
C ALA A 59 -4.10 -10.72 -1.65
N GLY A 60 -4.30 -9.42 -1.81
CA GLY A 60 -4.53 -8.56 -0.66
C GLY A 60 -4.99 -7.17 -1.05
N VAL A 61 -4.34 -6.60 -2.06
CA VAL A 61 -4.69 -5.26 -2.52
C VAL A 61 -6.04 -5.26 -3.24
N ARG A 62 -6.79 -4.18 -3.08
CA ARG A 62 -8.10 -4.05 -3.71
C ARG A 62 -8.22 -2.73 -4.46
N VAL A 63 -7.73 -2.71 -5.69
CA VAL A 63 -7.79 -1.50 -6.51
C VAL A 63 -7.61 -0.25 -5.66
N GLY A 64 -6.46 -0.15 -4.99
CA GLY A 64 -6.18 0.99 -4.15
C GLY A 64 -6.03 0.62 -2.68
N ASP A 65 -5.01 -0.18 -2.39
CA ASP A 65 -4.76 -0.61 -1.02
C ASP A 65 -3.96 0.44 -0.26
N LYS A 66 -4.36 0.70 0.98
CA LYS A 66 -3.67 1.69 1.81
C LYS A 66 -2.53 1.05 2.59
N LEU A 67 -1.49 0.64 1.87
CA LEU A 67 -0.33 0.01 2.50
C LEU A 67 0.68 1.05 2.95
N LEU A 68 1.50 0.69 3.93
CA LEU A 68 2.51 1.60 4.46
C LEU A 68 3.92 1.05 4.19
N GLU A 69 4.15 -0.20 4.60
CA GLU A 69 5.44 -0.83 4.41
C GLU A 69 5.39 -1.87 3.30
N VAL A 70 6.39 -1.86 2.43
CA VAL A 70 6.46 -2.81 1.33
C VAL A 70 7.59 -3.81 1.51
N ASN A 71 7.24 -5.09 1.62
CA ASN A 71 8.22 -6.13 1.81
C ASN A 71 9.10 -5.85 3.02
N GLY A 72 8.52 -5.21 4.03
CA GLY A 72 9.27 -4.88 5.24
C GLY A 72 9.86 -3.50 5.19
N VAL A 73 9.93 -2.92 3.99
CA VAL A 73 10.48 -1.58 3.82
C VAL A 73 9.42 -0.52 4.01
N ALA A 74 9.50 0.22 5.12
CA ALA A 74 8.55 1.27 5.42
C ALA A 74 8.53 2.32 4.32
N LEU A 75 7.41 2.40 3.60
CA LEU A 75 7.26 3.37 2.52
C LEU A 75 6.90 4.74 3.07
N GLN A 76 6.77 4.84 4.39
CA GLN A 76 6.43 6.10 5.03
C GLN A 76 7.41 7.20 4.63
N GLY A 77 6.96 8.09 3.75
CA GLY A 77 7.81 9.18 3.30
C GLY A 77 8.61 8.81 2.06
N ALA A 78 8.84 7.52 1.87
CA ALA A 78 9.59 7.04 0.72
C ALA A 78 8.98 7.53 -0.59
N GLU A 79 9.61 7.18 -1.70
CA GLU A 79 9.13 7.58 -3.02
C GLU A 79 8.59 6.38 -3.79
N HIS A 80 7.88 6.66 -4.88
CA HIS A 80 7.31 5.61 -5.72
C HIS A 80 8.40 4.60 -6.14
N HIS A 81 9.62 5.10 -6.28
CA HIS A 81 10.74 4.25 -6.67
C HIS A 81 11.21 3.39 -5.50
N GLU A 82 10.97 3.87 -4.29
CA GLU A 82 11.38 3.16 -3.09
C GLU A 82 10.47 1.97 -2.83
N ALA A 83 9.21 2.08 -3.26
CA ALA A 83 8.24 1.01 -3.08
C ALA A 83 8.42 -0.08 -4.13
N VAL A 84 8.82 0.32 -5.33
CA VAL A 84 9.04 -0.62 -6.42
C VAL A 84 10.36 -1.36 -6.26
N GLU A 85 11.38 -0.64 -5.78
CA GLU A 85 12.69 -1.24 -5.57
C GLU A 85 12.59 -2.50 -4.73
N ALA A 86 11.60 -2.54 -3.84
CA ALA A 86 11.39 -3.69 -2.97
C ALA A 86 10.63 -4.79 -3.69
N LEU A 87 9.72 -4.40 -4.57
CA LEU A 87 8.91 -5.36 -5.33
C LEU A 87 9.75 -6.03 -6.41
N ARG A 88 10.86 -5.40 -6.77
CA ARG A 88 11.75 -5.96 -7.79
C ARG A 88 12.07 -7.42 -7.52
N GLY A 89 12.82 -7.67 -6.45
CA GLY A 89 13.18 -9.03 -6.10
C GLY A 89 12.05 -9.77 -5.42
N ALA A 90 11.17 -9.02 -4.76
CA ALA A 90 10.04 -9.61 -4.06
C ALA A 90 8.95 -10.04 -5.04
N GLY A 91 9.16 -9.73 -6.31
CA GLY A 91 8.19 -10.09 -7.34
C GLY A 91 7.63 -11.49 -7.15
N THR A 92 8.50 -12.41 -6.71
CA THR A 92 8.10 -13.79 -6.50
C THR A 92 7.30 -13.94 -5.21
N ALA A 93 7.63 -13.12 -4.21
CA ALA A 93 6.94 -13.16 -2.92
C ALA A 93 7.07 -11.83 -2.20
N VAL A 94 6.05 -10.99 -2.33
CA VAL A 94 6.05 -9.68 -1.68
C VAL A 94 5.25 -9.71 -0.39
N GLN A 95 5.71 -8.95 0.61
CA GLN A 95 5.02 -8.90 1.89
C GLN A 95 4.70 -7.45 2.27
N MET A 96 3.51 -6.99 1.91
CA MET A 96 3.09 -5.64 2.21
C MET A 96 2.05 -5.62 3.32
N ARG A 97 2.02 -4.55 4.10
CA ARG A 97 1.08 -4.42 5.20
C ARG A 97 0.19 -3.19 5.02
N VAL A 98 -1.05 -3.28 5.48
CA VAL A 98 -1.99 -2.18 5.37
C VAL A 98 -2.32 -1.59 6.73
N TRP A 99 -1.98 -0.32 6.92
CA TRP A 99 -2.25 0.36 8.18
C TRP A 99 -3.35 1.40 8.02
N ARG A 100 -4.45 1.20 8.73
CA ARG A 100 -5.59 2.11 8.67
C ARG A 100 -5.29 3.40 9.44
N GLU A 101 -4.62 4.33 8.77
CA GLU A 101 -4.27 5.61 9.40
C GLU A 101 -5.25 6.70 8.98
N ARG A 102 -4.95 7.94 9.38
CA ARG A 102 -5.80 9.07 9.05
C ARG A 102 -5.29 9.79 7.80
N MET A 103 -4.63 9.03 6.93
CA MET A 103 -4.10 9.59 5.69
C MET A 103 -4.33 8.64 4.52
N VAL A 104 -3.43 7.67 4.36
CA VAL A 104 -3.53 6.70 3.28
C VAL A 104 -4.88 5.98 3.32
N GLU A 105 -5.50 5.96 4.49
CA GLU A 105 -6.79 5.30 4.66
C GLU A 105 -7.84 6.29 5.17
N PRO A 106 -8.60 6.88 4.23
CA PRO A 106 -9.65 7.85 4.57
C PRO A 106 -10.84 7.21 5.28
N GLU A 107 -11.75 8.03 5.77
CA GLU A 107 -12.94 7.54 6.46
C GLU A 107 -13.75 6.62 5.57
N ASN A 108 -13.86 7.00 4.29
CA ASN A 108 -14.62 6.20 3.32
C ASN A 108 -14.19 4.75 3.36
N ALA A 109 -12.90 4.51 3.57
CA ALA A 109 -12.36 3.17 3.63
C ALA A 109 -12.59 2.54 5.01
N VAL A 110 -12.50 3.36 6.04
CA VAL A 110 -12.70 2.89 7.40
C VAL A 110 -14.04 2.16 7.55
N THR A 111 -14.99 2.52 6.68
CA THR A 111 -16.31 1.90 6.71
C THR A 111 -16.31 0.55 5.99
N ILE A 112 -16.69 -0.49 6.70
CA ILE A 112 -16.72 -1.84 6.12
C ILE A 112 -18.08 -2.12 5.47
N THR A 113 -18.26 -1.57 4.27
CA THR A 113 -19.50 -1.77 3.53
C THR A 113 -19.24 -2.30 2.13
N PRO A 114 -20.22 -3.02 1.57
CA PRO A 114 -20.12 -3.60 0.22
C PRO A 114 -20.16 -2.54 -0.86
N LEU A 115 -20.24 -2.98 -2.10
CA LEU A 115 -20.29 -2.07 -3.25
C LEU A 115 -21.54 -2.29 -4.09
N ARG A 116 -21.69 -3.50 -4.60
CA ARG A 116 -22.84 -3.86 -5.42
C ARG A 116 -23.91 -4.57 -4.58
N GLY A 1 11.67 16.23 17.98
CA GLY A 1 10.38 16.33 18.63
C GLY A 1 9.28 16.73 17.65
N ALA A 2 9.63 17.57 16.69
CA ALA A 2 8.66 18.03 15.70
C ALA A 2 8.12 16.86 14.89
N MET A 3 7.37 17.17 13.83
CA MET A 3 6.79 16.15 12.96
C MET A 3 5.89 15.21 13.78
N GLY A 4 5.02 15.80 14.60
CA GLY A 4 4.13 15.00 15.41
C GLY A 4 3.35 13.99 14.60
N ALA A 5 2.76 13.01 15.27
CA ALA A 5 1.97 11.98 14.59
C ALA A 5 0.54 11.97 15.10
N PRO A 6 -0.26 12.95 14.64
CA PRO A 6 -1.67 13.07 15.03
C PRO A 6 -2.53 11.96 14.45
N ALA A 7 -2.19 11.53 13.24
CA ALA A 7 -2.93 10.47 12.57
C ALA A 7 -2.40 9.09 12.95
N ARG A 8 -2.30 8.85 14.26
CA ARG A 8 -1.80 7.58 14.76
C ARG A 8 -2.94 6.76 15.37
N ILE A 9 -3.97 6.51 14.58
CA ILE A 9 -5.12 5.73 15.04
C ILE A 9 -4.73 4.29 15.32
N GLU A 10 -5.54 3.62 16.13
CA GLU A 10 -5.28 2.22 16.48
C GLU A 10 -5.01 1.38 15.23
N GLU A 11 -3.73 1.06 15.00
CA GLU A 11 -3.35 0.27 13.84
C GLU A 11 -4.06 -1.08 13.84
N GLU A 12 -4.63 -1.44 12.71
CA GLU A 12 -5.34 -2.71 12.57
C GLU A 12 -4.37 -3.85 12.29
N GLU A 13 -3.30 -3.54 11.56
CA GLU A 13 -2.29 -4.54 11.22
C GLU A 13 -2.84 -5.54 10.20
N LEU A 14 -2.47 -5.35 8.94
CA LEU A 14 -2.93 -6.23 7.87
C LEU A 14 -1.78 -6.63 6.96
N THR A 15 -1.26 -7.84 7.17
CA THR A 15 -0.16 -8.35 6.37
C THR A 15 -0.65 -9.17 5.19
N LEU A 16 -0.12 -8.90 4.01
CA LEU A 16 -0.52 -9.63 2.81
C LEU A 16 0.70 -10.13 2.04
N THR A 17 0.52 -11.21 1.29
CA THR A 17 1.60 -11.80 0.52
C THR A 17 1.28 -11.78 -0.97
N ILE A 18 2.09 -11.07 -1.75
CA ILE A 18 1.90 -10.98 -3.19
C ILE A 18 3.00 -11.73 -3.94
N LEU A 19 2.67 -12.91 -4.45
CA LEU A 19 3.62 -13.72 -5.19
C LEU A 19 3.70 -13.26 -6.65
N ARG A 20 4.58 -13.91 -7.42
CA ARG A 20 4.76 -13.57 -8.82
C ARG A 20 3.43 -13.71 -9.57
N GLN A 21 3.34 -13.04 -10.72
CA GLN A 21 2.14 -13.08 -11.54
C GLN A 21 2.39 -13.83 -12.84
N THR A 22 1.32 -14.08 -13.60
CA THR A 22 1.42 -14.80 -14.86
C THR A 22 0.32 -14.38 -15.82
N GLY A 23 0.67 -14.14 -17.08
CA GLY A 23 -0.31 -13.74 -18.07
C GLY A 23 -1.05 -12.49 -17.67
N GLY A 24 -2.12 -12.18 -18.41
CA GLY A 24 -2.90 -10.99 -18.11
C GLY A 24 -2.07 -9.73 -18.10
N LEU A 25 -2.19 -8.94 -17.04
CA LEU A 25 -1.44 -7.69 -16.91
C LEU A 25 -0.63 -7.68 -15.63
N GLY A 26 -1.29 -7.90 -14.50
CA GLY A 26 -0.60 -7.91 -13.22
C GLY A 26 -1.20 -6.92 -12.23
N ILE A 27 -0.50 -5.80 -12.05
CA ILE A 27 -0.95 -4.77 -11.12
C ILE A 27 -0.46 -3.39 -11.55
N SER A 28 -0.74 -2.38 -10.74
CA SER A 28 -0.32 -1.02 -11.02
C SER A 28 0.07 -0.29 -9.74
N ILE A 29 1.09 -0.80 -9.07
CA ILE A 29 1.56 -0.19 -7.82
C ILE A 29 2.48 0.99 -8.11
N ALA A 30 2.22 2.11 -7.43
CA ALA A 30 3.03 3.31 -7.60
C ALA A 30 2.51 4.45 -6.73
N GLY A 31 3.41 4.99 -5.90
CA GLY A 31 3.02 6.08 -5.01
C GLY A 31 4.22 6.75 -4.38
N GLY A 32 4.15 8.07 -4.22
CA GLY A 32 5.24 8.81 -3.62
C GLY A 32 5.40 10.19 -4.21
N LYS A 33 6.20 10.29 -5.27
CA LYS A 33 6.44 11.56 -5.94
C LYS A 33 7.36 12.45 -5.10
N GLY A 34 6.92 12.78 -3.89
CA GLY A 34 7.72 13.62 -3.01
C GLY A 34 6.92 14.77 -2.43
N SER A 35 5.64 14.53 -2.17
CA SER A 35 4.77 15.55 -1.62
C SER A 35 5.00 15.70 -0.12
N THR A 36 4.65 16.87 0.41
CA THR A 36 4.83 17.15 1.83
C THR A 36 4.29 16.01 2.68
N PRO A 37 4.98 15.74 3.81
CA PRO A 37 4.59 14.67 4.73
C PRO A 37 3.31 14.98 5.47
N TYR A 38 2.39 14.02 5.51
CA TYR A 38 1.12 14.19 6.19
C TYR A 38 1.33 14.45 7.68
N LYS A 39 1.99 13.50 8.34
CA LYS A 39 2.25 13.61 9.77
C LYS A 39 3.76 13.59 10.05
N GLY A 40 4.54 14.07 9.08
CA GLY A 40 5.98 14.09 9.24
C GLY A 40 6.68 13.05 8.41
N ASP A 41 6.02 11.90 8.23
CA ASP A 41 6.58 10.81 7.45
C ASP A 41 5.49 9.83 7.02
N ASP A 42 4.85 10.12 5.89
CA ASP A 42 3.79 9.26 5.38
C ASP A 42 3.33 9.74 4.00
N GLU A 43 3.13 8.79 3.08
CA GLU A 43 2.69 9.11 1.73
C GLU A 43 1.53 8.21 1.30
N GLY A 44 1.58 6.96 1.72
CA GLY A 44 0.52 6.02 1.37
C GLY A 44 0.52 5.68 -0.10
N ILE A 45 0.81 4.43 -0.41
CA ILE A 45 0.83 3.97 -1.80
C ILE A 45 -0.58 3.81 -2.36
N PHE A 46 -0.75 4.16 -3.62
CA PHE A 46 -2.04 4.06 -4.28
C PHE A 46 -1.95 3.24 -5.56
N ILE A 47 -2.75 2.19 -5.64
CA ILE A 47 -2.76 1.32 -6.81
C ILE A 47 -4.15 1.24 -7.43
N SER A 48 -4.28 0.44 -8.48
CA SER A 48 -5.56 0.27 -9.17
C SER A 48 -5.46 -0.79 -10.25
N ARG A 49 -5.83 -2.02 -9.88
CA ARG A 49 -5.79 -3.14 -10.82
C ARG A 49 -6.18 -4.44 -10.13
N VAL A 50 -7.47 -4.73 -10.10
CA VAL A 50 -7.97 -5.94 -9.46
C VAL A 50 -7.78 -7.15 -10.38
N SER A 51 -7.29 -8.25 -9.79
CA SER A 51 -7.06 -9.48 -10.56
C SER A 51 -8.19 -10.48 -10.33
N GLU A 52 -8.23 -11.51 -11.16
CA GLU A 52 -9.25 -12.54 -11.05
C GLU A 52 -8.96 -13.48 -9.89
N GLU A 53 -8.80 -12.90 -8.70
CA GLU A 53 -8.51 -13.70 -7.50
C GLU A 53 -7.12 -14.32 -7.59
N GLY A 54 -6.11 -13.49 -7.85
CA GLY A 54 -4.75 -13.99 -7.95
C GLY A 54 -3.83 -13.36 -6.91
N PRO A 55 -2.71 -14.04 -6.64
CA PRO A 55 -1.71 -13.56 -5.67
C PRO A 55 -0.98 -12.31 -6.15
N ALA A 56 -1.32 -11.87 -7.35
CA ALA A 56 -0.69 -10.68 -7.93
C ALA A 56 -1.16 -9.41 -7.23
N ALA A 57 -2.39 -9.45 -6.72
CA ALA A 57 -2.97 -8.30 -6.03
C ALA A 57 -4.07 -8.73 -5.08
N ARG A 58 -5.01 -9.54 -5.59
CA ARG A 58 -6.12 -10.02 -4.78
C ARG A 58 -5.62 -10.66 -3.49
N ALA A 59 -4.36 -11.10 -3.49
CA ALA A 59 -3.77 -11.71 -2.32
C ALA A 59 -3.95 -10.85 -1.08
N GLY A 60 -4.14 -9.55 -1.30
CA GLY A 60 -4.32 -8.63 -0.19
C GLY A 60 -4.81 -7.27 -0.64
N VAL A 61 -4.22 -6.75 -1.71
CA VAL A 61 -4.61 -5.45 -2.24
C VAL A 61 -5.94 -5.52 -2.98
N ARG A 62 -6.72 -4.46 -2.87
CA ARG A 62 -8.03 -4.41 -3.52
C ARG A 62 -8.21 -3.09 -4.27
N VAL A 63 -7.74 -3.05 -5.51
CA VAL A 63 -7.85 -1.86 -6.34
C VAL A 63 -7.71 -0.60 -5.50
N GLY A 64 -6.53 -0.43 -4.89
CA GLY A 64 -6.29 0.74 -4.06
C GLY A 64 -6.13 0.39 -2.60
N ASP A 65 -5.08 -0.35 -2.28
CA ASP A 65 -4.81 -0.75 -0.90
C ASP A 65 -4.01 0.31 -0.17
N LYS A 66 -4.40 0.60 1.07
CA LYS A 66 -3.72 1.60 1.88
C LYS A 66 -2.48 1.00 2.55
N LEU A 67 -1.49 0.64 1.76
CA LEU A 67 -0.26 0.06 2.27
C LEU A 67 0.74 1.14 2.65
N LEU A 68 1.64 0.82 3.58
CA LEU A 68 2.65 1.77 4.03
C LEU A 68 4.05 1.29 3.67
N GLU A 69 4.38 0.08 4.11
CA GLU A 69 5.69 -0.50 3.82
C GLU A 69 5.58 -1.58 2.75
N VAL A 70 6.59 -1.65 1.89
CA VAL A 70 6.61 -2.63 0.81
C VAL A 70 7.80 -3.58 0.97
N ASN A 71 7.50 -4.84 1.25
CA ASN A 71 8.54 -5.85 1.43
C ASN A 71 9.41 -5.54 2.65
N GLY A 72 8.81 -4.89 3.65
CA GLY A 72 9.54 -4.55 4.85
C GLY A 72 9.90 -3.07 4.90
N VAL A 73 10.36 -2.54 3.77
CA VAL A 73 10.75 -1.14 3.70
C VAL A 73 9.52 -0.23 3.85
N ALA A 74 9.69 0.86 4.59
CA ALA A 74 8.60 1.81 4.81
C ALA A 74 8.54 2.83 3.67
N LEU A 75 7.43 2.81 2.94
CA LEU A 75 7.24 3.74 1.83
C LEU A 75 6.83 5.12 2.33
N GLN A 76 6.69 5.25 3.65
CA GLN A 76 6.32 6.52 4.25
C GLN A 76 7.27 7.63 3.82
N GLY A 77 6.78 8.51 2.94
CA GLY A 77 7.60 9.60 2.47
C GLY A 77 8.36 9.25 1.20
N ALA A 78 8.65 7.97 1.01
CA ALA A 78 9.38 7.50 -0.16
C ALA A 78 8.69 7.97 -1.44
N GLU A 79 9.33 7.71 -2.57
CA GLU A 79 8.78 8.11 -3.87
C GLU A 79 8.13 6.92 -4.57
N HIS A 80 7.68 7.14 -5.81
CA HIS A 80 7.04 6.09 -6.59
C HIS A 80 8.05 5.03 -7.01
N HIS A 81 9.28 5.47 -7.28
CA HIS A 81 10.34 4.55 -7.70
C HIS A 81 10.87 3.76 -6.50
N GLU A 82 10.68 4.30 -5.30
CA GLU A 82 11.14 3.65 -4.09
C GLU A 82 10.24 2.46 -3.74
N ALA A 83 8.97 2.56 -4.11
CA ALA A 83 8.00 1.50 -3.84
C ALA A 83 8.14 0.36 -4.83
N VAL A 84 8.48 0.71 -6.08
CA VAL A 84 8.63 -0.28 -7.14
C VAL A 84 9.98 -0.99 -7.02
N GLU A 85 11.01 -0.23 -6.66
CA GLU A 85 12.35 -0.79 -6.51
C GLU A 85 12.37 -1.91 -5.47
N ALA A 86 11.81 -1.63 -4.30
CA ALA A 86 11.76 -2.62 -3.23
C ALA A 86 11.22 -3.95 -3.73
N LEU A 87 10.35 -3.89 -4.74
CA LEU A 87 9.76 -5.10 -5.31
C LEU A 87 10.68 -5.69 -6.37
N ARG A 88 11.96 -5.83 -6.05
CA ARG A 88 12.93 -6.39 -6.99
C ARG A 88 12.94 -7.91 -6.91
N GLY A 89 13.54 -8.44 -5.85
CA GLY A 89 13.60 -9.88 -5.68
C GLY A 89 12.33 -10.46 -5.08
N ALA A 90 11.54 -9.62 -4.43
CA ALA A 90 10.31 -10.04 -3.80
C ALA A 90 9.24 -10.35 -4.86
N GLY A 91 9.56 -10.08 -6.12
CA GLY A 91 8.63 -10.33 -7.20
C GLY A 91 7.92 -11.66 -7.05
N THR A 92 8.66 -12.68 -6.61
CA THR A 92 8.10 -14.01 -6.43
C THR A 92 7.29 -14.09 -5.14
N ALA A 93 7.69 -13.32 -4.14
CA ALA A 93 7.00 -13.30 -2.86
C ALA A 93 7.17 -11.95 -2.16
N VAL A 94 6.16 -11.10 -2.27
CA VAL A 94 6.19 -9.78 -1.66
C VAL A 94 5.35 -9.75 -0.39
N GLN A 95 5.83 -9.00 0.61
CA GLN A 95 5.12 -8.89 1.89
C GLN A 95 4.85 -7.43 2.22
N MET A 96 3.67 -6.95 1.84
CA MET A 96 3.29 -5.56 2.10
C MET A 96 2.32 -5.49 3.28
N ARG A 97 2.36 -4.38 4.00
CA ARG A 97 1.48 -4.18 5.15
C ARG A 97 0.53 -3.01 4.92
N VAL A 98 -0.67 -3.12 5.47
CA VAL A 98 -1.67 -2.06 5.31
C VAL A 98 -1.97 -1.39 6.65
N TRP A 99 -1.68 -0.09 6.72
CA TRP A 99 -1.92 0.68 7.94
C TRP A 99 -3.13 1.59 7.79
N ARG A 100 -4.19 1.29 8.53
CA ARG A 100 -5.41 2.08 8.49
C ARG A 100 -5.24 3.40 9.23
N GLU A 101 -4.65 4.39 8.56
CA GLU A 101 -4.42 5.69 9.16
C GLU A 101 -5.45 6.70 8.68
N ARG A 102 -5.25 7.97 9.04
CA ARG A 102 -6.17 9.03 8.65
C ARG A 102 -5.65 9.76 7.41
N MET A 103 -4.87 9.05 6.60
CA MET A 103 -4.31 9.63 5.39
C MET A 103 -4.44 8.67 4.21
N VAL A 104 -3.54 7.70 4.13
CA VAL A 104 -3.57 6.72 3.06
C VAL A 104 -4.92 6.03 2.97
N GLU A 105 -5.66 6.04 4.08
CA GLU A 105 -6.97 5.41 4.14
C GLU A 105 -8.04 6.44 4.52
N PRO A 106 -8.70 7.01 3.50
CA PRO A 106 -9.75 8.00 3.70
C PRO A 106 -11.02 7.40 4.30
N GLU A 107 -11.97 8.25 4.65
CA GLU A 107 -13.23 7.80 5.22
C GLU A 107 -13.96 6.85 4.28
N ASN A 108 -13.94 7.17 2.99
CA ASN A 108 -14.59 6.35 1.99
C ASN A 108 -14.17 4.89 2.12
N ALA A 109 -12.88 4.67 2.36
CA ALA A 109 -12.35 3.32 2.51
C ALA A 109 -12.61 2.78 3.91
N VAL A 110 -12.50 3.65 4.90
CA VAL A 110 -12.73 3.26 6.28
C VAL A 110 -14.09 2.58 6.46
N THR A 111 -15.02 2.92 5.57
CA THR A 111 -16.35 2.35 5.62
C THR A 111 -16.39 0.98 4.95
N ILE A 112 -16.81 -0.03 5.71
CA ILE A 112 -16.89 -1.39 5.18
C ILE A 112 -18.24 -1.65 4.52
N THR A 113 -18.40 -1.16 3.30
CA THR A 113 -19.65 -1.33 2.56
C THR A 113 -19.39 -1.93 1.18
N PRO A 114 -20.40 -2.64 0.65
CA PRO A 114 -20.30 -3.27 -0.67
C PRO A 114 -20.28 -2.25 -1.80
N LEU A 115 -20.39 -2.75 -3.04
CA LEU A 115 -20.39 -1.88 -4.21
C LEU A 115 -21.71 -1.97 -4.95
N ARG A 116 -22.19 -3.19 -5.16
CA ARG A 116 -23.45 -3.40 -5.86
C ARG A 116 -24.63 -3.23 -4.91
N GLY A 1 8.15 23.08 11.32
CA GLY A 1 6.83 22.84 11.89
C GLY A 1 6.32 21.45 11.59
N ALA A 2 6.11 20.66 12.64
CA ALA A 2 5.60 19.30 12.48
C ALA A 2 5.28 18.67 13.83
N MET A 3 4.89 17.40 13.81
CA MET A 3 4.55 16.69 15.04
C MET A 3 3.35 17.33 15.72
N GLY A 4 2.33 17.66 14.94
CA GLY A 4 1.14 18.28 15.49
C GLY A 4 -0.02 17.31 15.59
N ALA A 5 -0.71 17.10 14.47
CA ALA A 5 -1.85 16.18 14.44
C ALA A 5 -1.58 15.00 13.52
N PRO A 6 -0.67 14.11 13.94
CA PRO A 6 -0.30 12.93 13.17
C PRO A 6 -1.43 11.89 13.12
N ALA A 7 -1.16 10.77 12.45
CA ALA A 7 -2.15 9.71 12.33
C ALA A 7 -1.67 8.43 13.03
N ARG A 8 -1.95 8.32 14.32
CA ARG A 8 -1.55 7.15 15.10
C ARG A 8 -2.76 6.42 15.65
N ILE A 9 -3.77 6.24 14.81
CA ILE A 9 -5.00 5.55 15.22
C ILE A 9 -4.75 4.07 15.43
N GLU A 10 -5.62 3.43 16.19
CA GLU A 10 -5.50 2.00 16.47
C GLU A 10 -5.28 1.21 15.18
N GLU A 11 -4.05 0.78 14.96
CA GLU A 11 -3.70 0.01 13.77
C GLU A 11 -4.38 -1.36 13.79
N GLU A 12 -4.94 -1.75 12.65
CA GLU A 12 -5.61 -3.05 12.55
C GLU A 12 -4.61 -4.17 12.26
N GLU A 13 -3.53 -3.82 11.55
CA GLU A 13 -2.50 -4.79 11.21
C GLU A 13 -3.02 -5.78 10.17
N LEU A 14 -2.63 -5.57 8.92
CA LEU A 14 -3.06 -6.45 7.84
C LEU A 14 -1.88 -6.79 6.92
N THR A 15 -1.32 -7.98 7.10
CA THR A 15 -0.19 -8.42 6.29
C THR A 15 -0.66 -9.25 5.10
N LEU A 16 -0.13 -8.94 3.92
CA LEU A 16 -0.50 -9.66 2.71
C LEU A 16 0.75 -10.11 1.94
N THR A 17 0.61 -11.18 1.17
CA THR A 17 1.72 -11.71 0.40
C THR A 17 1.39 -11.71 -1.10
N ILE A 18 2.19 -10.97 -1.87
CA ILE A 18 1.98 -10.88 -3.31
C ILE A 18 3.09 -11.62 -4.06
N LEU A 19 2.76 -12.80 -4.56
CA LEU A 19 3.72 -13.62 -5.30
C LEU A 19 3.78 -13.18 -6.77
N ARG A 20 4.63 -13.85 -7.54
CA ARG A 20 4.78 -13.53 -8.96
C ARG A 20 3.44 -13.62 -9.68
N GLN A 21 3.39 -13.04 -10.89
CA GLN A 21 2.17 -13.07 -11.68
C GLN A 21 2.41 -13.72 -13.04
N THR A 22 1.34 -13.90 -13.81
CA THR A 22 1.43 -14.51 -15.12
C THR A 22 1.53 -13.45 -16.22
N GLY A 23 2.43 -12.49 -16.01
CA GLY A 23 2.60 -11.42 -16.99
C GLY A 23 1.29 -10.74 -17.35
N GLY A 24 1.11 -10.47 -18.63
CA GLY A 24 -0.10 -9.82 -19.08
C GLY A 24 -0.40 -8.54 -18.32
N LEU A 25 -1.60 -8.45 -17.75
CA LEU A 25 -1.99 -7.27 -16.99
C LEU A 25 -1.09 -7.08 -15.77
N GLY A 26 -1.30 -7.92 -14.75
CA GLY A 26 -0.51 -7.83 -13.55
C GLY A 26 -1.08 -6.86 -12.53
N ILE A 27 -0.42 -5.73 -12.35
CA ILE A 27 -0.88 -4.72 -11.40
C ILE A 27 -0.41 -3.33 -11.82
N SER A 28 -0.71 -2.34 -10.98
CA SER A 28 -0.33 -0.95 -11.26
C SER A 28 0.08 -0.24 -9.99
N ILE A 29 1.05 -0.80 -9.27
CA ILE A 29 1.52 -0.21 -8.03
C ILE A 29 2.38 1.02 -8.31
N ALA A 30 2.13 2.09 -7.54
CA ALA A 30 2.87 3.33 -7.70
C ALA A 30 2.50 4.34 -6.62
N GLY A 31 3.48 4.79 -5.86
CA GLY A 31 3.23 5.74 -4.80
C GLY A 31 4.51 6.33 -4.23
N GLY A 32 4.49 7.62 -3.93
CA GLY A 32 5.65 8.27 -3.38
C GLY A 32 5.82 9.70 -3.87
N LYS A 33 6.64 9.89 -4.89
CA LYS A 33 6.88 11.21 -5.46
C LYS A 33 7.76 12.04 -4.54
N GLY A 34 7.28 12.30 -3.32
CA GLY A 34 8.04 13.09 -2.37
C GLY A 34 7.24 14.25 -1.81
N SER A 35 5.94 14.05 -1.65
CA SER A 35 5.06 15.08 -1.12
C SER A 35 5.32 15.30 0.37
N THR A 36 4.91 16.46 0.87
CA THR A 36 5.11 16.79 2.27
C THR A 36 4.69 15.65 3.18
N PRO A 37 5.40 15.48 4.31
CA PRO A 37 5.12 14.42 5.28
C PRO A 37 3.81 14.64 6.02
N TYR A 38 2.96 13.63 6.02
CA TYR A 38 1.67 13.72 6.69
C TYR A 38 1.85 13.75 8.20
N LYS A 39 2.50 12.73 8.75
CA LYS A 39 2.74 12.65 10.19
C LYS A 39 4.23 12.50 10.48
N GLY A 40 5.07 13.04 9.59
CA GLY A 40 6.50 12.95 9.77
C GLY A 40 7.13 11.87 8.93
N ASP A 41 6.39 10.80 8.69
CA ASP A 41 6.88 9.69 7.88
C ASP A 41 5.72 8.84 7.37
N ASP A 42 5.17 9.24 6.23
CA ASP A 42 4.06 8.52 5.62
C ASP A 42 3.77 9.04 4.22
N GLU A 43 3.51 8.12 3.29
CA GLU A 43 3.22 8.48 1.91
C GLU A 43 1.98 7.75 1.40
N GLY A 44 1.83 6.50 1.82
CA GLY A 44 0.69 5.71 1.39
C GLY A 44 0.69 5.44 -0.10
N ILE A 45 0.93 4.19 -0.47
CA ILE A 45 0.96 3.80 -1.88
C ILE A 45 -0.45 3.66 -2.45
N PHE A 46 -0.63 4.07 -3.69
CA PHE A 46 -1.94 3.99 -4.35
C PHE A 46 -1.84 3.17 -5.64
N ILE A 47 -2.65 2.12 -5.72
CA ILE A 47 -2.67 1.27 -6.91
C ILE A 47 -4.05 1.21 -7.53
N SER A 48 -4.19 0.41 -8.58
CA SER A 48 -5.46 0.27 -9.27
C SER A 48 -5.38 -0.80 -10.36
N ARG A 49 -5.73 -2.03 -9.99
CA ARG A 49 -5.70 -3.14 -10.94
C ARG A 49 -6.07 -4.45 -10.24
N VAL A 50 -7.35 -4.80 -10.28
CA VAL A 50 -7.83 -6.02 -9.66
C VAL A 50 -7.63 -7.22 -10.58
N SER A 51 -7.14 -8.33 -10.01
CA SER A 51 -6.89 -9.54 -10.78
C SER A 51 -8.00 -10.56 -10.54
N GLU A 52 -8.02 -11.60 -11.37
CA GLU A 52 -9.03 -12.64 -11.26
C GLU A 52 -8.71 -13.57 -10.09
N GLU A 53 -8.55 -12.99 -8.90
CA GLU A 53 -8.25 -13.76 -7.71
C GLU A 53 -6.85 -14.37 -7.79
N GLY A 54 -5.86 -13.52 -8.04
CA GLY A 54 -4.48 -13.98 -8.15
C GLY A 54 -3.59 -13.36 -7.11
N PRO A 55 -2.44 -14.01 -6.83
CA PRO A 55 -1.47 -13.54 -5.85
C PRO A 55 -0.75 -12.28 -6.31
N ALA A 56 -1.10 -11.80 -7.50
CA ALA A 56 -0.48 -10.60 -8.06
C ALA A 56 -1.00 -9.35 -7.36
N ALA A 57 -2.23 -9.42 -6.85
CA ALA A 57 -2.83 -8.29 -6.16
C ALA A 57 -3.95 -8.74 -5.22
N ARG A 58 -4.86 -9.56 -5.76
CA ARG A 58 -5.98 -10.07 -4.98
C ARG A 58 -5.49 -10.71 -3.69
N ALA A 59 -4.23 -11.13 -3.68
CA ALA A 59 -3.63 -11.76 -2.51
C ALA A 59 -3.87 -10.92 -1.25
N GLY A 60 -4.07 -9.62 -1.45
CA GLY A 60 -4.30 -8.73 -0.32
C GLY A 60 -4.79 -7.36 -0.76
N VAL A 61 -4.20 -6.83 -1.83
CA VAL A 61 -4.58 -5.53 -2.35
C VAL A 61 -5.91 -5.60 -3.09
N ARG A 62 -6.69 -4.53 -3.00
CA ARG A 62 -7.99 -4.47 -3.66
C ARG A 62 -8.15 -3.15 -4.42
N VAL A 63 -7.68 -3.13 -5.66
CA VAL A 63 -7.76 -1.94 -6.49
C VAL A 63 -7.62 -0.68 -5.66
N GLY A 64 -6.46 -0.52 -5.03
CA GLY A 64 -6.21 0.66 -4.21
C GLY A 64 -6.10 0.32 -2.74
N ASP A 65 -5.06 -0.43 -2.39
CA ASP A 65 -4.85 -0.82 -0.99
C ASP A 65 -4.05 0.23 -0.24
N LYS A 66 -4.49 0.56 0.96
CA LYS A 66 -3.82 1.56 1.78
C LYS A 66 -2.63 0.96 2.52
N LEU A 67 -1.61 0.55 1.77
CA LEU A 67 -0.41 -0.04 2.36
C LEU A 67 0.59 1.04 2.78
N LEU A 68 1.47 0.69 3.71
CA LEU A 68 2.48 1.62 4.19
C LEU A 68 3.87 1.17 3.79
N GLU A 69 4.24 -0.04 4.23
CA GLU A 69 5.56 -0.59 3.92
C GLU A 69 5.45 -1.65 2.83
N VAL A 70 6.42 -1.65 1.91
CA VAL A 70 6.44 -2.61 0.82
C VAL A 70 7.62 -3.57 0.95
N ASN A 71 7.32 -4.84 1.21
CA ASN A 71 8.35 -5.86 1.37
C ASN A 71 9.23 -5.57 2.57
N GLY A 72 8.64 -4.94 3.59
CA GLY A 72 9.38 -4.62 4.80
C GLY A 72 9.76 -3.15 4.86
N VAL A 73 10.21 -2.60 3.74
CA VAL A 73 10.60 -1.20 3.68
C VAL A 73 9.40 -0.27 3.83
N ALA A 74 9.58 0.81 4.57
CA ALA A 74 8.51 1.78 4.79
C ALA A 74 8.48 2.83 3.68
N LEU A 75 7.31 2.98 3.06
CA LEU A 75 7.14 3.95 1.98
C LEU A 75 7.27 5.38 2.51
N GLN A 76 7.25 5.51 3.83
CA GLN A 76 7.38 6.83 4.46
C GLN A 76 8.56 7.60 3.89
N GLY A 77 8.26 8.60 3.07
CA GLY A 77 9.32 9.40 2.46
C GLY A 77 9.79 8.84 1.14
N ALA A 78 9.66 7.53 0.98
CA ALA A 78 10.08 6.87 -0.25
C ALA A 78 9.36 7.46 -1.46
N GLU A 79 10.04 7.43 -2.61
CA GLU A 79 9.45 7.96 -3.85
C GLU A 79 8.68 6.88 -4.59
N HIS A 80 8.35 7.17 -5.85
CA HIS A 80 7.60 6.23 -6.67
C HIS A 80 8.49 5.04 -7.08
N HIS A 81 9.79 5.26 -7.05
CA HIS A 81 10.74 4.22 -7.42
C HIS A 81 11.20 3.43 -6.19
N GLU A 82 11.22 4.10 -5.04
CA GLU A 82 11.63 3.47 -3.80
C GLU A 82 10.71 2.30 -3.45
N ALA A 83 9.43 2.45 -3.78
CA ALA A 83 8.45 1.41 -3.50
C ALA A 83 8.53 0.28 -4.54
N VAL A 84 8.96 0.63 -5.74
CA VAL A 84 9.10 -0.35 -6.82
C VAL A 84 10.36 -1.19 -6.65
N GLU A 85 11.47 -0.53 -6.38
CA GLU A 85 12.75 -1.22 -6.18
C GLU A 85 12.60 -2.34 -5.17
N ALA A 86 11.72 -2.15 -4.19
CA ALA A 86 11.49 -3.14 -3.15
C ALA A 86 10.74 -4.36 -3.71
N LEU A 87 9.89 -4.11 -4.70
CA LEU A 87 9.12 -5.18 -5.32
C LEU A 87 9.91 -5.87 -6.42
N ARG A 88 11.02 -5.24 -6.82
CA ARG A 88 11.88 -5.80 -7.86
C ARG A 88 12.19 -7.27 -7.60
N GLY A 89 12.98 -7.52 -6.55
CA GLY A 89 13.33 -8.89 -6.21
C GLY A 89 12.20 -9.63 -5.53
N ALA A 90 11.32 -8.88 -4.87
CA ALA A 90 10.18 -9.48 -4.18
C ALA A 90 9.11 -9.90 -5.16
N GLY A 91 9.31 -9.60 -6.44
CA GLY A 91 8.34 -9.95 -7.46
C GLY A 91 7.78 -11.35 -7.27
N THR A 92 8.64 -12.27 -6.82
CA THR A 92 8.23 -13.65 -6.61
C THR A 92 7.44 -13.79 -5.31
N ALA A 93 7.80 -12.99 -4.32
CA ALA A 93 7.12 -13.02 -3.03
C ALA A 93 7.25 -11.69 -2.30
N VAL A 94 6.22 -10.87 -2.40
CA VAL A 94 6.21 -9.55 -1.76
C VAL A 94 5.39 -9.57 -0.48
N GLN A 95 5.84 -8.83 0.53
CA GLN A 95 5.14 -8.76 1.81
C GLN A 95 4.80 -7.32 2.17
N MET A 96 3.61 -6.88 1.77
CA MET A 96 3.17 -5.52 2.06
C MET A 96 2.20 -5.49 3.24
N ARG A 97 2.21 -4.39 3.98
CA ARG A 97 1.34 -4.24 5.14
C ARG A 97 0.37 -3.09 4.94
N VAL A 98 -0.83 -3.23 5.51
CA VAL A 98 -1.86 -2.20 5.39
C VAL A 98 -2.12 -1.54 6.74
N TRP A 99 -1.88 -0.24 6.81
CA TRP A 99 -2.08 0.52 8.04
C TRP A 99 -3.26 1.48 7.90
N ARG A 100 -4.32 1.22 8.64
CA ARG A 100 -5.51 2.07 8.60
C ARG A 100 -5.27 3.39 9.32
N GLU A 101 -4.66 4.34 8.63
CA GLU A 101 -4.37 5.65 9.21
C GLU A 101 -5.35 6.70 8.70
N ARG A 102 -5.11 7.95 9.07
CA ARG A 102 -5.98 9.05 8.65
C ARG A 102 -5.41 9.75 7.42
N MET A 103 -4.69 8.99 6.60
CA MET A 103 -4.09 9.55 5.39
C MET A 103 -4.28 8.59 4.22
N VAL A 104 -3.39 7.61 4.11
CA VAL A 104 -3.45 6.63 3.03
C VAL A 104 -4.84 5.99 2.95
N GLU A 105 -5.55 6.01 4.07
CA GLU A 105 -6.89 5.43 4.12
C GLU A 105 -7.92 6.46 4.58
N PRO A 106 -8.57 7.12 3.60
CA PRO A 106 -9.58 8.14 3.87
C PRO A 106 -10.86 7.55 4.47
N GLU A 107 -11.81 8.42 4.82
CA GLU A 107 -13.07 7.99 5.39
C GLU A 107 -13.78 7.00 4.47
N ASN A 108 -13.74 7.29 3.18
CA ASN A 108 -14.39 6.44 2.18
C ASN A 108 -13.95 4.98 2.36
N ALA A 109 -12.67 4.78 2.62
CA ALA A 109 -12.13 3.45 2.81
C ALA A 109 -12.42 2.92 4.22
N VAL A 110 -12.30 3.81 5.19
CA VAL A 110 -12.55 3.45 6.59
C VAL A 110 -13.92 2.80 6.75
N THR A 111 -14.84 3.13 5.84
CA THR A 111 -16.18 2.58 5.89
C THR A 111 -16.22 1.18 5.28
N ILE A 112 -16.68 0.21 6.08
CA ILE A 112 -16.78 -1.16 5.62
C ILE A 112 -18.10 -1.42 4.92
N THR A 113 -18.20 -0.99 3.67
CA THR A 113 -19.42 -1.17 2.88
C THR A 113 -19.12 -1.84 1.55
N PRO A 114 -20.12 -2.55 1.01
CA PRO A 114 -19.99 -3.26 -0.27
C PRO A 114 -19.90 -2.30 -1.46
N LEU A 115 -19.97 -2.84 -2.66
CA LEU A 115 -19.89 -2.03 -3.88
C LEU A 115 -20.13 -2.89 -5.11
N ARG A 116 -21.11 -2.51 -5.92
CA ARG A 116 -21.44 -3.23 -7.14
C ARG A 116 -21.43 -2.31 -8.35
N GLY A 1 10.78 16.19 15.16
CA GLY A 1 10.20 17.16 16.06
C GLY A 1 8.80 16.78 16.51
N ALA A 2 8.25 17.55 17.44
CA ALA A 2 6.91 17.28 17.95
C ALA A 2 5.84 17.85 17.02
N MET A 3 5.16 16.97 16.29
CA MET A 3 4.12 17.38 15.37
C MET A 3 2.73 17.10 15.95
N GLY A 4 2.62 16.01 16.70
CA GLY A 4 1.35 15.65 17.31
C GLY A 4 0.94 14.22 16.99
N ALA A 5 0.97 13.88 15.71
CA ALA A 5 0.59 12.53 15.28
C ALA A 5 -0.77 12.14 15.83
N PRO A 6 -1.84 12.72 15.27
CA PRO A 6 -3.21 12.43 15.69
C PRO A 6 -3.66 11.03 15.32
N ALA A 7 -3.31 10.60 14.11
CA ALA A 7 -3.67 9.27 13.65
C ALA A 7 -3.10 8.19 14.55
N ARG A 8 -3.92 7.68 15.46
CA ARG A 8 -3.49 6.65 16.39
C ARG A 8 -4.61 5.64 16.63
N ILE A 9 -5.00 4.93 15.57
CA ILE A 9 -6.06 3.93 15.68
C ILE A 9 -5.51 2.52 15.49
N GLU A 10 -6.26 1.54 15.98
CA GLU A 10 -5.84 0.14 15.87
C GLU A 10 -5.42 -0.19 14.44
N GLU A 11 -4.12 -0.28 14.22
CA GLU A 11 -3.58 -0.59 12.90
C GLU A 11 -2.33 -1.46 13.00
N GLU A 12 -1.64 -1.62 11.89
CA GLU A 12 -0.43 -2.44 11.85
C GLU A 12 -0.74 -3.90 12.12
N GLU A 13 -1.59 -4.48 11.29
CA GLU A 13 -1.98 -5.88 11.44
C GLU A 13 -2.55 -6.44 10.14
N LEU A 14 -2.01 -5.96 9.01
CA LEU A 14 -2.47 -6.42 7.71
C LEU A 14 -1.30 -6.86 6.84
N THR A 15 -0.93 -8.13 6.96
CA THR A 15 0.18 -8.68 6.19
C THR A 15 -0.32 -9.40 4.95
N LEU A 16 0.20 -9.01 3.79
CA LEU A 16 -0.20 -9.61 2.52
C LEU A 16 1.03 -10.00 1.70
N THR A 17 0.93 -11.12 0.99
CA THR A 17 2.02 -11.60 0.17
C THR A 17 1.63 -11.65 -1.31
N ILE A 18 2.34 -10.90 -2.13
CA ILE A 18 2.07 -10.86 -3.56
C ILE A 18 3.15 -11.57 -4.36
N LEU A 19 2.85 -12.78 -4.81
CA LEU A 19 3.80 -13.57 -5.59
C LEU A 19 3.78 -13.16 -7.06
N ARG A 20 4.61 -13.81 -7.86
CA ARG A 20 4.68 -13.52 -9.29
C ARG A 20 3.33 -13.70 -9.95
N GLN A 21 3.18 -13.16 -11.16
CA GLN A 21 1.93 -13.25 -11.89
C GLN A 21 1.93 -14.47 -12.81
N THR A 22 2.36 -15.61 -12.28
CA THR A 22 2.41 -16.84 -13.05
C THR A 22 1.04 -17.19 -13.62
N GLY A 23 0.02 -17.12 -12.78
CA GLY A 23 -1.33 -17.42 -13.22
C GLY A 23 -2.11 -16.18 -13.63
N GLY A 24 -1.86 -15.08 -12.93
CA GLY A 24 -2.55 -13.84 -13.24
C GLY A 24 -1.87 -13.07 -14.36
N LEU A 25 -1.77 -11.75 -14.19
CA LEU A 25 -1.15 -10.90 -15.19
C LEU A 25 -0.29 -9.82 -14.53
N GLY A 26 -0.81 -9.23 -13.46
CA GLY A 26 -0.08 -8.20 -12.75
C GLY A 26 -0.99 -7.19 -12.09
N ILE A 27 -0.42 -6.04 -11.71
CA ILE A 27 -1.20 -4.98 -11.07
C ILE A 27 -0.74 -3.61 -11.53
N SER A 28 -1.20 -2.58 -10.85
CA SER A 28 -0.85 -1.20 -11.19
C SER A 28 -0.90 -0.30 -9.96
N ILE A 29 0.24 0.27 -9.60
CA ILE A 29 0.32 1.17 -8.44
C ILE A 29 0.70 2.58 -8.86
N ALA A 30 0.75 3.48 -7.89
CA ALA A 30 1.12 4.87 -8.15
C ALA A 30 1.31 5.65 -6.86
N GLY A 31 2.50 6.22 -6.69
CA GLY A 31 2.80 6.98 -5.50
C GLY A 31 4.19 7.59 -5.52
N GLY A 32 4.30 8.76 -6.16
CA GLY A 32 5.59 9.43 -6.25
C GLY A 32 5.45 10.94 -6.36
N LYS A 33 6.12 11.66 -5.47
CA LYS A 33 6.06 13.11 -5.47
C LYS A 33 7.05 13.70 -4.46
N GLY A 34 6.90 13.31 -3.20
CA GLY A 34 7.79 13.80 -2.16
C GLY A 34 7.24 15.03 -1.47
N SER A 35 5.93 15.18 -1.49
CA SER A 35 5.28 16.34 -0.87
C SER A 35 5.41 16.26 0.65
N THR A 36 5.20 17.40 1.31
CA THR A 36 5.29 17.47 2.77
C THR A 36 4.61 16.27 3.42
N PRO A 37 5.27 15.69 4.44
CA PRO A 37 4.75 14.53 5.16
C PRO A 37 3.53 14.88 6.02
N TYR A 38 2.61 13.93 6.15
CA TYR A 38 1.40 14.13 6.93
C TYR A 38 1.73 14.22 8.43
N LYS A 39 2.43 13.21 8.93
CA LYS A 39 2.81 13.17 10.33
C LYS A 39 4.32 13.16 10.49
N GLY A 40 5.02 13.77 9.53
CA GLY A 40 6.47 13.82 9.59
C GLY A 40 7.12 12.86 8.63
N ASP A 41 6.48 11.72 8.41
CA ASP A 41 6.99 10.70 7.50
C ASP A 41 5.90 9.72 7.08
N ASP A 42 5.17 10.09 6.03
CA ASP A 42 4.08 9.25 5.53
C ASP A 42 3.54 9.80 4.22
N GLU A 43 3.29 8.90 3.26
CA GLU A 43 2.76 9.30 1.96
C GLU A 43 1.57 8.42 1.57
N GLY A 44 1.65 7.14 1.89
CA GLY A 44 0.58 6.23 1.56
C GLY A 44 0.56 5.86 0.09
N ILE A 45 0.77 4.58 -0.21
CA ILE A 45 0.77 4.11 -1.59
C ILE A 45 -0.59 3.54 -1.98
N PHE A 46 -1.06 3.90 -3.17
CA PHE A 46 -2.34 3.42 -3.66
C PHE A 46 -2.19 2.68 -4.98
N ILE A 47 -3.12 1.79 -5.27
CA ILE A 47 -3.09 1.02 -6.51
C ILE A 47 -4.48 0.87 -7.11
N SER A 48 -4.57 0.11 -8.19
CA SER A 48 -5.85 -0.11 -8.87
C SER A 48 -5.72 -1.17 -9.95
N ARG A 49 -6.00 -2.42 -9.58
CA ARG A 49 -5.92 -3.53 -10.52
C ARG A 49 -6.22 -4.86 -9.83
N VAL A 50 -7.51 -5.16 -9.70
CA VAL A 50 -7.94 -6.39 -9.06
C VAL A 50 -7.81 -7.58 -10.00
N SER A 51 -7.29 -8.69 -9.49
CA SER A 51 -7.11 -9.89 -10.30
C SER A 51 -8.23 -10.90 -10.03
N GLU A 52 -8.34 -11.91 -10.89
CA GLU A 52 -9.36 -12.93 -10.75
C GLU A 52 -9.02 -13.90 -9.63
N GLU A 53 -8.78 -13.36 -8.43
CA GLU A 53 -8.44 -14.18 -7.27
C GLU A 53 -7.04 -14.76 -7.43
N GLY A 54 -6.06 -13.90 -7.68
CA GLY A 54 -4.69 -14.34 -7.84
C GLY A 54 -3.75 -13.66 -6.87
N PRO A 55 -2.57 -14.27 -6.66
CA PRO A 55 -1.56 -13.73 -5.75
C PRO A 55 -0.92 -12.45 -6.28
N ALA A 56 -1.34 -12.03 -7.47
CA ALA A 56 -0.80 -10.82 -8.08
C ALA A 56 -1.32 -9.58 -7.37
N ALA A 57 -2.52 -9.69 -6.79
CA ALA A 57 -3.13 -8.57 -6.08
C ALA A 57 -4.14 -9.06 -5.05
N ARG A 58 -5.07 -9.90 -5.50
CA ARG A 58 -6.10 -10.44 -4.62
C ARG A 58 -5.47 -11.05 -3.37
N ALA A 59 -4.20 -11.40 -3.46
CA ALA A 59 -3.49 -12.00 -2.34
C ALA A 59 -3.68 -11.18 -1.07
N GLY A 60 -3.98 -9.89 -1.24
CA GLY A 60 -4.19 -9.03 -0.10
C GLY A 60 -4.77 -7.68 -0.49
N VAL A 61 -4.14 -7.04 -1.47
CA VAL A 61 -4.60 -5.74 -1.94
C VAL A 61 -6.07 -5.78 -2.34
N ARG A 62 -6.60 -4.63 -2.74
CA ARG A 62 -8.00 -4.53 -3.15
C ARG A 62 -8.26 -3.24 -3.91
N VAL A 63 -7.76 -3.17 -5.13
CA VAL A 63 -7.94 -1.98 -5.97
C VAL A 63 -7.92 -0.71 -5.12
N GLY A 64 -6.72 -0.32 -4.70
CA GLY A 64 -6.57 0.87 -3.88
C GLY A 64 -6.29 0.56 -2.43
N ASP A 65 -5.22 -0.19 -2.18
CA ASP A 65 -4.85 -0.57 -0.82
C ASP A 65 -4.05 0.54 -0.15
N LYS A 66 -4.33 0.79 1.12
CA LYS A 66 -3.65 1.82 1.88
C LYS A 66 -2.41 1.26 2.57
N LEU A 67 -1.44 0.82 1.77
CA LEU A 67 -0.21 0.26 2.31
C LEU A 67 0.80 1.36 2.64
N LEU A 68 1.76 1.04 3.49
CA LEU A 68 2.79 2.01 3.89
C LEU A 68 4.18 1.51 3.50
N GLU A 69 4.53 0.32 3.97
CA GLU A 69 5.83 -0.26 3.67
C GLU A 69 5.71 -1.34 2.60
N VAL A 70 6.69 -1.38 1.70
CA VAL A 70 6.70 -2.36 0.62
C VAL A 70 7.89 -3.31 0.73
N ASN A 71 7.61 -4.59 0.91
CA ASN A 71 8.66 -5.60 1.03
C ASN A 71 9.60 -5.25 2.18
N GLY A 72 9.05 -4.64 3.23
CA GLY A 72 9.85 -4.27 4.38
C GLY A 72 10.44 -2.88 4.26
N VAL A 73 10.34 -2.30 3.07
CA VAL A 73 10.86 -0.96 2.82
C VAL A 73 9.79 0.10 3.04
N ALA A 74 9.95 0.89 4.09
CA ALA A 74 8.99 1.94 4.41
C ALA A 74 8.84 2.92 3.24
N LEU A 75 7.66 2.95 2.65
CA LEU A 75 7.39 3.84 1.52
C LEU A 75 6.94 5.21 2.01
N GLN A 76 6.99 5.42 3.32
CA GLN A 76 6.59 6.69 3.91
C GLN A 76 7.42 7.83 3.35
N GLY A 77 6.82 8.62 2.46
CA GLY A 77 7.51 9.74 1.86
C GLY A 77 8.23 9.35 0.58
N ALA A 78 8.62 8.08 0.47
CA ALA A 78 9.32 7.59 -0.71
C ALA A 78 8.54 7.91 -1.98
N GLU A 79 9.19 7.73 -3.12
CA GLU A 79 8.56 8.01 -4.41
C GLU A 79 8.11 6.71 -5.08
N HIS A 80 7.53 6.85 -6.28
CA HIS A 80 7.05 5.69 -7.02
C HIS A 80 8.21 4.75 -7.36
N HIS A 81 9.38 5.32 -7.65
CA HIS A 81 10.55 4.53 -7.99
C HIS A 81 11.03 3.73 -6.78
N GLU A 82 10.82 4.28 -5.59
CA GLU A 82 11.23 3.62 -4.37
C GLU A 82 10.34 2.41 -4.07
N ALA A 83 9.09 2.50 -4.50
CA ALA A 83 8.13 1.42 -4.28
C ALA A 83 8.32 0.30 -5.29
N VAL A 84 8.74 0.67 -6.50
CA VAL A 84 8.96 -0.31 -7.56
C VAL A 84 10.27 -1.07 -7.34
N GLU A 85 11.32 -0.34 -7.02
CA GLU A 85 12.63 -0.94 -6.79
C GLU A 85 12.53 -2.10 -5.81
N ALA A 86 11.55 -2.00 -4.91
CA ALA A 86 11.35 -3.05 -3.90
C ALA A 86 10.58 -4.23 -4.48
N LEU A 87 9.67 -3.93 -5.41
CA LEU A 87 8.87 -4.97 -6.04
C LEU A 87 9.66 -5.66 -7.16
N ARG A 88 10.72 -5.01 -7.61
CA ARG A 88 11.55 -5.56 -8.67
C ARG A 88 11.91 -7.01 -8.40
N GLY A 89 12.74 -7.23 -7.37
CA GLY A 89 13.14 -8.57 -7.02
C GLY A 89 12.06 -9.32 -6.26
N ALA A 90 11.19 -8.58 -5.60
CA ALA A 90 10.11 -9.18 -4.82
C ALA A 90 8.99 -9.66 -5.73
N GLY A 91 9.13 -9.40 -7.03
CA GLY A 91 8.12 -9.81 -7.99
C GLY A 91 7.63 -11.22 -7.74
N THR A 92 8.54 -12.10 -7.33
CA THR A 92 8.18 -13.49 -7.07
C THR A 92 7.48 -13.63 -5.72
N ALA A 93 7.86 -12.77 -4.77
CA ALA A 93 7.25 -12.79 -3.44
C ALA A 93 7.38 -11.44 -2.76
N VAL A 94 6.31 -10.65 -2.83
CA VAL A 94 6.30 -9.32 -2.22
C VAL A 94 5.57 -9.34 -0.88
N GLN A 95 6.09 -8.57 0.07
CA GLN A 95 5.50 -8.51 1.40
C GLN A 95 5.21 -7.06 1.80
N MET A 96 3.97 -6.64 1.57
CA MET A 96 3.56 -5.28 1.91
C MET A 96 2.60 -5.27 3.10
N ARG A 97 2.65 -4.20 3.88
CA ARG A 97 1.79 -4.07 5.06
C ARG A 97 0.82 -2.91 4.88
N VAL A 98 -0.34 -3.01 5.54
CA VAL A 98 -1.36 -1.97 5.46
C VAL A 98 -1.50 -1.25 6.79
N TRP A 99 -1.25 0.06 6.78
CA TRP A 99 -1.36 0.87 7.98
C TRP A 99 -2.69 1.60 8.04
N ARG A 100 -3.60 1.08 8.85
CA ARG A 100 -4.92 1.68 9.00
C ARG A 100 -4.86 2.97 9.81
N GLU A 101 -4.35 4.03 9.19
CA GLU A 101 -4.22 5.32 9.85
C GLU A 101 -5.20 6.34 9.26
N ARG A 102 -5.09 7.57 9.71
CA ARG A 102 -5.96 8.64 9.22
C ARG A 102 -5.28 9.43 8.11
N MET A 103 -4.43 8.75 7.35
CA MET A 103 -3.71 9.38 6.25
C MET A 103 -3.90 8.61 4.95
N VAL A 104 -3.06 7.60 4.74
CA VAL A 104 -3.14 6.77 3.55
C VAL A 104 -4.54 6.19 3.37
N GLU A 105 -5.25 6.05 4.48
CA GLU A 105 -6.60 5.51 4.44
C GLU A 105 -7.64 6.60 4.65
N PRO A 106 -8.18 7.13 3.53
CA PRO A 106 -9.18 8.19 3.56
C PRO A 106 -10.53 7.70 4.09
N GLU A 107 -11.32 8.63 4.63
CA GLU A 107 -12.63 8.29 5.17
C GLU A 107 -13.46 7.54 4.14
N ASN A 108 -13.40 8.00 2.89
CA ASN A 108 -14.16 7.38 1.81
C ASN A 108 -13.89 5.87 1.75
N ALA A 109 -12.65 5.49 2.06
CA ALA A 109 -12.26 4.09 2.05
C ALA A 109 -12.70 3.38 3.32
N VAL A 110 -12.60 4.09 4.45
CA VAL A 110 -12.99 3.52 5.73
C VAL A 110 -14.40 2.97 5.69
N THR A 111 -15.22 3.52 4.79
CA THR A 111 -16.61 3.07 4.65
C THR A 111 -16.70 1.81 3.81
N ILE A 112 -17.26 0.76 4.39
CA ILE A 112 -17.41 -0.51 3.69
C ILE A 112 -18.73 -0.57 2.92
N THR A 113 -18.76 0.08 1.76
CA THR A 113 -19.96 0.10 0.93
C THR A 113 -19.65 -0.33 -0.49
N PRO A 114 -20.66 -0.89 -1.18
CA PRO A 114 -20.52 -1.36 -2.56
C PRO A 114 -20.35 -0.20 -3.54
N LEU A 115 -20.41 -0.54 -4.83
CA LEU A 115 -20.26 0.46 -5.88
C LEU A 115 -21.51 0.54 -6.75
N ARG A 116 -22.13 -0.61 -6.98
CA ARG A 116 -23.34 -0.68 -7.79
C ARG A 116 -24.56 -0.96 -6.92
N GLY A 1 10.24 14.69 11.78
CA GLY A 1 9.15 15.51 12.26
C GLY A 1 8.48 14.92 13.49
N ALA A 2 7.93 15.79 14.34
CA ALA A 2 7.26 15.35 15.55
C ALA A 2 6.63 16.53 16.29
N MET A 3 5.33 16.70 16.12
CA MET A 3 4.61 17.79 16.77
C MET A 3 3.51 17.25 17.66
N GLY A 4 2.87 16.17 17.22
CA GLY A 4 1.79 15.58 18.00
C GLY A 4 0.47 15.61 17.26
N ALA A 5 -0.03 14.43 16.90
CA ALA A 5 -1.30 14.34 16.19
C ALA A 5 -1.96 12.99 16.44
N PRO A 6 -3.28 12.92 16.20
CA PRO A 6 -4.07 11.69 16.39
C PRO A 6 -3.72 10.62 15.37
N ALA A 7 -3.33 11.04 14.17
CA ALA A 7 -2.97 10.12 13.11
C ALA A 7 -1.88 9.14 13.58
N ARG A 8 -1.53 8.21 12.71
CA ARG A 8 -0.50 7.23 13.02
C ARG A 8 -0.93 6.35 14.20
N ILE A 9 -2.02 5.62 14.00
CA ILE A 9 -2.55 4.74 15.04
C ILE A 9 -2.72 3.31 14.53
N GLU A 10 -2.81 2.36 15.44
CA GLU A 10 -2.97 0.96 15.08
C GLU A 10 -4.44 0.58 15.01
N GLU A 11 -4.80 -0.24 14.04
CA GLU A 11 -6.18 -0.68 13.87
C GLU A 11 -6.31 -1.66 12.70
N GLU A 12 -5.77 -1.27 11.55
CA GLU A 12 -5.82 -2.11 10.36
C GLU A 12 -4.98 -3.36 10.54
N GLU A 13 -3.66 -3.20 10.43
CA GLU A 13 -2.74 -4.32 10.58
C GLU A 13 -3.20 -5.51 9.75
N LEU A 14 -2.88 -5.48 8.46
CA LEU A 14 -3.25 -6.57 7.56
C LEU A 14 -2.05 -7.03 6.74
N THR A 15 -1.54 -8.22 7.06
CA THR A 15 -0.40 -8.78 6.35
C THR A 15 -0.83 -9.44 5.05
N LEU A 16 -0.25 -8.98 3.94
CA LEU A 16 -0.56 -9.53 2.63
C LEU A 16 0.70 -9.89 1.86
N THR A 17 0.61 -10.89 0.99
CA THR A 17 1.74 -11.33 0.20
C THR A 17 1.40 -11.34 -1.29
N ILE A 18 2.19 -10.63 -2.08
CA ILE A 18 1.98 -10.55 -3.52
C ILE A 18 3.06 -11.31 -4.27
N LEU A 19 2.71 -12.49 -4.77
CA LEU A 19 3.66 -13.32 -5.52
C LEU A 19 3.71 -12.89 -6.98
N ARG A 20 4.53 -13.58 -7.77
CA ARG A 20 4.68 -13.27 -9.19
C ARG A 20 3.33 -13.35 -9.89
N GLN A 21 3.28 -12.84 -11.12
CA GLN A 21 2.07 -12.86 -11.91
C GLN A 21 1.99 -14.10 -12.79
N THR A 22 1.05 -14.11 -13.72
CA THR A 22 0.88 -15.24 -14.63
C THR A 22 0.18 -14.82 -15.91
N GLY A 23 0.64 -13.71 -16.49
CA GLY A 23 0.05 -13.23 -17.73
C GLY A 23 -1.37 -12.74 -17.53
N GLY A 24 -1.57 -11.43 -17.73
CA GLY A 24 -2.91 -10.86 -17.56
C GLY A 24 -3.16 -10.39 -16.14
N LEU A 25 -2.76 -11.19 -15.17
CA LEU A 25 -2.95 -10.84 -13.76
C LEU A 25 -1.84 -9.92 -13.27
N GLY A 26 -1.88 -8.66 -13.70
CA GLY A 26 -0.87 -7.70 -13.29
C GLY A 26 -1.44 -6.61 -12.41
N ILE A 27 -0.57 -5.69 -12.00
CA ILE A 27 -0.99 -4.58 -11.14
C ILE A 27 -0.55 -3.24 -11.72
N SER A 28 -0.86 -2.16 -11.00
CA SER A 28 -0.49 -0.82 -11.45
C SER A 28 -0.01 0.03 -10.28
N ILE A 29 0.63 -0.62 -9.31
CA ILE A 29 1.14 0.07 -8.13
C ILE A 29 1.99 1.28 -8.53
N ALA A 30 2.05 2.28 -7.65
CA ALA A 30 2.82 3.48 -7.91
C ALA A 30 3.31 4.10 -6.61
N GLY A 31 2.42 4.81 -5.93
CA GLY A 31 2.79 5.45 -4.68
C GLY A 31 4.07 6.24 -4.77
N GLY A 32 3.99 7.45 -5.34
CA GLY A 32 5.17 8.28 -5.48
C GLY A 32 4.82 9.71 -5.84
N LYS A 33 5.39 10.66 -5.11
CA LYS A 33 5.14 12.07 -5.35
C LYS A 33 6.42 12.89 -5.16
N GLY A 34 6.96 12.85 -3.95
CA GLY A 34 8.18 13.59 -3.66
C GLY A 34 7.90 14.92 -2.99
N SER A 35 6.78 15.00 -2.29
CA SER A 35 6.39 16.22 -1.59
C SER A 35 6.56 16.07 -0.09
N THR A 36 6.61 17.20 0.61
CA THR A 36 6.77 17.20 2.07
C THR A 36 5.89 16.13 2.72
N PRO A 37 6.35 15.59 3.84
CA PRO A 37 5.61 14.56 4.58
C PRO A 37 4.36 15.11 5.25
N TYR A 38 3.35 14.26 5.39
CA TYR A 38 2.09 14.66 6.01
C TYR A 38 2.27 14.92 7.50
N LYS A 39 2.90 13.98 8.19
CA LYS A 39 3.15 14.10 9.62
C LYS A 39 4.62 13.94 9.93
N GLY A 40 5.47 14.30 8.97
CA GLY A 40 6.90 14.19 9.17
C GLY A 40 7.50 13.02 8.40
N ASP A 41 6.74 11.94 8.29
CA ASP A 41 7.20 10.75 7.58
C ASP A 41 6.03 9.86 7.19
N ASP A 42 5.44 10.13 6.04
CA ASP A 42 4.31 9.36 5.56
C ASP A 42 3.98 9.71 4.10
N GLU A 43 3.73 8.69 3.29
CA GLU A 43 3.40 8.90 1.88
C GLU A 43 2.18 8.08 1.48
N GLY A 44 2.08 6.88 2.04
CA GLY A 44 0.96 6.01 1.72
C GLY A 44 0.96 5.56 0.27
N ILE A 45 1.18 4.27 0.05
CA ILE A 45 1.21 3.72 -1.30
C ILE A 45 -0.20 3.55 -1.85
N PHE A 46 -0.37 3.83 -3.14
CA PHE A 46 -1.67 3.72 -3.79
C PHE A 46 -1.56 2.87 -5.06
N ILE A 47 -2.63 2.16 -5.38
CA ILE A 47 -2.66 1.31 -6.56
C ILE A 47 -4.04 1.33 -7.22
N SER A 48 -4.19 0.59 -8.31
CA SER A 48 -5.45 0.53 -9.04
C SER A 48 -5.38 -0.51 -10.15
N ARG A 49 -5.78 -1.73 -9.83
CA ARG A 49 -5.76 -2.82 -10.82
C ARG A 49 -6.14 -4.14 -10.16
N VAL A 50 -7.44 -4.43 -10.12
CA VAL A 50 -7.93 -5.66 -9.53
C VAL A 50 -7.72 -6.85 -10.46
N SER A 51 -7.24 -7.95 -9.91
CA SER A 51 -6.98 -9.15 -10.69
C SER A 51 -8.10 -10.17 -10.50
N GLU A 52 -8.12 -11.18 -11.37
CA GLU A 52 -9.14 -12.22 -11.30
C GLU A 52 -8.84 -13.20 -10.17
N GLU A 53 -8.69 -12.67 -8.95
CA GLU A 53 -8.40 -13.49 -7.79
C GLU A 53 -7.00 -14.09 -7.89
N GLY A 54 -6.01 -13.24 -8.12
CA GLY A 54 -4.63 -13.70 -8.23
C GLY A 54 -3.73 -13.08 -7.18
N PRO A 55 -2.59 -13.74 -6.92
CA PRO A 55 -1.61 -13.26 -5.93
C PRO A 55 -0.90 -12.00 -6.39
N ALA A 56 -1.23 -11.53 -7.58
CA ALA A 56 -0.62 -10.33 -8.13
C ALA A 56 -1.16 -9.08 -7.45
N ALA A 57 -2.39 -9.16 -6.96
CA ALA A 57 -3.02 -8.04 -6.28
C ALA A 57 -4.10 -8.51 -5.30
N ARG A 58 -5.02 -9.32 -5.81
CA ARG A 58 -6.11 -9.84 -4.98
C ARG A 58 -5.55 -10.48 -3.70
N ALA A 59 -4.29 -10.86 -3.74
CA ALA A 59 -3.64 -11.48 -2.59
C ALA A 59 -3.84 -10.64 -1.33
N GLY A 60 -4.08 -9.35 -1.52
CA GLY A 60 -4.30 -8.47 -0.39
C GLY A 60 -4.81 -7.10 -0.80
N VAL A 61 -4.13 -6.47 -1.76
CA VAL A 61 -4.52 -5.16 -2.24
C VAL A 61 -5.97 -5.16 -2.71
N ARG A 62 -6.45 -4.00 -3.13
CA ARG A 62 -7.82 -3.86 -3.60
C ARG A 62 -8.03 -2.54 -4.32
N VAL A 63 -7.54 -2.47 -5.56
CA VAL A 63 -7.66 -1.26 -6.36
C VAL A 63 -7.54 -0.01 -5.50
N GLY A 64 -6.48 0.04 -4.70
CA GLY A 64 -6.26 1.18 -3.83
C GLY A 64 -5.92 0.78 -2.40
N ASP A 65 -4.97 -0.14 -2.26
CA ASP A 65 -4.56 -0.62 -0.94
C ASP A 65 -3.90 0.51 -0.15
N LYS A 66 -4.17 0.55 1.15
CA LYS A 66 -3.60 1.57 2.02
C LYS A 66 -2.47 0.98 2.88
N LEU A 67 -1.38 0.60 2.23
CA LEU A 67 -0.24 0.02 2.94
C LEU A 67 0.73 1.10 3.37
N LEU A 68 1.64 0.75 4.28
CA LEU A 68 2.64 1.70 4.77
C LEU A 68 4.05 1.20 4.49
N GLU A 69 4.32 -0.04 4.85
CA GLU A 69 5.65 -0.63 4.63
C GLU A 69 5.59 -1.65 3.48
N VAL A 70 6.57 -1.56 2.59
CA VAL A 70 6.64 -2.47 1.44
C VAL A 70 7.86 -3.38 1.54
N ASN A 71 7.62 -4.67 1.72
CA ASN A 71 8.70 -5.65 1.83
C ASN A 71 9.57 -5.36 3.04
N GLY A 72 8.96 -4.77 4.08
CA GLY A 72 9.71 -4.46 5.29
C GLY A 72 10.13 -3.00 5.33
N VAL A 73 10.63 -2.50 4.22
CA VAL A 73 11.08 -1.11 4.14
C VAL A 73 9.90 -0.15 4.15
N ALA A 74 9.77 0.59 5.25
CA ALA A 74 8.68 1.56 5.39
C ALA A 74 8.64 2.51 4.20
N LEU A 75 7.44 2.73 3.67
CA LEU A 75 7.25 3.61 2.53
C LEU A 75 7.04 5.05 2.99
N GLN A 76 7.15 5.27 4.30
CA GLN A 76 6.97 6.60 4.86
C GLN A 76 7.95 7.59 4.25
N GLY A 77 7.45 8.48 3.41
CA GLY A 77 8.30 9.47 2.78
C GLY A 77 8.85 8.99 1.45
N ALA A 78 8.97 7.68 1.30
CA ALA A 78 9.49 7.10 0.07
C ALA A 78 8.60 7.43 -1.11
N GLU A 79 9.19 7.44 -2.31
CA GLU A 79 8.44 7.76 -3.52
C GLU A 79 8.15 6.49 -4.31
N HIS A 80 7.74 6.65 -5.57
CA HIS A 80 7.42 5.52 -6.43
C HIS A 80 8.65 4.65 -6.66
N HIS A 81 9.80 5.29 -6.84
CA HIS A 81 11.05 4.57 -7.07
C HIS A 81 11.48 3.82 -5.82
N GLU A 82 11.14 4.37 -4.65
CA GLU A 82 11.49 3.74 -3.39
C GLU A 82 10.60 2.54 -3.10
N ALA A 83 9.37 2.60 -3.60
CA ALA A 83 8.40 1.52 -3.40
C ALA A 83 8.65 0.39 -4.39
N VAL A 84 9.09 0.74 -5.59
CA VAL A 84 9.36 -0.25 -6.63
C VAL A 84 10.67 -0.98 -6.37
N GLU A 85 11.66 -0.23 -5.85
CA GLU A 85 12.97 -0.81 -5.57
C GLU A 85 12.84 -2.03 -4.66
N ALA A 86 11.80 -2.04 -3.83
CA ALA A 86 11.55 -3.15 -2.92
C ALA A 86 10.79 -4.27 -3.61
N LEU A 87 9.93 -3.90 -4.54
CA LEU A 87 9.13 -4.88 -5.28
C LEU A 87 9.92 -5.50 -6.41
N ARG A 88 11.03 -4.86 -6.77
CA ARG A 88 11.89 -5.36 -7.84
C ARG A 88 12.18 -6.84 -7.66
N GLY A 89 12.98 -7.16 -6.64
CA GLY A 89 13.31 -8.55 -6.37
C GLY A 89 12.18 -9.31 -5.71
N ALA A 90 11.30 -8.58 -5.05
CA ALA A 90 10.16 -9.19 -4.36
C ALA A 90 9.06 -9.57 -5.35
N GLY A 91 9.27 -9.23 -6.62
CA GLY A 91 8.29 -9.53 -7.65
C GLY A 91 7.74 -10.93 -7.51
N THR A 92 8.58 -11.87 -7.10
CA THR A 92 8.17 -13.26 -6.94
C THR A 92 7.39 -13.45 -5.65
N ALA A 93 7.77 -12.69 -4.62
CA ALA A 93 7.11 -12.78 -3.32
C ALA A 93 7.24 -11.47 -2.56
N VAL A 94 6.20 -10.64 -2.62
CA VAL A 94 6.20 -9.36 -1.93
C VAL A 94 5.40 -9.42 -0.63
N GLN A 95 5.88 -8.73 0.40
CA GLN A 95 5.22 -8.72 1.70
C GLN A 95 4.94 -7.29 2.15
N MET A 96 3.69 -6.85 1.98
CA MET A 96 3.30 -5.50 2.38
C MET A 96 2.34 -5.54 3.55
N ARG A 97 2.38 -4.51 4.39
CA ARG A 97 1.50 -4.43 5.55
C ARG A 97 0.60 -3.20 5.47
N VAL A 98 -0.58 -3.30 6.07
CA VAL A 98 -1.54 -2.19 6.07
C VAL A 98 -1.68 -1.58 7.45
N TRP A 99 -1.36 -0.30 7.57
CA TRP A 99 -1.45 0.40 8.84
C TRP A 99 -2.43 1.56 8.75
N ARG A 100 -3.36 1.61 9.71
CA ARG A 100 -4.37 2.68 9.74
C ARG A 100 -3.77 3.98 10.26
N GLU A 101 -3.02 4.67 9.41
CA GLU A 101 -2.40 5.93 9.79
C GLU A 101 -3.39 7.08 9.70
N ARG A 102 -4.61 6.76 9.32
CA ARG A 102 -5.66 7.77 9.19
C ARG A 102 -5.41 8.67 7.99
N MET A 103 -4.33 8.40 7.27
CA MET A 103 -3.97 9.19 6.10
C MET A 103 -4.24 8.41 4.81
N VAL A 104 -3.36 7.46 4.51
CA VAL A 104 -3.50 6.64 3.31
C VAL A 104 -4.85 5.93 3.29
N GLU A 105 -5.46 5.80 4.46
CA GLU A 105 -6.76 5.14 4.57
C GLU A 105 -7.87 6.16 4.80
N PRO A 106 -8.53 6.56 3.71
CA PRO A 106 -9.63 7.54 3.76
C PRO A 106 -10.88 6.97 4.43
N GLU A 107 -11.83 7.85 4.74
CA GLU A 107 -13.08 7.44 5.38
C GLU A 107 -13.88 6.52 4.47
N ASN A 108 -13.88 6.82 3.18
CA ASN A 108 -14.62 6.03 2.20
C ASN A 108 -14.30 4.54 2.37
N ALA A 109 -13.05 4.24 2.69
CA ALA A 109 -12.62 2.86 2.88
C ALA A 109 -13.08 2.33 4.24
N VAL A 110 -13.09 3.19 5.24
CA VAL A 110 -13.51 2.81 6.58
C VAL A 110 -14.89 2.15 6.57
N THR A 111 -15.70 2.51 5.57
CA THR A 111 -17.04 1.96 5.43
C THR A 111 -17.00 0.61 4.72
N ILE A 112 -17.51 -0.42 5.39
CA ILE A 112 -17.55 -1.76 4.83
C ILE A 112 -18.86 -2.00 4.08
N THR A 113 -18.95 -1.48 2.86
CA THR A 113 -20.15 -1.65 2.05
C THR A 113 -19.80 -2.20 0.67
N PRO A 114 -20.76 -2.91 0.06
CA PRO A 114 -20.59 -3.50 -1.27
C PRO A 114 -20.52 -2.44 -2.37
N LEU A 115 -20.55 -2.90 -3.62
CA LEU A 115 -20.51 -2.00 -4.77
C LEU A 115 -21.71 -2.19 -5.67
N ARG A 116 -22.13 -3.45 -5.83
CA ARG A 116 -23.27 -3.78 -6.66
C ARG A 116 -24.53 -3.07 -6.17
N GLY A 1 9.13 18.39 7.36
CA GLY A 1 8.19 19.35 7.94
C GLY A 1 7.38 18.73 9.06
N ALA A 2 6.40 19.48 9.55
CA ALA A 2 5.55 19.01 10.64
C ALA A 2 4.43 20.01 10.93
N MET A 3 3.23 19.71 10.44
CA MET A 3 2.08 20.58 10.65
C MET A 3 1.00 19.86 11.46
N GLY A 4 0.86 18.56 11.23
CA GLY A 4 -0.14 17.79 11.95
C GLY A 4 0.01 16.30 11.71
N ALA A 5 -0.92 15.52 12.27
CA ALA A 5 -0.89 14.07 12.12
C ALA A 5 -2.30 13.52 11.94
N PRO A 6 -2.89 13.74 10.75
CA PRO A 6 -4.24 13.26 10.43
C PRO A 6 -4.29 11.75 10.28
N ALA A 7 -3.33 11.19 9.57
CA ALA A 7 -3.27 9.74 9.35
C ALA A 7 -2.88 9.02 10.63
N ARG A 8 -3.86 8.79 11.49
CA ARG A 8 -3.62 8.09 12.76
C ARG A 8 -4.88 7.39 13.25
N ILE A 9 -5.68 6.90 12.30
CA ILE A 9 -6.91 6.19 12.64
C ILE A 9 -6.62 4.85 13.29
N GLU A 10 -7.62 4.31 13.98
CA GLU A 10 -7.48 3.02 14.65
C GLU A 10 -6.81 2.00 13.74
N GLU A 11 -5.60 1.58 14.11
CA GLU A 11 -4.86 0.60 13.32
C GLU A 11 -5.67 -0.67 13.13
N GLU A 12 -5.13 -1.58 12.33
CA GLU A 12 -5.81 -2.85 12.06
C GLU A 12 -4.80 -3.96 11.76
N GLU A 13 -3.75 -3.61 11.02
CA GLU A 13 -2.71 -4.57 10.67
C GLU A 13 -3.23 -5.58 9.64
N LEU A 14 -2.80 -5.43 8.40
CA LEU A 14 -3.21 -6.33 7.32
C LEU A 14 -2.03 -6.71 6.44
N THR A 15 -1.52 -7.92 6.65
CA THR A 15 -0.38 -8.41 5.89
C THR A 15 -0.85 -9.15 4.63
N LEU A 16 -0.24 -8.83 3.50
CA LEU A 16 -0.59 -9.48 2.24
C LEU A 16 0.66 -9.96 1.50
N THR A 17 0.49 -10.97 0.66
CA THR A 17 1.60 -11.53 -0.10
C THR A 17 1.29 -11.54 -1.59
N ILE A 18 2.17 -10.91 -2.37
CA ILE A 18 1.99 -10.84 -3.81
C ILE A 18 3.09 -11.61 -4.55
N LEU A 19 2.75 -12.79 -5.03
CA LEU A 19 3.72 -13.63 -5.76
C LEU A 19 3.83 -13.20 -7.22
N ARG A 20 4.69 -13.88 -7.96
CA ARG A 20 4.88 -13.57 -9.38
C ARG A 20 3.57 -13.68 -10.14
N GLN A 21 3.52 -13.05 -11.31
CA GLN A 21 2.32 -13.07 -12.15
C GLN A 21 2.15 -14.43 -12.81
N THR A 22 0.96 -15.00 -12.70
CA THR A 22 0.65 -16.30 -13.29
C THR A 22 -0.76 -16.33 -13.86
N GLY A 23 -0.96 -15.60 -14.96
CA GLY A 23 -2.26 -15.57 -15.59
C GLY A 23 -2.83 -14.16 -15.69
N GLY A 24 -1.94 -13.18 -15.88
CA GLY A 24 -2.37 -11.80 -15.97
C GLY A 24 -1.22 -10.85 -16.26
N LEU A 25 -1.48 -9.56 -16.12
CA LEU A 25 -0.46 -8.54 -16.37
C LEU A 25 0.32 -8.23 -15.10
N GLY A 26 -0.40 -7.96 -14.02
CA GLY A 26 0.24 -7.66 -12.75
C GLY A 26 -0.38 -6.46 -12.07
N ILE A 27 0.47 -5.54 -11.61
CA ILE A 27 -0.01 -4.33 -10.93
C ILE A 27 0.61 -3.08 -11.54
N SER A 28 0.31 -1.93 -10.94
CA SER A 28 0.83 -0.66 -11.42
C SER A 28 1.21 0.24 -10.25
N ILE A 29 1.74 -0.36 -9.19
CA ILE A 29 2.14 0.39 -8.00
C ILE A 29 3.05 1.56 -8.38
N ALA A 30 3.03 2.61 -7.57
CA ALA A 30 3.86 3.78 -7.80
C ALA A 30 3.71 4.80 -6.68
N GLY A 31 4.82 5.42 -6.30
CA GLY A 31 4.78 6.42 -5.24
C GLY A 31 6.16 7.01 -4.97
N GLY A 32 6.39 8.20 -5.49
CA GLY A 32 7.67 8.87 -5.30
C GLY A 32 7.53 10.38 -5.16
N LYS A 33 8.14 10.94 -4.13
CA LYS A 33 8.08 12.37 -3.89
C LYS A 33 9.05 12.78 -2.80
N GLY A 34 8.80 12.33 -1.58
CA GLY A 34 9.67 12.66 -0.46
C GLY A 34 9.19 13.87 0.30
N SER A 35 7.89 14.17 0.21
CA SER A 35 7.31 15.30 0.89
C SER A 35 7.07 15.00 2.37
N THR A 36 6.89 16.04 3.17
CA THR A 36 6.65 15.88 4.60
C THR A 36 5.67 14.74 4.86
N PRO A 37 5.93 13.96 5.92
CA PRO A 37 5.07 12.84 6.30
C PRO A 37 3.73 13.30 6.85
N TYR A 38 2.71 12.45 6.69
CA TYR A 38 1.37 12.77 7.17
C TYR A 38 1.32 12.76 8.69
N LYS A 39 1.68 11.63 9.28
CA LYS A 39 1.69 11.48 10.73
C LYS A 39 3.11 11.39 11.27
N GLY A 40 4.04 12.03 10.58
CA GLY A 40 5.43 12.00 11.00
C GLY A 40 6.25 10.98 10.24
N ASP A 41 5.62 9.87 9.86
CA ASP A 41 6.30 8.82 9.12
C ASP A 41 5.30 7.98 8.33
N ASP A 42 4.95 8.45 7.13
CA ASP A 42 4.01 7.74 6.28
C ASP A 42 3.90 8.41 4.91
N GLU A 43 3.78 7.59 3.87
CA GLU A 43 3.67 8.12 2.51
C GLU A 43 2.50 7.47 1.78
N GLY A 44 2.28 6.19 2.05
CA GLY A 44 1.18 5.46 1.40
C GLY A 44 1.37 5.35 -0.10
N ILE A 45 1.66 4.14 -0.57
CA ILE A 45 1.87 3.90 -1.99
C ILE A 45 0.54 3.75 -2.72
N PHE A 46 0.38 4.49 -3.81
CA PHE A 46 -0.85 4.44 -4.59
C PHE A 46 -0.73 3.41 -5.72
N ILE A 47 -1.83 2.73 -6.02
CA ILE A 47 -1.84 1.72 -7.07
C ILE A 47 -3.16 1.74 -7.83
N SER A 48 -3.22 0.98 -8.91
CA SER A 48 -4.43 0.90 -9.73
C SER A 48 -4.30 -0.17 -10.81
N ARG A 49 -4.72 -1.38 -10.48
CA ARG A 49 -4.65 -2.50 -11.41
C ARG A 49 -5.04 -3.81 -10.73
N VAL A 50 -6.33 -4.12 -10.73
CA VAL A 50 -6.82 -5.34 -10.12
C VAL A 50 -6.55 -6.55 -10.99
N SER A 51 -6.12 -7.64 -10.36
CA SER A 51 -5.81 -8.87 -11.08
C SER A 51 -7.02 -9.80 -11.11
N GLU A 52 -6.93 -10.84 -11.94
CA GLU A 52 -8.01 -11.80 -12.06
C GLU A 52 -8.03 -12.75 -10.87
N GLU A 53 -8.08 -12.19 -9.67
CA GLU A 53 -8.10 -12.99 -8.45
C GLU A 53 -6.91 -13.94 -8.40
N GLY A 54 -5.72 -13.41 -8.65
CA GLY A 54 -4.52 -14.23 -8.63
C GLY A 54 -3.36 -13.55 -7.92
N PRO A 55 -2.21 -14.23 -7.89
CA PRO A 55 -1.00 -13.70 -7.24
C PRO A 55 -0.41 -12.52 -8.00
N ALA A 56 -1.02 -11.36 -7.86
CA ALA A 56 -0.54 -10.16 -8.53
C ALA A 56 -1.01 -8.90 -7.80
N ALA A 57 -2.25 -8.92 -7.31
CA ALA A 57 -2.81 -7.79 -6.60
C ALA A 57 -3.94 -8.23 -5.67
N ARG A 58 -4.91 -8.95 -6.22
CA ARG A 58 -6.04 -9.43 -5.44
C ARG A 58 -5.56 -10.18 -4.20
N ALA A 59 -4.32 -10.63 -4.22
CA ALA A 59 -3.74 -11.37 -3.10
C ALA A 59 -4.00 -10.64 -1.78
N GLY A 60 -4.18 -9.32 -1.86
CA GLY A 60 -4.43 -8.54 -0.68
C GLY A 60 -4.85 -7.12 -0.99
N VAL A 61 -4.16 -6.49 -1.95
CA VAL A 61 -4.48 -5.13 -2.36
C VAL A 61 -5.93 -5.01 -2.84
N ARG A 62 -6.31 -3.82 -3.26
CA ARG A 62 -7.67 -3.57 -3.75
C ARG A 62 -7.72 -2.31 -4.60
N VAL A 63 -6.95 -2.29 -5.68
CA VAL A 63 -6.91 -1.14 -6.57
C VAL A 63 -7.04 0.17 -5.80
N GLY A 64 -6.01 0.48 -5.01
CA GLY A 64 -6.03 1.69 -4.22
C GLY A 64 -5.64 1.46 -2.77
N ASP A 65 -4.57 0.71 -2.56
CA ASP A 65 -4.09 0.41 -1.21
C ASP A 65 -2.87 1.24 -0.87
N LYS A 66 -3.03 2.18 0.06
CA LYS A 66 -1.93 3.04 0.49
C LYS A 66 -1.08 2.34 1.53
N LEU A 67 -0.56 1.17 1.19
CA LEU A 67 0.28 0.41 2.11
C LEU A 67 1.38 1.28 2.70
N LEU A 68 2.09 0.74 3.69
CA LEU A 68 3.17 1.47 4.33
C LEU A 68 4.54 0.90 3.95
N GLU A 69 4.78 -0.34 4.37
CA GLU A 69 6.04 -1.01 4.06
C GLU A 69 5.86 -2.01 2.92
N VAL A 70 6.82 -2.02 2.00
CA VAL A 70 6.78 -2.91 0.86
C VAL A 70 7.86 -3.98 0.96
N ASN A 71 7.44 -5.24 1.05
CA ASN A 71 8.39 -6.35 1.16
C ASN A 71 9.22 -6.25 2.43
N GLY A 72 8.64 -5.63 3.45
CA GLY A 72 9.35 -5.47 4.71
C GLY A 72 9.88 -4.07 4.91
N VAL A 73 10.43 -3.49 3.85
CA VAL A 73 10.98 -2.14 3.91
C VAL A 73 9.88 -1.10 4.07
N ALA A 74 10.14 -0.08 4.88
CA ALA A 74 9.16 0.98 5.11
C ALA A 74 9.19 2.00 3.98
N LEU A 75 8.05 2.21 3.35
CA LEU A 75 7.94 3.16 2.25
C LEU A 75 7.63 4.56 2.78
N GLN A 76 7.53 4.68 4.11
CA GLN A 76 7.24 5.97 4.73
C GLN A 76 8.35 6.98 4.44
N GLY A 77 8.06 7.94 3.58
CA GLY A 77 9.04 8.95 3.23
C GLY A 77 9.87 8.57 2.01
N ALA A 78 9.93 7.27 1.73
CA ALA A 78 10.69 6.78 0.58
C ALA A 78 10.12 7.33 -0.73
N GLU A 79 10.78 7.01 -1.84
CA GLU A 79 10.34 7.47 -3.14
C GLU A 79 9.81 6.31 -3.97
N HIS A 80 9.59 6.55 -5.27
CA HIS A 80 9.07 5.53 -6.17
C HIS A 80 10.12 4.46 -6.42
N HIS A 81 11.38 4.88 -6.56
CA HIS A 81 12.47 3.96 -6.83
C HIS A 81 12.74 3.08 -5.61
N GLU A 82 12.47 3.62 -4.42
CA GLU A 82 12.68 2.89 -3.18
C GLU A 82 11.63 1.78 -3.02
N ALA A 83 10.45 2.01 -3.57
CA ALA A 83 9.37 1.03 -3.49
C ALA A 83 9.55 -0.07 -4.52
N VAL A 84 10.12 0.27 -5.66
CA VAL A 84 10.35 -0.69 -6.73
C VAL A 84 11.55 -1.58 -6.41
N GLU A 85 12.64 -0.96 -5.98
CA GLU A 85 13.86 -1.71 -5.64
C GLU A 85 13.54 -2.86 -4.68
N ALA A 86 12.49 -2.68 -3.89
CA ALA A 86 12.09 -3.71 -2.93
C ALA A 86 11.29 -4.80 -3.61
N LEU A 87 10.50 -4.42 -4.62
CA LEU A 87 9.69 -5.38 -5.35
C LEU A 87 10.50 -6.10 -6.42
N ARG A 88 11.68 -5.57 -6.70
CA ARG A 88 12.57 -6.17 -7.71
C ARG A 88 12.72 -7.67 -7.47
N GLY A 89 13.40 -8.02 -6.39
CA GLY A 89 13.62 -9.42 -6.06
C GLY A 89 12.39 -10.07 -5.46
N ALA A 90 11.55 -9.25 -4.82
CA ALA A 90 10.33 -9.76 -4.20
C ALA A 90 9.27 -10.08 -5.24
N GLY A 91 9.56 -9.75 -6.49
CA GLY A 91 8.62 -10.00 -7.57
C GLY A 91 7.99 -11.38 -7.47
N THR A 92 8.78 -12.36 -7.03
CA THR A 92 8.30 -13.73 -6.89
C THR A 92 7.44 -13.89 -5.64
N ALA A 93 7.78 -13.13 -4.60
CA ALA A 93 7.04 -13.19 -3.34
C ALA A 93 7.17 -11.88 -2.57
N VAL A 94 6.24 -10.96 -2.82
CA VAL A 94 6.24 -9.67 -2.16
C VAL A 94 5.38 -9.71 -0.89
N GLN A 95 5.86 -9.03 0.16
CA GLN A 95 5.14 -8.99 1.42
C GLN A 95 4.90 -7.54 1.86
N MET A 96 3.74 -7.01 1.50
CA MET A 96 3.38 -5.64 1.86
C MET A 96 2.39 -5.61 3.02
N ARG A 97 2.46 -4.56 3.83
CA ARG A 97 1.57 -4.42 4.98
C ARG A 97 0.72 -3.17 4.85
N VAL A 98 -0.52 -3.25 5.33
CA VAL A 98 -1.45 -2.12 5.27
C VAL A 98 -1.72 -1.56 6.66
N TRP A 99 -1.34 -0.30 6.87
CA TRP A 99 -1.55 0.36 8.15
C TRP A 99 -2.73 1.32 8.09
N ARG A 100 -3.81 0.97 8.77
CA ARG A 100 -5.01 1.80 8.79
C ARG A 100 -4.65 3.27 9.05
N GLU A 101 -4.68 4.06 7.99
CA GLU A 101 -4.36 5.49 8.11
C GLU A 101 -5.40 6.34 7.38
N ARG A 102 -5.15 7.64 7.31
CA ARG A 102 -6.06 8.57 6.65
C ARG A 102 -6.03 8.38 5.13
N MET A 103 -5.03 7.65 4.66
CA MET A 103 -4.88 7.39 3.23
C MET A 103 -5.45 6.02 2.86
N VAL A 104 -4.64 4.99 3.05
CA VAL A 104 -5.06 3.63 2.74
C VAL A 104 -6.45 3.35 3.29
N GLU A 105 -6.80 4.00 4.39
CA GLU A 105 -8.10 3.83 5.01
C GLU A 105 -8.89 5.13 5.00
N PRO A 106 -9.74 5.30 3.99
CA PRO A 106 -10.57 6.50 3.84
C PRO A 106 -11.68 6.57 4.89
N GLU A 107 -12.33 7.73 4.98
CA GLU A 107 -13.40 7.93 5.94
C GLU A 107 -14.57 7.00 5.66
N ASN A 108 -14.90 6.84 4.38
CA ASN A 108 -16.00 5.98 3.97
C ASN A 108 -15.82 4.57 4.52
N ALA A 109 -14.58 4.12 4.61
CA ALA A 109 -14.28 2.79 5.13
C ALA A 109 -14.43 2.75 6.65
N VAL A 110 -14.10 3.86 7.30
CA VAL A 110 -14.20 3.95 8.76
C VAL A 110 -15.58 3.54 9.23
N THR A 111 -16.58 3.69 8.36
CA THR A 111 -17.95 3.34 8.69
C THR A 111 -18.21 1.86 8.46
N ILE A 112 -18.62 1.16 9.52
CA ILE A 112 -18.91 -0.27 9.43
C ILE A 112 -20.36 -0.52 9.07
N THR A 113 -20.70 -0.36 7.79
CA THR A 113 -22.07 -0.56 7.33
C THR A 113 -22.11 -1.53 6.15
N PRO A 114 -23.24 -2.23 6.00
CA PRO A 114 -23.43 -3.20 4.92
C PRO A 114 -23.54 -2.53 3.55
N LEU A 115 -23.90 -3.32 2.54
CA LEU A 115 -24.04 -2.81 1.18
C LEU A 115 -25.45 -3.02 0.66
N ARG A 116 -25.87 -4.28 0.62
CA ARG A 116 -27.21 -4.62 0.14
C ARG A 116 -28.09 -5.12 1.28
N GLY A 1 11.06 16.94 14.06
CA GLY A 1 9.98 17.70 14.67
C GLY A 1 9.21 16.88 15.69
N ALA A 2 8.29 17.52 16.40
CA ALA A 2 7.48 16.85 17.40
C ALA A 2 6.36 17.76 17.91
N MET A 3 5.15 17.53 17.41
CA MET A 3 4.00 18.32 17.83
C MET A 3 2.80 17.44 18.11
N GLY A 4 3.04 16.29 18.73
CA GLY A 4 1.97 15.36 19.05
C GLY A 4 2.02 14.11 18.20
N ALA A 5 1.03 13.23 18.38
CA ALA A 5 0.96 11.99 17.64
C ALA A 5 -0.48 11.63 17.30
N PRO A 6 -1.08 12.40 16.38
CA PRO A 6 -2.47 12.19 15.94
C PRO A 6 -2.62 10.91 15.12
N ALA A 7 -3.85 10.65 14.66
CA ALA A 7 -4.13 9.48 13.87
C ALA A 7 -3.50 8.23 14.48
N ARG A 8 -3.93 7.89 15.70
CA ARG A 8 -3.41 6.73 16.41
C ARG A 8 -4.52 5.71 16.68
N ILE A 9 -4.88 4.95 15.65
CA ILE A 9 -5.93 3.94 15.78
C ILE A 9 -5.35 2.54 15.62
N GLU A 10 -6.07 1.55 16.14
CA GLU A 10 -5.64 0.16 16.05
C GLU A 10 -5.24 -0.20 14.62
N GLU A 11 -3.94 -0.26 14.38
CA GLU A 11 -3.42 -0.60 13.06
C GLU A 11 -2.24 -1.56 13.16
N GLU A 12 -1.57 -1.78 12.03
CA GLU A 12 -0.43 -2.68 11.99
C GLU A 12 -0.86 -4.12 12.24
N GLU A 13 -1.73 -4.63 11.36
CA GLU A 13 -2.22 -6.00 11.48
C GLU A 13 -2.76 -6.50 10.15
N LEU A 14 -2.12 -6.08 9.06
CA LEU A 14 -2.53 -6.49 7.72
C LEU A 14 -1.32 -6.88 6.89
N THR A 15 -0.97 -8.17 6.93
CA THR A 15 0.16 -8.67 6.18
C THR A 15 -0.29 -9.39 4.91
N LEU A 16 0.27 -9.00 3.78
CA LEU A 16 -0.07 -9.60 2.50
C LEU A 16 1.18 -9.97 1.71
N THR A 17 1.09 -11.06 0.95
CA THR A 17 2.21 -11.53 0.15
C THR A 17 1.86 -11.56 -1.34
N ILE A 18 2.59 -10.80 -2.14
CA ILE A 18 2.36 -10.75 -3.57
C ILE A 18 3.47 -11.45 -4.35
N LEU A 19 3.18 -12.65 -4.83
CA LEU A 19 4.16 -13.43 -5.59
C LEU A 19 4.16 -13.02 -7.05
N ARG A 20 5.03 -13.65 -7.84
CA ARG A 20 5.13 -13.35 -9.26
C ARG A 20 3.79 -13.53 -9.95
N GLN A 21 3.66 -12.97 -11.15
CA GLN A 21 2.42 -13.07 -11.92
C GLN A 21 2.09 -14.53 -12.23
N THR A 22 1.22 -15.12 -11.41
CA THR A 22 0.83 -16.52 -11.60
C THR A 22 -0.69 -16.65 -11.65
N GLY A 23 -1.23 -16.77 -12.85
CA GLY A 23 -2.67 -16.91 -13.01
C GLY A 23 -3.37 -15.57 -13.22
N GLY A 24 -2.97 -14.57 -12.44
CA GLY A 24 -3.57 -13.26 -12.57
C GLY A 24 -3.27 -12.60 -13.90
N LEU A 25 -3.33 -11.28 -13.94
CA LEU A 25 -3.07 -10.54 -15.16
C LEU A 25 -2.06 -9.42 -14.92
N GLY A 26 -2.19 -8.75 -13.77
CA GLY A 26 -1.29 -7.67 -13.43
C GLY A 26 -1.89 -6.69 -12.44
N ILE A 27 -1.12 -5.68 -12.06
CA ILE A 27 -1.59 -4.68 -11.11
C ILE A 27 -1.25 -3.27 -11.59
N SER A 28 -1.57 -2.28 -10.76
CA SER A 28 -1.31 -0.89 -11.10
C SER A 28 -0.85 -0.11 -9.88
N ILE A 29 0.09 -0.68 -9.12
CA ILE A 29 0.60 -0.04 -7.92
C ILE A 29 1.33 1.26 -8.26
N ALA A 30 1.14 2.27 -7.43
CA ALA A 30 1.78 3.56 -7.63
C ALA A 30 1.42 4.54 -6.51
N GLY A 31 2.44 5.14 -5.92
CA GLY A 31 2.22 6.09 -4.84
C GLY A 31 3.49 6.79 -4.41
N GLY A 32 3.51 8.11 -4.53
CA GLY A 32 4.69 8.88 -4.14
C GLY A 32 5.04 9.95 -5.16
N LYS A 33 5.71 11.00 -4.69
CA LYS A 33 6.11 12.09 -5.56
C LYS A 33 7.28 12.88 -4.96
N GLY A 34 7.23 13.07 -3.64
CA GLY A 34 8.30 13.79 -2.96
C GLY A 34 7.78 15.02 -2.23
N SER A 35 6.60 15.49 -2.62
CA SER A 35 6.00 16.67 -2.00
C SER A 35 6.08 16.57 -0.48
N THR A 36 5.93 17.71 0.18
CA THR A 36 5.98 17.76 1.64
C THR A 36 5.15 16.65 2.25
N PRO A 37 5.67 16.02 3.32
CA PRO A 37 4.98 14.93 4.02
C PRO A 37 3.76 15.42 4.79
N TYR A 38 2.82 14.52 5.02
CA TYR A 38 1.60 14.86 5.75
C TYR A 38 1.90 15.11 7.22
N LYS A 39 2.48 14.12 7.88
CA LYS A 39 2.83 14.24 9.29
C LYS A 39 4.34 14.22 9.49
N GLY A 40 5.07 14.71 8.48
CA GLY A 40 6.51 14.75 8.57
C GLY A 40 7.16 13.64 7.76
N ASP A 41 6.50 12.49 7.70
CA ASP A 41 7.03 11.35 6.97
C ASP A 41 5.92 10.34 6.65
N ASP A 42 5.22 10.56 5.55
CA ASP A 42 4.13 9.68 5.15
C ASP A 42 3.63 10.04 3.75
N GLU A 43 3.36 9.02 2.94
CA GLU A 43 2.88 9.23 1.58
C GLU A 43 1.66 8.35 1.29
N GLY A 44 1.66 7.16 1.87
CA GLY A 44 0.56 6.23 1.66
C GLY A 44 0.44 5.78 0.22
N ILE A 45 0.78 4.52 -0.04
CA ILE A 45 0.72 3.97 -1.38
C ILE A 45 -0.71 3.54 -1.73
N PHE A 46 -1.10 3.78 -2.98
CA PHE A 46 -2.44 3.41 -3.43
C PHE A 46 -2.37 2.60 -4.72
N ILE A 47 -3.37 1.76 -4.93
CA ILE A 47 -3.43 0.92 -6.13
C ILE A 47 -4.85 0.81 -6.65
N SER A 48 -5.01 0.10 -7.76
CA SER A 48 -6.32 -0.09 -8.37
C SER A 48 -6.24 -1.06 -9.55
N ARG A 49 -6.48 -2.33 -9.27
CA ARG A 49 -6.44 -3.36 -10.31
C ARG A 49 -6.64 -4.75 -9.70
N VAL A 50 -7.90 -5.15 -9.55
CA VAL A 50 -8.23 -6.45 -8.99
C VAL A 50 -7.97 -7.57 -9.99
N SER A 51 -7.36 -8.66 -9.53
CA SER A 51 -7.06 -9.78 -10.39
C SER A 51 -8.07 -10.90 -10.19
N GLU A 52 -8.06 -11.87 -11.10
CA GLU A 52 -8.98 -13.00 -11.03
C GLU A 52 -8.55 -13.99 -9.95
N GLU A 53 -8.39 -13.49 -8.72
CA GLU A 53 -7.99 -14.32 -7.60
C GLU A 53 -6.55 -14.80 -7.77
N GLY A 54 -5.65 -13.85 -7.99
CA GLY A 54 -4.24 -14.19 -8.17
C GLY A 54 -3.35 -13.55 -7.14
N PRO A 55 -2.16 -14.13 -6.93
CA PRO A 55 -1.18 -13.61 -5.96
C PRO A 55 -0.59 -12.29 -6.38
N ALA A 56 -0.99 -11.79 -7.55
CA ALA A 56 -0.49 -10.53 -8.07
C ALA A 56 -1.10 -9.35 -7.32
N ALA A 57 -2.31 -9.54 -6.81
CA ALA A 57 -2.99 -8.49 -6.07
C ALA A 57 -4.01 -9.08 -5.09
N ARG A 58 -4.88 -9.95 -5.58
CA ARG A 58 -5.88 -10.58 -4.75
C ARG A 58 -5.25 -11.21 -3.51
N ALA A 59 -3.95 -11.50 -3.60
CA ALA A 59 -3.23 -12.10 -2.48
C ALA A 59 -3.46 -11.32 -1.19
N GLY A 60 -3.81 -10.04 -1.33
CA GLY A 60 -4.06 -9.21 -0.17
C GLY A 60 -4.66 -7.86 -0.54
N VAL A 61 -3.99 -7.15 -1.45
CA VAL A 61 -4.47 -5.84 -1.89
C VAL A 61 -5.93 -5.90 -2.31
N ARG A 62 -6.63 -4.78 -2.12
CA ARG A 62 -8.04 -4.70 -2.48
C ARG A 62 -8.32 -3.47 -3.33
N VAL A 63 -7.92 -3.51 -4.59
CA VAL A 63 -8.12 -2.40 -5.50
C VAL A 63 -7.99 -1.07 -4.79
N GLY A 64 -6.87 -0.87 -4.10
CA GLY A 64 -6.64 0.37 -3.37
C GLY A 64 -6.37 0.13 -1.90
N ASP A 65 -5.31 -0.63 -1.61
CA ASP A 65 -4.94 -0.93 -0.23
C ASP A 65 -4.07 0.17 0.35
N LYS A 66 -4.33 0.54 1.59
CA LYS A 66 -3.57 1.58 2.27
C LYS A 66 -2.30 1.01 2.90
N LEU A 67 -1.31 0.72 2.06
CA LEU A 67 -0.04 0.17 2.53
C LEU A 67 0.95 1.29 2.86
N LEU A 68 1.87 1.00 3.77
CA LEU A 68 2.88 1.98 4.16
C LEU A 68 4.27 1.50 3.79
N GLU A 69 4.63 0.30 4.24
CA GLU A 69 5.94 -0.26 3.95
C GLU A 69 5.85 -1.33 2.86
N VAL A 70 6.76 -1.29 1.90
CA VAL A 70 6.77 -2.25 0.81
C VAL A 70 7.97 -3.19 0.92
N ASN A 71 7.69 -4.48 1.07
CA ASN A 71 8.74 -5.49 1.19
C ASN A 71 9.70 -5.13 2.31
N GLY A 72 9.18 -4.48 3.35
CA GLY A 72 10.02 -4.10 4.48
C GLY A 72 10.52 -2.68 4.37
N VAL A 73 10.49 -2.13 3.16
CA VAL A 73 10.95 -0.77 2.92
C VAL A 73 9.83 0.23 3.20
N ALA A 74 9.98 0.99 4.29
CA ALA A 74 8.99 1.99 4.66
C ALA A 74 8.81 3.03 3.55
N LEU A 75 7.64 3.02 2.93
CA LEU A 75 7.33 3.96 1.86
C LEU A 75 6.86 5.30 2.41
N GLN A 76 6.85 5.41 3.73
CA GLN A 76 6.44 6.65 4.39
C GLN A 76 7.24 7.84 3.88
N GLY A 77 6.61 8.65 3.04
CA GLY A 77 7.29 9.81 2.49
C GLY A 77 8.02 9.51 1.20
N ALA A 78 8.38 8.24 1.02
CA ALA A 78 9.10 7.81 -0.18
C ALA A 78 8.29 8.13 -1.44
N GLU A 79 8.92 7.92 -2.59
CA GLU A 79 8.25 8.19 -3.87
C GLU A 79 7.86 6.89 -4.56
N HIS A 80 6.99 7.00 -5.56
CA HIS A 80 6.53 5.83 -6.30
C HIS A 80 7.70 4.99 -6.77
N HIS A 81 8.80 5.64 -7.11
CA HIS A 81 10.00 4.95 -7.58
C HIS A 81 10.62 4.13 -6.45
N GLU A 82 10.51 4.64 -5.22
CA GLU A 82 11.08 3.95 -4.07
C GLU A 82 10.27 2.70 -3.74
N ALA A 83 8.98 2.71 -4.06
CA ALA A 83 8.11 1.58 -3.81
C ALA A 83 8.28 0.51 -4.88
N VAL A 84 8.59 0.93 -6.10
CA VAL A 84 8.78 0.00 -7.21
C VAL A 84 10.13 -0.69 -7.11
N GLU A 85 11.17 0.08 -6.85
CA GLU A 85 12.52 -0.46 -6.72
C GLU A 85 12.54 -1.66 -5.78
N ALA A 86 11.62 -1.67 -4.83
CA ALA A 86 11.53 -2.75 -3.85
C ALA A 86 10.80 -3.96 -4.45
N LEU A 87 9.81 -3.70 -5.29
CA LEU A 87 9.04 -4.76 -5.92
C LEU A 87 9.85 -5.43 -7.03
N ARG A 88 10.92 -4.77 -7.46
CA ARG A 88 11.77 -5.30 -8.51
C ARG A 88 12.17 -6.74 -8.22
N GLY A 89 12.99 -6.93 -7.19
CA GLY A 89 13.43 -8.27 -6.82
C GLY A 89 12.37 -9.04 -6.09
N ALA A 90 11.46 -8.33 -5.42
CA ALA A 90 10.39 -8.96 -4.68
C ALA A 90 9.29 -9.46 -5.60
N GLY A 91 9.44 -9.17 -6.89
CA GLY A 91 8.45 -9.60 -7.87
C GLY A 91 7.98 -11.02 -7.64
N THR A 92 8.90 -11.89 -7.23
CA THR A 92 8.57 -13.29 -6.97
C THR A 92 7.86 -13.44 -5.64
N ALA A 93 8.20 -12.60 -4.68
CA ALA A 93 7.58 -12.65 -3.36
C ALA A 93 7.67 -11.28 -2.66
N VAL A 94 6.58 -10.53 -2.73
CA VAL A 94 6.53 -9.20 -2.10
C VAL A 94 5.78 -9.25 -0.78
N GLN A 95 6.27 -8.48 0.19
CA GLN A 95 5.64 -8.43 1.51
C GLN A 95 5.33 -7.00 1.92
N MET A 96 4.09 -6.58 1.67
CA MET A 96 3.67 -5.22 2.01
C MET A 96 2.70 -5.24 3.18
N ARG A 97 2.73 -4.18 3.98
CA ARG A 97 1.84 -4.07 5.14
C ARG A 97 0.84 -2.94 4.95
N VAL A 98 -0.32 -3.07 5.58
CA VAL A 98 -1.37 -2.07 5.49
C VAL A 98 -1.54 -1.32 6.80
N TRP A 99 -1.32 -0.01 6.77
CA TRP A 99 -1.46 0.81 7.97
C TRP A 99 -2.78 1.57 7.97
N ARG A 100 -3.74 1.05 8.72
CA ARG A 100 -5.06 1.67 8.81
C ARG A 100 -5.01 2.92 9.68
N GLU A 101 -4.48 4.00 9.12
CA GLU A 101 -4.38 5.26 9.85
C GLU A 101 -5.39 6.27 9.32
N ARG A 102 -5.30 7.50 9.82
CA ARG A 102 -6.21 8.57 9.41
C ARG A 102 -5.58 9.41 8.29
N MET A 103 -4.74 8.77 7.48
CA MET A 103 -4.10 9.45 6.38
C MET A 103 -4.24 8.65 5.08
N VAL A 104 -3.34 7.70 4.88
CA VAL A 104 -3.37 6.87 3.68
C VAL A 104 -4.75 6.26 3.46
N GLU A 105 -5.50 6.13 4.55
CA GLU A 105 -6.85 5.55 4.48
C GLU A 105 -7.90 6.63 4.72
N PRO A 106 -8.43 7.20 3.62
CA PRO A 106 -9.45 8.24 3.70
C PRO A 106 -10.80 7.71 4.18
N GLU A 107 -11.65 8.60 4.67
CA GLU A 107 -12.97 8.22 5.17
C GLU A 107 -13.72 7.39 4.13
N ASN A 108 -13.63 7.81 2.87
CA ASN A 108 -14.30 7.11 1.78
C ASN A 108 -13.98 5.62 1.81
N ALA A 109 -12.73 5.29 2.12
CA ALA A 109 -12.31 3.90 2.18
C ALA A 109 -12.70 3.27 3.51
N VAL A 110 -12.65 4.06 4.57
CA VAL A 110 -13.00 3.58 5.91
C VAL A 110 -14.38 2.94 5.91
N THR A 111 -15.23 3.38 4.99
CA THR A 111 -16.59 2.85 4.88
C THR A 111 -16.61 1.54 4.10
N ILE A 112 -17.11 0.49 4.73
CA ILE A 112 -17.19 -0.83 4.08
C ILE A 112 -18.50 -0.97 3.31
N THR A 113 -18.55 -0.37 2.12
CA THR A 113 -19.74 -0.45 1.29
C THR A 113 -19.39 -0.93 -0.12
N PRO A 114 -20.37 -1.56 -0.79
CA PRO A 114 -20.19 -2.08 -2.15
C PRO A 114 -20.05 -0.96 -3.18
N LEU A 115 -20.08 -1.35 -4.46
CA LEU A 115 -19.96 -0.38 -5.54
C LEU A 115 -21.22 -0.38 -6.40
N ARG A 116 -21.59 -1.54 -6.92
CA ARG A 116 -22.78 -1.66 -7.75
C ARG A 116 -23.60 -2.89 -7.35
N GLY A 1 11.67 19.11 10.19
CA GLY A 1 10.84 19.17 11.39
C GLY A 1 9.37 19.00 11.08
N ALA A 2 8.72 18.08 11.79
CA ALA A 2 7.29 17.82 11.58
C ALA A 2 6.75 16.90 12.66
N MET A 3 5.91 17.45 13.53
CA MET A 3 5.31 16.67 14.61
C MET A 3 3.92 16.18 14.21
N GLY A 4 3.19 17.00 13.47
CA GLY A 4 1.85 16.63 13.05
C GLY A 4 0.94 16.31 14.21
N ALA A 5 -0.29 15.91 13.91
CA ALA A 5 -1.26 15.57 14.93
C ALA A 5 -1.42 14.05 15.06
N PRO A 6 -1.95 13.61 16.21
CA PRO A 6 -2.16 12.18 16.47
C PRO A 6 -3.27 11.58 15.61
N ALA A 7 -2.96 11.31 14.35
CA ALA A 7 -3.93 10.74 13.42
C ALA A 7 -3.47 9.39 12.91
N ARG A 8 -2.79 8.63 13.77
CA ARG A 8 -2.29 7.31 13.40
C ARG A 8 -2.30 6.37 14.61
N ILE A 9 -3.31 5.51 14.66
CA ILE A 9 -3.43 4.55 15.75
C ILE A 9 -2.65 3.28 15.46
N GLU A 10 -2.34 2.52 16.51
CA GLU A 10 -1.59 1.27 16.37
C GLU A 10 -2.46 0.19 15.74
N GLU A 11 -2.08 -0.27 14.55
CA GLU A 11 -2.83 -1.30 13.86
C GLU A 11 -1.89 -2.25 13.13
N GLU A 12 -1.51 -1.88 11.90
CA GLU A 12 -0.61 -2.70 11.10
C GLU A 12 -0.87 -4.19 11.35
N GLU A 13 -2.12 -4.61 11.18
CA GLU A 13 -2.50 -5.99 11.38
C GLU A 13 -3.03 -6.61 10.09
N LEU A 14 -2.46 -6.20 8.97
CA LEU A 14 -2.87 -6.71 7.66
C LEU A 14 -1.66 -7.15 6.84
N THR A 15 -1.28 -8.42 6.98
CA THR A 15 -0.15 -8.97 6.26
C THR A 15 -0.59 -9.68 4.99
N LEU A 16 -0.03 -9.27 3.85
CA LEU A 16 -0.38 -9.87 2.57
C LEU A 16 0.88 -10.24 1.79
N THR A 17 0.78 -11.30 1.00
CA THR A 17 1.90 -11.76 0.19
C THR A 17 1.57 -11.74 -1.29
N ILE A 18 2.32 -10.94 -2.05
CA ILE A 18 2.10 -10.83 -3.49
C ILE A 18 3.23 -11.49 -4.27
N LEU A 19 2.97 -12.69 -4.78
CA LEU A 19 3.96 -13.43 -5.55
C LEU A 19 4.00 -12.94 -6.99
N ARG A 20 4.89 -13.54 -7.79
CA ARG A 20 5.04 -13.16 -9.19
C ARG A 20 3.71 -13.31 -9.93
N GLN A 21 3.57 -12.56 -11.03
CA GLN A 21 2.35 -12.60 -11.82
C GLN A 21 2.58 -13.33 -13.13
N THR A 22 3.22 -14.49 -13.07
CA THR A 22 3.50 -15.29 -14.25
C THR A 22 2.24 -15.53 -15.07
N GLY A 23 1.12 -15.72 -14.38
CA GLY A 23 -0.14 -15.97 -15.06
C GLY A 23 -1.26 -15.10 -14.52
N GLY A 24 -1.18 -13.79 -14.80
CA GLY A 24 -2.20 -12.88 -14.34
C GLY A 24 -2.30 -11.63 -15.20
N LEU A 25 -3.29 -10.80 -14.92
CA LEU A 25 -3.49 -9.57 -15.68
C LEU A 25 -2.41 -8.55 -15.38
N GLY A 26 -2.36 -8.08 -14.14
CA GLY A 26 -1.36 -7.11 -13.73
C GLY A 26 -1.80 -6.27 -12.55
N ILE A 27 -0.99 -5.28 -12.21
CA ILE A 27 -1.30 -4.40 -11.08
C ILE A 27 -0.94 -2.96 -11.40
N SER A 28 -1.13 -2.08 -10.42
CA SER A 28 -0.83 -0.66 -10.60
C SER A 28 -0.51 0.00 -9.26
N ILE A 29 0.50 -0.52 -8.58
CA ILE A 29 0.90 0.01 -7.29
C ILE A 29 2.23 0.77 -7.40
N ALA A 30 2.25 2.00 -6.89
CA ALA A 30 3.45 2.82 -6.93
C ALA A 30 3.15 4.25 -6.51
N GLY A 31 4.04 4.83 -5.70
CA GLY A 31 3.84 6.20 -5.24
C GLY A 31 3.99 7.21 -6.36
N GLY A 32 4.91 8.15 -6.19
CA GLY A 32 5.12 9.17 -7.20
C GLY A 32 4.65 10.54 -6.75
N LYS A 33 5.29 11.07 -5.71
CA LYS A 33 4.93 12.39 -5.18
C LYS A 33 6.17 13.14 -4.71
N GLY A 34 6.64 12.80 -3.50
CA GLY A 34 7.81 13.45 -2.95
C GLY A 34 7.47 14.74 -2.23
N SER A 35 6.26 14.82 -1.69
CA SER A 35 5.82 16.00 -0.97
C SER A 35 5.96 15.81 0.54
N THR A 36 5.96 16.92 1.27
CA THR A 36 6.07 16.88 2.72
C THR A 36 5.19 15.78 3.31
N PRO A 37 5.67 15.15 4.39
CA PRO A 37 4.94 14.08 5.08
C PRO A 37 3.71 14.61 5.81
N TYR A 38 2.70 13.74 5.96
CA TYR A 38 1.46 14.12 6.63
C TYR A 38 1.70 14.28 8.14
N LYS A 39 2.20 13.23 8.77
CA LYS A 39 2.47 13.26 10.21
C LYS A 39 3.97 13.24 10.48
N GLY A 40 4.75 13.78 9.55
CA GLY A 40 6.19 13.81 9.71
C GLY A 40 6.88 12.74 8.89
N ASP A 41 6.21 11.60 8.72
CA ASP A 41 6.77 10.49 7.96
C ASP A 41 5.67 9.53 7.52
N ASP A 42 5.05 9.82 6.38
CA ASP A 42 3.98 8.99 5.85
C ASP A 42 3.54 9.49 4.48
N GLU A 43 3.30 8.56 3.56
CA GLU A 43 2.86 8.90 2.21
C GLU A 43 1.66 8.05 1.79
N GLY A 44 1.66 6.79 2.21
CA GLY A 44 0.57 5.90 1.87
C GLY A 44 0.50 5.61 0.39
N ILE A 45 0.78 4.37 0.01
CA ILE A 45 0.75 3.96 -1.39
C ILE A 45 -0.66 3.63 -1.84
N PHE A 46 -0.98 3.97 -3.08
CA PHE A 46 -2.31 3.70 -3.64
C PHE A 46 -2.23 2.75 -4.82
N ILE A 47 -3.25 1.91 -4.97
CA ILE A 47 -3.29 0.94 -6.05
C ILE A 47 -4.67 0.90 -6.70
N SER A 48 -4.77 0.20 -7.83
CA SER A 48 -6.04 0.09 -8.55
C SER A 48 -5.91 -0.90 -9.71
N ARG A 49 -6.23 -2.16 -9.43
CA ARG A 49 -6.16 -3.20 -10.45
C ARG A 49 -6.46 -4.57 -9.84
N VAL A 50 -7.74 -4.89 -9.71
CA VAL A 50 -8.16 -6.17 -9.16
C VAL A 50 -7.93 -7.31 -10.14
N SER A 51 -7.34 -8.39 -9.65
CA SER A 51 -7.05 -9.55 -10.48
C SER A 51 -8.10 -10.64 -10.29
N GLU A 52 -8.11 -11.62 -11.19
CA GLU A 52 -9.06 -12.72 -11.12
C GLU A 52 -8.68 -13.71 -10.02
N GLU A 53 -8.54 -13.19 -8.80
CA GLU A 53 -8.16 -14.03 -7.66
C GLU A 53 -6.75 -14.57 -7.81
N GLY A 54 -5.80 -13.67 -8.07
CA GLY A 54 -4.41 -14.06 -8.23
C GLY A 54 -3.51 -13.44 -7.20
N PRO A 55 -2.33 -14.05 -6.99
CA PRO A 55 -1.35 -13.57 -6.01
C PRO A 55 -0.69 -12.27 -6.45
N ALA A 56 -1.08 -11.78 -7.62
CA ALA A 56 -0.53 -10.55 -8.16
C ALA A 56 -1.06 -9.33 -7.40
N ALA A 57 -2.29 -9.46 -6.89
CA ALA A 57 -2.92 -8.38 -6.15
C ALA A 57 -3.98 -8.92 -5.19
N ARG A 58 -4.90 -9.73 -5.72
CA ARG A 58 -5.97 -10.30 -4.92
C ARG A 58 -5.40 -10.99 -3.68
N ALA A 59 -4.12 -11.35 -3.74
CA ALA A 59 -3.46 -12.02 -2.62
C ALA A 59 -3.72 -11.29 -1.31
N GLY A 60 -4.01 -9.99 -1.40
CA GLY A 60 -4.28 -9.20 -0.22
C GLY A 60 -4.93 -7.87 -0.54
N VAL A 61 -4.34 -7.13 -1.47
CA VAL A 61 -4.87 -5.84 -1.87
C VAL A 61 -6.34 -5.95 -2.29
N ARG A 62 -6.93 -4.81 -2.65
CA ARG A 62 -8.33 -4.78 -3.06
C ARG A 62 -8.66 -3.45 -3.74
N VAL A 63 -8.07 -3.24 -4.92
CA VAL A 63 -8.30 -2.01 -5.67
C VAL A 63 -8.49 -0.82 -4.74
N GLY A 64 -7.39 -0.41 -4.09
CA GLY A 64 -7.45 0.72 -3.18
C GLY A 64 -7.04 0.34 -1.76
N ASP A 65 -5.90 -0.32 -1.64
CA ASP A 65 -5.41 -0.73 -0.33
C ASP A 65 -4.53 0.35 0.30
N LYS A 66 -4.69 0.56 1.59
CA LYS A 66 -3.91 1.57 2.31
C LYS A 66 -2.67 0.94 2.94
N LEU A 67 -1.67 0.64 2.12
CA LEU A 67 -0.43 0.05 2.59
C LEU A 67 0.58 1.13 2.98
N LEU A 68 1.49 0.77 3.89
CA LEU A 68 2.51 1.71 4.34
C LEU A 68 3.90 1.26 3.91
N GLU A 69 4.29 0.06 4.33
CA GLU A 69 5.59 -0.49 3.98
C GLU A 69 5.46 -1.52 2.87
N VAL A 70 6.45 -1.54 1.97
CA VAL A 70 6.45 -2.48 0.86
C VAL A 70 7.61 -3.46 0.95
N ASN A 71 7.28 -4.73 1.15
CA ASN A 71 8.30 -5.77 1.27
C ASN A 71 9.18 -5.53 2.50
N GLY A 72 8.59 -4.92 3.53
CA GLY A 72 9.33 -4.65 4.75
C GLY A 72 9.76 -3.20 4.85
N VAL A 73 10.22 -2.64 3.75
CA VAL A 73 10.65 -1.25 3.71
C VAL A 73 9.48 -0.29 3.91
N ALA A 74 9.71 0.77 4.67
CA ALA A 74 8.66 1.76 4.94
C ALA A 74 8.56 2.75 3.79
N LEU A 75 7.39 2.80 3.16
CA LEU A 75 7.15 3.71 2.04
C LEU A 75 6.78 5.11 2.54
N GLN A 76 6.80 5.27 3.87
CA GLN A 76 6.48 6.56 4.48
C GLN A 76 7.38 7.66 3.94
N GLY A 77 6.85 8.52 3.08
CA GLY A 77 7.63 9.60 2.52
C GLY A 77 8.30 9.22 1.22
N ALA A 78 8.53 7.92 1.04
CA ALA A 78 9.17 7.43 -0.17
C ALA A 78 8.35 7.78 -1.41
N GLU A 79 8.95 7.58 -2.59
CA GLU A 79 8.28 7.89 -3.84
C GLU A 79 7.95 6.61 -4.61
N HIS A 80 7.57 6.76 -5.87
CA HIS A 80 7.23 5.62 -6.72
C HIS A 80 8.44 4.71 -6.92
N HIS A 81 9.60 5.33 -7.14
CA HIS A 81 10.83 4.57 -7.35
C HIS A 81 11.21 3.80 -6.09
N GLU A 82 10.85 4.34 -4.93
CA GLU A 82 11.16 3.70 -3.66
C GLU A 82 10.28 2.48 -3.44
N ALA A 83 9.06 2.52 -3.98
CA ALA A 83 8.12 1.42 -3.85
C ALA A 83 8.44 0.30 -4.83
N VAL A 84 8.95 0.68 -6.00
CA VAL A 84 9.29 -0.30 -7.03
C VAL A 84 10.59 -1.01 -6.71
N GLU A 85 11.60 -0.24 -6.31
CA GLU A 85 12.90 -0.80 -5.96
C GLU A 85 12.75 -1.94 -4.96
N ALA A 86 11.70 -1.89 -4.16
CA ALA A 86 11.44 -2.93 -3.16
C ALA A 86 10.75 -4.13 -3.80
N LEU A 87 9.91 -3.87 -4.79
CA LEU A 87 9.19 -4.93 -5.47
C LEU A 87 10.06 -5.59 -6.53
N ARG A 88 11.19 -4.97 -6.84
CA ARG A 88 12.11 -5.50 -7.83
C ARG A 88 12.42 -6.97 -7.55
N GLY A 89 13.15 -7.21 -6.47
CA GLY A 89 13.50 -8.57 -6.11
C GLY A 89 12.35 -9.33 -5.47
N ALA A 90 11.42 -8.58 -4.86
CA ALA A 90 10.27 -9.18 -4.21
C ALA A 90 9.22 -9.61 -5.24
N GLY A 91 9.49 -9.30 -6.51
CA GLY A 91 8.56 -9.66 -7.56
C GLY A 91 8.01 -11.06 -7.40
N THR A 92 8.85 -11.99 -6.96
CA THR A 92 8.44 -13.37 -6.76
C THR A 92 7.64 -13.53 -5.48
N ALA A 93 7.96 -12.72 -4.48
CA ALA A 93 7.27 -12.77 -3.20
C ALA A 93 7.36 -11.43 -2.47
N VAL A 94 6.30 -10.65 -2.55
CA VAL A 94 6.25 -9.34 -1.91
C VAL A 94 5.43 -9.39 -0.63
N GLN A 95 5.88 -8.67 0.39
CA GLN A 95 5.19 -8.62 1.68
C GLN A 95 4.88 -7.19 2.08
N MET A 96 3.68 -6.73 1.76
CA MET A 96 3.26 -5.38 2.09
C MET A 96 2.31 -5.38 3.29
N ARG A 97 2.34 -4.30 4.06
CA ARG A 97 1.48 -4.19 5.23
C ARG A 97 0.46 -3.06 5.06
N VAL A 98 -0.71 -3.22 5.67
CA VAL A 98 -1.76 -2.21 5.57
C VAL A 98 -1.97 -1.53 6.92
N TRP A 99 -1.77 -0.22 6.94
CA TRP A 99 -1.95 0.56 8.17
C TRP A 99 -3.22 1.39 8.10
N ARG A 100 -4.20 1.05 8.93
CA ARG A 100 -5.46 1.78 8.97
C ARG A 100 -5.32 3.09 9.74
N GLU A 101 -4.53 4.01 9.19
CA GLU A 101 -4.31 5.30 9.81
C GLU A 101 -5.32 6.33 9.31
N ARG A 102 -5.14 7.58 9.74
CA ARG A 102 -6.03 8.66 9.32
C ARG A 102 -5.42 9.46 8.18
N MET A 103 -4.57 8.81 7.39
CA MET A 103 -3.92 9.47 6.26
C MET A 103 -4.08 8.64 4.99
N VAL A 104 -3.27 7.59 4.86
CA VAL A 104 -3.32 6.72 3.69
C VAL A 104 -4.73 6.18 3.48
N GLU A 105 -5.52 6.16 4.55
CA GLU A 105 -6.89 5.65 4.48
C GLU A 105 -7.89 6.79 4.64
N PRO A 106 -8.36 7.33 3.51
CA PRO A 106 -9.33 8.43 3.50
C PRO A 106 -10.71 7.99 3.98
N GLU A 107 -11.54 8.96 4.38
CA GLU A 107 -12.88 8.66 4.85
C GLU A 107 -13.65 7.83 3.83
N ASN A 108 -13.49 8.16 2.56
CA ASN A 108 -14.17 7.44 1.49
C ASN A 108 -13.93 5.95 1.59
N ALA A 109 -12.68 5.56 1.79
CA ALA A 109 -12.31 4.15 1.93
C ALA A 109 -12.74 3.61 3.28
N VAL A 110 -12.65 4.44 4.31
CA VAL A 110 -13.03 4.04 5.66
C VAL A 110 -14.43 3.47 5.69
N THR A 111 -15.26 3.89 4.75
CA THR A 111 -16.64 3.42 4.66
C THR A 111 -16.71 2.07 3.95
N ILE A 112 -17.27 1.08 4.64
CA ILE A 112 -17.41 -0.26 4.06
C ILE A 112 -18.70 -0.39 3.27
N THR A 113 -18.69 0.14 2.05
CA THR A 113 -19.86 0.08 1.19
C THR A 113 -19.51 -0.50 -0.18
N PRO A 114 -20.51 -1.11 -0.84
CA PRO A 114 -20.33 -1.73 -2.16
C PRO A 114 -20.12 -0.68 -3.25
N LEU A 115 -20.13 -1.14 -4.50
CA LEU A 115 -19.94 -0.25 -5.64
C LEU A 115 -21.10 -0.36 -6.61
N ARG A 116 -21.65 -1.57 -6.75
CA ARG A 116 -22.76 -1.80 -7.66
C ARG A 116 -23.89 -0.81 -7.38
N GLY A 1 9.62 18.20 9.02
CA GLY A 1 9.06 19.39 9.63
C GLY A 1 7.87 19.10 10.51
N ALA A 2 6.74 18.76 9.89
CA ALA A 2 5.52 18.45 10.63
C ALA A 2 5.78 17.39 11.69
N MET A 3 5.81 17.82 12.95
CA MET A 3 6.04 16.90 14.06
C MET A 3 4.83 16.84 14.98
N GLY A 4 3.64 16.89 14.39
CA GLY A 4 2.42 16.83 15.17
C GLY A 4 1.25 16.28 14.39
N ALA A 5 0.06 16.81 14.65
CA ALA A 5 -1.14 16.36 13.96
C ALA A 5 -1.28 14.84 14.01
N PRO A 6 -1.52 14.31 15.21
CA PRO A 6 -1.66 12.87 15.43
C PRO A 6 -2.96 12.33 14.83
N ALA A 7 -2.93 12.09 13.52
CA ALA A 7 -4.11 11.57 12.82
C ALA A 7 -3.86 10.14 12.35
N ARG A 8 -3.59 9.24 13.30
CA ARG A 8 -3.34 7.85 12.97
C ARG A 8 -3.24 7.01 14.24
N ILE A 9 -3.65 5.75 14.14
CA ILE A 9 -3.60 4.84 15.29
C ILE A 9 -2.82 3.58 14.94
N GLU A 10 -2.36 2.88 15.99
CA GLU A 10 -1.59 1.65 15.80
C GLU A 10 -2.52 0.43 15.79
N GLU A 11 -2.47 -0.33 14.71
CA GLU A 11 -3.30 -1.52 14.59
C GLU A 11 -2.62 -2.58 13.72
N GLU A 12 -2.07 -2.14 12.59
CA GLU A 12 -1.40 -3.04 11.67
C GLU A 12 -2.00 -4.44 11.73
N GLU A 13 -3.27 -4.54 11.36
CA GLU A 13 -3.98 -5.82 11.37
C GLU A 13 -4.37 -6.24 9.96
N LEU A 14 -3.55 -5.85 8.98
CA LEU A 14 -3.81 -6.19 7.59
C LEU A 14 -2.52 -6.55 6.87
N THR A 15 -2.22 -7.84 6.80
CA THR A 15 -1.01 -8.31 6.13
C THR A 15 -1.35 -9.02 4.83
N LEU A 16 -0.65 -8.66 3.76
CA LEU A 16 -0.89 -9.26 2.45
C LEU A 16 0.44 -9.64 1.80
N THR A 17 0.39 -10.66 0.94
CA THR A 17 1.59 -11.12 0.24
C THR A 17 1.33 -11.28 -1.26
N ILE A 18 2.26 -10.80 -2.07
CA ILE A 18 2.13 -10.90 -3.52
C ILE A 18 3.26 -11.73 -4.12
N LEU A 19 2.93 -12.95 -4.53
CA LEU A 19 3.92 -13.85 -5.12
C LEU A 19 4.12 -13.52 -6.61
N ARG A 20 5.05 -14.24 -7.23
CA ARG A 20 5.33 -14.03 -8.65
C ARG A 20 4.08 -14.28 -9.50
N GLN A 21 4.17 -13.91 -10.77
CA GLN A 21 3.05 -14.07 -11.69
C GLN A 21 1.88 -13.18 -11.29
N THR A 22 0.96 -12.98 -12.23
CA THR A 22 -0.21 -12.14 -11.97
C THR A 22 -1.48 -12.80 -12.48
N GLY A 23 -2.59 -12.06 -12.45
CA GLY A 23 -3.86 -12.59 -12.91
C GLY A 23 -4.37 -11.88 -14.15
N GLY A 24 -4.32 -10.55 -14.12
CA GLY A 24 -4.79 -9.77 -15.25
C GLY A 24 -4.15 -8.39 -15.31
N LEU A 25 -3.40 -8.14 -16.38
CA LEU A 25 -2.73 -6.86 -16.55
C LEU A 25 -1.91 -6.49 -15.32
N GLY A 26 -1.45 -7.52 -14.60
CA GLY A 26 -0.65 -7.29 -13.41
C GLY A 26 -1.29 -6.29 -12.46
N ILE A 27 -0.56 -5.23 -12.14
CA ILE A 27 -1.06 -4.20 -11.25
C ILE A 27 -0.69 -2.81 -11.74
N SER A 28 -1.05 -1.79 -10.97
CA SER A 28 -0.75 -0.40 -11.32
C SER A 28 -0.35 0.40 -10.09
N ILE A 29 0.34 -0.25 -9.16
CA ILE A 29 0.77 0.40 -7.93
C ILE A 29 1.52 1.70 -8.24
N ALA A 30 1.42 2.66 -7.33
CA ALA A 30 2.08 3.95 -7.49
C ALA A 30 1.88 4.84 -6.28
N GLY A 31 2.98 5.30 -5.70
CA GLY A 31 2.89 6.17 -4.53
C GLY A 31 4.25 6.63 -4.06
N GLY A 32 4.43 7.95 -3.97
CA GLY A 32 5.70 8.50 -3.52
C GLY A 32 6.21 9.59 -4.44
N LYS A 33 6.96 10.53 -3.87
CA LYS A 33 7.52 11.64 -4.63
C LYS A 33 8.64 12.32 -3.87
N GLY A 34 8.47 12.45 -2.57
CA GLY A 34 9.49 13.08 -1.74
C GLY A 34 8.98 14.33 -1.06
N SER A 35 7.92 14.92 -1.60
CA SER A 35 7.34 16.13 -1.04
C SER A 35 7.16 16.00 0.48
N THR A 36 7.02 17.13 1.15
CA THR A 36 6.85 17.14 2.60
C THR A 36 5.84 16.09 3.04
N PRO A 37 6.13 15.41 4.15
CA PRO A 37 5.26 14.36 4.70
C PRO A 37 3.98 14.94 5.29
N TYR A 38 2.92 14.14 5.29
CA TYR A 38 1.63 14.56 5.83
C TYR A 38 1.69 14.72 7.34
N LYS A 39 2.07 13.64 8.02
CA LYS A 39 2.17 13.66 9.48
C LYS A 39 3.62 13.54 9.92
N GLY A 40 4.53 14.05 9.10
CA GLY A 40 5.94 14.00 9.43
C GLY A 40 6.66 12.86 8.73
N ASP A 41 5.95 11.75 8.54
CA ASP A 41 6.52 10.58 7.87
C ASP A 41 5.43 9.65 7.37
N ASP A 42 4.93 9.93 6.17
CA ASP A 42 3.88 9.12 5.56
C ASP A 42 3.62 9.55 4.12
N GLU A 43 3.38 8.57 3.25
CA GLU A 43 3.11 8.84 1.85
C GLU A 43 1.87 8.12 1.37
N GLY A 44 1.62 6.94 1.94
CA GLY A 44 0.46 6.15 1.56
C GLY A 44 0.49 5.74 0.10
N ILE A 45 0.75 4.46 -0.14
CA ILE A 45 0.80 3.93 -1.50
C ILE A 45 -0.59 3.59 -2.02
N PHE A 46 -0.92 4.12 -3.20
CA PHE A 46 -2.21 3.87 -3.81
C PHE A 46 -2.07 3.03 -5.07
N ILE A 47 -3.07 2.19 -5.33
CA ILE A 47 -3.06 1.33 -6.51
C ILE A 47 -4.41 1.33 -7.20
N SER A 48 -4.52 0.57 -8.29
CA SER A 48 -5.77 0.48 -9.04
C SER A 48 -5.65 -0.55 -10.16
N ARG A 49 -6.01 -1.79 -9.84
CA ARG A 49 -5.95 -2.88 -10.82
C ARG A 49 -6.16 -4.23 -10.14
N VAL A 50 -7.30 -4.86 -10.45
CA VAL A 50 -7.62 -6.16 -9.88
C VAL A 50 -7.21 -7.29 -10.81
N SER A 51 -6.61 -8.33 -10.23
CA SER A 51 -6.15 -9.49 -11.01
C SER A 51 -7.21 -10.58 -11.01
N GLU A 52 -7.03 -11.55 -11.90
CA GLU A 52 -7.97 -12.66 -12.01
C GLU A 52 -7.78 -13.67 -10.88
N GLU A 53 -7.82 -13.17 -9.65
CA GLU A 53 -7.64 -14.01 -8.48
C GLU A 53 -6.27 -14.68 -8.48
N GLY A 54 -5.22 -13.85 -8.60
CA GLY A 54 -3.86 -14.38 -8.60
C GLY A 54 -2.93 -13.57 -7.74
N PRO A 55 -1.71 -14.09 -7.53
CA PRO A 55 -0.69 -13.42 -6.71
C PRO A 55 -0.15 -12.16 -7.37
N ALA A 56 -0.99 -11.14 -7.44
CA ALA A 56 -0.59 -9.87 -8.04
C ALA A 56 -1.31 -8.70 -7.38
N ALA A 57 -2.58 -8.90 -7.02
CA ALA A 57 -3.38 -7.87 -6.38
C ALA A 57 -4.41 -8.48 -5.44
N ARG A 58 -5.25 -9.36 -5.98
CA ARG A 58 -6.28 -10.02 -5.18
C ARG A 58 -5.68 -10.64 -3.92
N ALA A 59 -4.38 -10.90 -3.95
CA ALA A 59 -3.69 -11.49 -2.82
C ALA A 59 -4.01 -10.74 -1.53
N GLY A 60 -4.38 -9.47 -1.66
CA GLY A 60 -4.71 -8.66 -0.50
C GLY A 60 -5.25 -7.30 -0.88
N VAL A 61 -4.58 -6.64 -1.81
CA VAL A 61 -5.00 -5.31 -2.26
C VAL A 61 -6.46 -5.32 -2.70
N ARG A 62 -6.96 -4.14 -3.06
CA ARG A 62 -8.35 -4.01 -3.50
C ARG A 62 -8.54 -2.76 -4.35
N VAL A 63 -7.96 -2.77 -5.54
CA VAL A 63 -8.07 -1.63 -6.45
C VAL A 63 -8.04 -0.31 -5.68
N GLY A 64 -7.00 -0.11 -4.88
CA GLY A 64 -6.88 1.10 -4.10
C GLY A 64 -6.77 0.84 -2.61
N ASP A 65 -5.69 0.19 -2.22
CA ASP A 65 -5.47 -0.14 -0.81
C ASP A 65 -4.67 0.96 -0.12
N LYS A 66 -4.61 0.91 1.21
CA LYS A 66 -3.89 1.90 1.99
C LYS A 66 -2.72 1.26 2.74
N LEU A 67 -1.72 0.80 1.97
CA LEU A 67 -0.55 0.17 2.56
C LEU A 67 0.48 1.21 2.98
N LEU A 68 1.38 0.83 3.87
CA LEU A 68 2.41 1.73 4.35
C LEU A 68 3.81 1.18 4.03
N GLU A 69 4.06 -0.05 4.45
CA GLU A 69 5.35 -0.68 4.20
C GLU A 69 5.24 -1.69 3.06
N VAL A 70 6.28 -1.76 2.24
CA VAL A 70 6.30 -2.69 1.11
C VAL A 70 7.45 -3.69 1.24
N ASN A 71 7.11 -4.94 1.55
CA ASN A 71 8.11 -5.98 1.71
C ASN A 71 8.98 -5.72 2.93
N GLY A 72 8.40 -5.06 3.93
CA GLY A 72 9.15 -4.76 5.14
C GLY A 72 9.56 -3.30 5.22
N VAL A 73 10.06 -2.77 4.11
CA VAL A 73 10.50 -1.38 4.05
C VAL A 73 9.31 -0.43 4.15
N ALA A 74 9.41 0.54 5.06
CA ALA A 74 8.34 1.51 5.25
C ALA A 74 8.34 2.55 4.13
N LEU A 75 7.24 2.59 3.37
CA LEU A 75 7.11 3.53 2.27
C LEU A 75 6.77 4.93 2.78
N GLN A 76 6.61 5.05 4.09
CA GLN A 76 6.29 6.32 4.71
C GLN A 76 7.30 7.39 4.31
N GLY A 77 6.88 8.29 3.42
CA GLY A 77 7.77 9.36 2.98
C GLY A 77 8.58 8.96 1.76
N ALA A 78 8.72 7.66 1.55
CA ALA A 78 9.48 7.15 0.40
C ALA A 78 8.87 7.62 -0.91
N GLU A 79 9.55 7.31 -2.01
CA GLU A 79 9.07 7.70 -3.33
C GLU A 79 8.57 6.49 -4.11
N HIS A 80 7.86 6.74 -5.20
CA HIS A 80 7.32 5.67 -6.03
C HIS A 80 8.39 4.65 -6.38
N HIS A 81 9.63 5.13 -6.51
CA HIS A 81 10.75 4.25 -6.84
C HIS A 81 11.15 3.40 -5.64
N GLU A 82 11.03 3.97 -4.45
CA GLU A 82 11.37 3.27 -3.22
C GLU A 82 10.46 2.06 -3.00
N ALA A 83 9.23 2.17 -3.50
CA ALA A 83 8.26 1.09 -3.36
C ALA A 83 8.51 0.00 -4.40
N VAL A 84 9.01 0.39 -5.55
CA VAL A 84 9.30 -0.56 -6.63
C VAL A 84 10.58 -1.33 -6.34
N GLU A 85 11.63 -0.61 -5.97
CA GLU A 85 12.91 -1.22 -5.68
C GLU A 85 12.75 -2.37 -4.69
N ALA A 86 11.75 -2.26 -3.82
CA ALA A 86 11.47 -3.30 -2.82
C ALA A 86 10.73 -4.48 -3.44
N LEU A 87 9.88 -4.18 -4.42
CA LEU A 87 9.11 -5.22 -5.09
C LEU A 87 9.96 -5.96 -6.12
N ARG A 88 11.10 -5.37 -6.47
CA ARG A 88 12.00 -5.98 -7.44
C ARG A 88 12.26 -7.44 -7.09
N GLY A 89 12.99 -7.67 -6.00
CA GLY A 89 13.30 -9.03 -5.58
C GLY A 89 12.13 -9.70 -4.89
N ALA A 90 11.28 -8.91 -4.26
CA ALA A 90 10.12 -9.44 -3.55
C ALA A 90 9.06 -9.92 -4.54
N GLY A 91 9.27 -9.62 -5.81
CA GLY A 91 8.32 -10.04 -6.84
C GLY A 91 7.86 -11.47 -6.65
N THR A 92 8.75 -12.32 -6.18
CA THR A 92 8.43 -13.73 -5.97
C THR A 92 7.60 -13.91 -4.70
N ALA A 93 7.84 -13.06 -3.72
CA ALA A 93 7.11 -13.13 -2.45
C ALA A 93 7.10 -11.77 -1.75
N VAL A 94 6.21 -10.89 -2.18
CA VAL A 94 6.11 -9.56 -1.59
C VAL A 94 5.30 -9.60 -0.30
N GLN A 95 5.68 -8.76 0.66
CA GLN A 95 4.99 -8.70 1.95
C GLN A 95 4.63 -7.27 2.30
N MET A 96 3.43 -6.86 1.93
CA MET A 96 2.96 -5.50 2.20
C MET A 96 1.96 -5.50 3.36
N ARG A 97 1.92 -4.40 4.10
CA ARG A 97 1.01 -4.28 5.23
C ARG A 97 0.11 -3.05 5.08
N VAL A 98 -1.06 -3.08 5.70
CA VAL A 98 -1.99 -1.97 5.63
C VAL A 98 -2.19 -1.33 7.01
N TRP A 99 -1.82 -0.05 7.12
CA TRP A 99 -1.96 0.67 8.37
C TRP A 99 -3.22 1.53 8.38
N ARG A 100 -4.11 1.24 9.31
CA ARG A 100 -5.37 1.99 9.43
C ARG A 100 -5.13 3.36 10.03
N GLU A 101 -4.76 4.32 9.20
CA GLU A 101 -4.51 5.68 9.66
C GLU A 101 -5.57 6.65 9.13
N ARG A 102 -5.37 7.93 9.40
CA ARG A 102 -6.31 8.96 8.96
C ARG A 102 -5.75 9.73 7.77
N MET A 103 -4.96 9.04 6.95
CA MET A 103 -4.36 9.67 5.77
C MET A 103 -4.51 8.77 4.55
N VAL A 104 -3.59 7.83 4.40
CA VAL A 104 -3.62 6.90 3.27
C VAL A 104 -4.94 6.13 3.23
N GLU A 105 -5.58 5.99 4.38
CA GLU A 105 -6.85 5.28 4.47
C GLU A 105 -8.00 6.26 4.65
N PRO A 106 -8.65 6.64 3.54
CA PRO A 106 -9.79 7.56 3.56
C PRO A 106 -11.03 6.95 4.20
N GLU A 107 -11.95 7.80 4.64
CA GLU A 107 -13.18 7.35 5.27
C GLU A 107 -13.92 6.36 4.36
N ASN A 108 -13.94 6.66 3.06
CA ASN A 108 -14.61 5.79 2.10
C ASN A 108 -14.16 4.34 2.25
N ALA A 109 -12.88 4.16 2.57
CA ALA A 109 -12.32 2.82 2.75
C ALA A 109 -12.65 2.27 4.13
N VAL A 110 -12.65 3.15 5.12
CA VAL A 110 -12.95 2.76 6.50
C VAL A 110 -14.28 2.02 6.58
N THR A 111 -15.17 2.31 5.63
CA THR A 111 -16.48 1.66 5.59
C THR A 111 -16.41 0.30 4.93
N ILE A 112 -16.81 -0.73 5.66
CA ILE A 112 -16.80 -2.10 5.15
C ILE A 112 -18.09 -2.41 4.41
N THR A 113 -18.18 -1.95 3.17
CA THR A 113 -19.37 -2.18 2.34
C THR A 113 -18.99 -2.77 0.99
N PRO A 114 -19.91 -3.53 0.39
CA PRO A 114 -19.70 -4.17 -0.90
C PRO A 114 -19.65 -3.16 -2.05
N LEU A 115 -19.61 -3.66 -3.28
CA LEU A 115 -19.56 -2.80 -4.45
C LEU A 115 -19.63 -3.62 -5.73
N ARG A 116 -20.84 -3.81 -6.25
CA ARG A 116 -21.03 -4.57 -7.47
C ARG A 116 -20.16 -4.04 -8.60
N GLY A 1 14.16 13.01 13.91
CA GLY A 1 13.41 14.18 14.36
C GLY A 1 12.13 13.80 15.06
N ALA A 2 11.60 14.72 15.87
CA ALA A 2 10.36 14.47 16.59
C ALA A 2 9.16 15.00 15.83
N MET A 3 8.96 16.31 15.87
CA MET A 3 7.84 16.94 15.17
C MET A 3 6.52 16.24 15.52
N GLY A 4 6.47 15.64 16.69
CA GLY A 4 5.27 14.94 17.13
C GLY A 4 4.93 13.76 16.24
N ALA A 5 3.75 13.20 16.42
CA ALA A 5 3.31 12.05 15.64
C ALA A 5 1.79 11.97 15.60
N PRO A 6 1.15 12.91 14.87
CA PRO A 6 -0.30 12.97 14.74
C PRO A 6 -0.85 11.82 13.88
N ALA A 7 -2.15 11.85 13.61
CA ALA A 7 -2.79 10.82 12.81
C ALA A 7 -2.33 9.43 13.24
N ARG A 8 -2.45 9.15 14.53
CA ARG A 8 -2.05 7.85 15.07
C ARG A 8 -3.25 7.13 15.69
N ILE A 9 -3.95 6.35 14.87
CA ILE A 9 -5.11 5.60 15.34
C ILE A 9 -4.78 4.12 15.49
N GLU A 10 -5.58 3.43 16.30
CA GLU A 10 -5.38 2.00 16.53
C GLU A 10 -5.24 1.25 15.22
N GLU A 11 -3.99 0.89 14.88
CA GLU A 11 -3.72 0.17 13.64
C GLU A 11 -4.24 -1.27 13.72
N GLU A 12 -4.89 -1.72 12.65
CA GLU A 12 -5.43 -3.07 12.61
C GLU A 12 -4.34 -4.08 12.24
N GLU A 13 -3.38 -3.65 11.44
CA GLU A 13 -2.28 -4.50 11.02
C GLU A 13 -2.78 -5.57 10.05
N LEU A 14 -2.45 -5.38 8.76
CA LEU A 14 -2.87 -6.33 7.74
C LEU A 14 -1.71 -6.63 6.78
N THR A 15 -1.07 -7.77 6.99
CA THR A 15 0.06 -8.18 6.14
C THR A 15 -0.41 -9.07 5.00
N LEU A 16 0.06 -8.77 3.79
CA LEU A 16 -0.31 -9.53 2.61
C LEU A 16 0.92 -9.94 1.81
N THR A 17 0.82 -11.03 1.07
CA THR A 17 1.94 -11.52 0.26
C THR A 17 1.56 -11.56 -1.22
N ILE A 18 2.28 -10.77 -2.02
CA ILE A 18 2.01 -10.72 -3.46
C ILE A 18 3.14 -11.40 -4.24
N LEU A 19 2.87 -12.61 -4.71
CA LEU A 19 3.87 -13.36 -5.48
C LEU A 19 3.89 -12.90 -6.93
N ARG A 20 4.76 -13.51 -7.73
CA ARG A 20 4.88 -13.17 -9.14
C ARG A 20 3.53 -13.30 -9.85
N GLN A 21 3.45 -12.74 -11.06
CA GLN A 21 2.22 -12.80 -11.84
C GLN A 21 2.02 -14.19 -12.44
N THR A 22 1.61 -15.13 -11.61
CA THR A 22 1.38 -16.51 -12.05
C THR A 22 -0.08 -16.90 -11.90
N GLY A 23 -0.98 -15.99 -12.27
CA GLY A 23 -2.40 -16.26 -12.17
C GLY A 23 -3.24 -15.10 -12.64
N GLY A 24 -2.80 -14.43 -13.71
CA GLY A 24 -3.53 -13.30 -14.24
C GLY A 24 -2.69 -12.44 -15.16
N LEU A 25 -2.57 -11.16 -14.82
CA LEU A 25 -1.78 -10.23 -15.62
C LEU A 25 -0.83 -9.43 -14.73
N GLY A 26 -1.35 -8.92 -13.62
CA GLY A 26 -0.53 -8.14 -12.70
C GLY A 26 -1.32 -7.03 -12.02
N ILE A 27 -0.60 -6.02 -11.54
CA ILE A 27 -1.23 -4.90 -10.87
C ILE A 27 -0.78 -3.57 -11.46
N SER A 28 -1.18 -2.48 -10.83
CA SER A 28 -0.81 -1.14 -11.30
C SER A 28 -0.85 -0.13 -10.15
N ILE A 29 0.17 -0.16 -9.30
CA ILE A 29 0.25 0.75 -8.16
C ILE A 29 0.56 2.17 -8.62
N ALA A 30 0.66 3.08 -7.66
CA ALA A 30 0.96 4.48 -7.96
C ALA A 30 1.13 5.29 -6.68
N GLY A 31 2.31 5.87 -6.50
CA GLY A 31 2.57 6.67 -5.32
C GLY A 31 3.94 7.33 -5.35
N GLY A 32 3.99 8.55 -5.87
CA GLY A 32 5.26 9.26 -5.95
C GLY A 32 5.07 10.77 -6.01
N LYS A 33 5.67 11.47 -5.05
CA LYS A 33 5.57 12.93 -5.00
C LYS A 33 6.79 13.53 -4.32
N GLY A 34 6.90 13.32 -3.01
CA GLY A 34 8.02 13.84 -2.25
C GLY A 34 7.64 15.03 -1.39
N SER A 35 6.51 15.65 -1.71
CA SER A 35 6.03 16.80 -0.96
C SER A 35 6.08 16.53 0.55
N THR A 36 6.03 17.59 1.33
CA THR A 36 6.07 17.47 2.79
C THR A 36 5.18 16.33 3.26
N PRO A 37 5.64 15.62 4.31
CA PRO A 37 4.90 14.50 4.89
C PRO A 37 3.63 14.94 5.61
N TYR A 38 2.66 14.04 5.71
CA TYR A 38 1.40 14.35 6.37
C TYR A 38 1.60 14.48 7.88
N LYS A 39 2.14 13.44 8.50
CA LYS A 39 2.38 13.44 9.93
C LYS A 39 3.87 13.40 10.23
N GLY A 40 4.68 13.95 9.32
CA GLY A 40 6.11 13.96 9.50
C GLY A 40 6.81 12.91 8.66
N ASP A 41 6.14 11.79 8.45
CA ASP A 41 6.71 10.70 7.66
C ASP A 41 5.61 9.74 7.19
N ASP A 42 5.02 10.05 6.04
CA ASP A 42 3.96 9.21 5.49
C ASP A 42 3.53 9.71 4.11
N GLU A 43 3.28 8.79 3.20
CA GLU A 43 2.88 9.14 1.84
C GLU A 43 1.65 8.33 1.41
N GLY A 44 1.61 7.07 1.83
CA GLY A 44 0.50 6.21 1.48
C GLY A 44 0.50 5.83 0.02
N ILE A 45 0.64 4.53 -0.26
CA ILE A 45 0.64 4.05 -1.64
C ILE A 45 -0.73 3.55 -2.05
N PHE A 46 -1.15 3.94 -3.25
CA PHE A 46 -2.45 3.53 -3.78
C PHE A 46 -2.30 2.77 -5.09
N ILE A 47 -3.25 1.88 -5.37
CA ILE A 47 -3.23 1.08 -6.59
C ILE A 47 -4.62 0.96 -7.20
N SER A 48 -4.72 0.23 -8.30
CA SER A 48 -5.99 0.03 -8.97
C SER A 48 -5.86 -0.99 -10.10
N ARG A 49 -6.11 -2.25 -9.79
CA ARG A 49 -6.02 -3.32 -10.77
C ARG A 49 -6.27 -4.69 -10.12
N VAL A 50 -7.53 -5.08 -10.06
CA VAL A 50 -7.90 -6.36 -9.46
C VAL A 50 -7.58 -7.52 -10.40
N SER A 51 -7.10 -8.62 -9.83
CA SER A 51 -6.74 -9.80 -10.61
C SER A 51 -7.84 -10.86 -10.52
N GLU A 52 -7.78 -11.84 -11.42
CA GLU A 52 -8.76 -12.90 -11.45
C GLU A 52 -8.51 -13.91 -10.33
N GLU A 53 -8.44 -13.41 -9.11
CA GLU A 53 -8.20 -14.27 -7.94
C GLU A 53 -6.78 -14.81 -7.96
N GLY A 54 -5.82 -13.92 -8.15
CA GLY A 54 -4.42 -14.32 -8.18
C GLY A 54 -3.59 -13.63 -7.12
N PRO A 55 -2.38 -14.15 -6.87
CA PRO A 55 -1.46 -13.59 -5.88
C PRO A 55 -0.91 -12.23 -6.29
N ALA A 56 -1.26 -11.80 -7.49
CA ALA A 56 -0.80 -10.52 -8.01
C ALA A 56 -1.38 -9.37 -7.22
N ALA A 57 -2.57 -9.58 -6.66
CA ALA A 57 -3.24 -8.54 -5.86
C ALA A 57 -4.26 -9.16 -4.92
N ARG A 58 -5.10 -10.04 -5.46
CA ARG A 58 -6.14 -10.70 -4.67
C ARG A 58 -5.53 -11.35 -3.42
N ALA A 59 -4.23 -11.63 -3.48
CA ALA A 59 -3.55 -12.25 -2.36
C ALA A 59 -3.80 -11.48 -1.06
N GLY A 60 -4.13 -10.20 -1.19
CA GLY A 60 -4.40 -9.38 -0.02
C GLY A 60 -5.10 -8.08 -0.38
N VAL A 61 -4.66 -7.45 -1.46
CA VAL A 61 -5.25 -6.19 -1.90
C VAL A 61 -6.39 -6.44 -2.90
N ARG A 62 -7.17 -5.40 -3.16
CA ARG A 62 -8.28 -5.50 -4.10
C ARG A 62 -8.06 -4.58 -5.30
N VAL A 63 -8.24 -3.28 -5.09
CA VAL A 63 -8.07 -2.30 -6.15
C VAL A 63 -7.64 -0.95 -5.58
N GLY A 64 -6.61 -0.97 -4.74
CA GLY A 64 -6.13 0.27 -4.14
C GLY A 64 -6.15 0.22 -2.62
N ASP A 65 -5.32 -0.65 -2.06
CA ASP A 65 -5.25 -0.79 -0.60
C ASP A 65 -4.32 0.27 0.00
N LYS A 66 -4.74 0.86 1.11
CA LYS A 66 -3.95 1.89 1.77
C LYS A 66 -2.76 1.26 2.51
N LEU A 67 -1.74 0.88 1.74
CA LEU A 67 -0.54 0.27 2.31
C LEU A 67 0.47 1.35 2.71
N LEU A 68 1.40 0.98 3.57
CA LEU A 68 2.44 1.90 4.04
C LEU A 68 3.81 1.43 3.61
N GLU A 69 4.20 0.23 4.06
CA GLU A 69 5.49 -0.34 3.72
C GLU A 69 5.36 -1.38 2.62
N VAL A 70 6.37 -1.46 1.76
CA VAL A 70 6.37 -2.42 0.66
C VAL A 70 7.53 -3.40 0.78
N ASN A 71 7.22 -4.67 0.99
CA ASN A 71 8.24 -5.71 1.12
C ASN A 71 9.11 -5.45 2.35
N GLY A 72 8.51 -4.84 3.38
CA GLY A 72 9.24 -4.55 4.59
C GLY A 72 9.68 -3.11 4.68
N VAL A 73 10.14 -2.55 3.57
CA VAL A 73 10.59 -1.17 3.52
C VAL A 73 9.41 -0.21 3.72
N ALA A 74 9.64 0.86 4.47
CA ALA A 74 8.61 1.85 4.73
C ALA A 74 8.53 2.86 3.59
N LEU A 75 7.38 2.93 2.93
CA LEU A 75 7.16 3.85 1.83
C LEU A 75 6.76 5.23 2.34
N GLN A 76 6.75 5.39 3.66
CA GLN A 76 6.38 6.66 4.28
C GLN A 76 7.26 7.79 3.76
N GLY A 77 6.70 8.62 2.88
CA GLY A 77 7.44 9.74 2.32
C GLY A 77 8.15 9.37 1.04
N ALA A 78 8.50 8.09 0.90
CA ALA A 78 9.19 7.62 -0.29
C ALA A 78 8.42 7.97 -1.55
N GLU A 79 9.03 7.72 -2.71
CA GLU A 79 8.40 8.01 -3.98
C GLU A 79 8.06 6.72 -4.74
N HIS A 80 7.46 6.88 -5.91
CA HIS A 80 7.09 5.73 -6.73
C HIS A 80 8.31 4.86 -7.03
N HIS A 81 9.46 5.49 -7.16
CA HIS A 81 10.70 4.76 -7.45
C HIS A 81 11.17 4.00 -6.21
N GLU A 82 10.82 4.52 -5.03
CA GLU A 82 11.22 3.89 -3.79
C GLU A 82 10.38 2.63 -3.52
N ALA A 83 9.15 2.63 -4.01
CA ALA A 83 8.26 1.50 -3.83
C ALA A 83 8.56 0.39 -4.83
N VAL A 84 8.98 0.78 -6.02
CA VAL A 84 9.31 -0.18 -7.07
C VAL A 84 10.66 -0.82 -6.82
N GLU A 85 11.61 -0.03 -6.31
CA GLU A 85 12.95 -0.53 -6.02
C GLU A 85 12.90 -1.76 -5.13
N ALA A 86 11.84 -1.85 -4.32
CA ALA A 86 11.67 -2.98 -3.41
C ALA A 86 10.88 -4.10 -4.08
N LEU A 87 9.94 -3.73 -4.94
CA LEU A 87 9.11 -4.70 -5.65
C LEU A 87 9.91 -5.39 -6.76
N ARG A 88 11.01 -4.77 -7.16
CA ARG A 88 11.86 -5.32 -8.20
C ARG A 88 12.18 -6.79 -7.93
N GLY A 89 12.97 -7.03 -6.88
CA GLY A 89 13.33 -8.38 -6.52
C GLY A 89 12.22 -9.13 -5.82
N ALA A 90 11.36 -8.38 -5.13
CA ALA A 90 10.23 -8.97 -4.41
C ALA A 90 9.13 -9.41 -5.37
N GLY A 91 9.30 -9.09 -6.65
CA GLY A 91 8.33 -9.46 -7.64
C GLY A 91 7.83 -10.88 -7.48
N THR A 92 8.73 -11.77 -7.06
CA THR A 92 8.38 -13.17 -6.86
C THR A 92 7.61 -13.36 -5.55
N ALA A 93 7.94 -12.55 -4.55
CA ALA A 93 7.27 -12.64 -3.26
C ALA A 93 7.33 -11.30 -2.53
N VAL A 94 6.31 -10.47 -2.74
CA VAL A 94 6.24 -9.16 -2.10
C VAL A 94 5.46 -9.22 -0.79
N GLN A 95 5.90 -8.45 0.19
CA GLN A 95 5.24 -8.42 1.49
C GLN A 95 4.86 -6.99 1.88
N MET A 96 3.65 -6.59 1.52
CA MET A 96 3.17 -5.25 1.83
C MET A 96 2.22 -5.27 3.03
N ARG A 97 2.21 -4.19 3.80
CA ARG A 97 1.36 -4.09 4.98
C ARG A 97 0.39 -2.92 4.83
N VAL A 98 -0.80 -3.07 5.41
CA VAL A 98 -1.82 -2.04 5.35
C VAL A 98 -2.04 -1.41 6.72
N TRP A 99 -1.77 -0.10 6.82
CA TRP A 99 -1.94 0.62 8.07
C TRP A 99 -3.11 1.58 7.99
N ARG A 100 -4.12 1.37 8.84
CA ARG A 100 -5.31 2.22 8.86
C ARG A 100 -5.02 3.52 9.61
N GLU A 101 -4.48 4.50 8.90
CA GLU A 101 -4.16 5.79 9.50
C GLU A 101 -5.19 6.85 9.10
N ARG A 102 -4.90 8.10 9.42
CA ARG A 102 -5.81 9.20 9.10
C ARG A 102 -5.35 9.93 7.84
N MET A 103 -4.65 9.21 6.96
CA MET A 103 -4.16 9.79 5.72
C MET A 103 -4.36 8.82 4.56
N VAL A 104 -3.44 7.88 4.39
CA VAL A 104 -3.52 6.90 3.32
C VAL A 104 -4.86 6.18 3.33
N GLU A 105 -5.50 6.16 4.50
CA GLU A 105 -6.79 5.50 4.65
C GLU A 105 -7.91 6.52 4.82
N PRO A 106 -8.57 6.85 3.70
CA PRO A 106 -9.67 7.83 3.69
C PRO A 106 -10.92 7.30 4.39
N GLU A 107 -11.93 8.15 4.51
CA GLU A 107 -13.19 7.76 5.16
C GLU A 107 -13.97 6.78 4.28
N ASN A 108 -14.05 7.08 2.99
CA ASN A 108 -14.77 6.23 2.05
C ASN A 108 -14.32 4.78 2.18
N ALA A 109 -13.03 4.58 2.42
CA ALA A 109 -12.47 3.24 2.56
C ALA A 109 -12.95 2.58 3.85
N VAL A 110 -13.11 3.39 4.89
CA VAL A 110 -13.57 2.89 6.18
C VAL A 110 -14.85 2.07 6.04
N THR A 111 -15.63 2.39 5.00
CA THR A 111 -16.88 1.69 4.75
C THR A 111 -16.65 0.43 3.93
N ILE A 112 -17.07 -0.71 4.48
CA ILE A 112 -16.90 -1.99 3.80
C ILE A 112 -18.12 -2.31 2.93
N THR A 113 -18.17 -1.68 1.76
CA THR A 113 -19.27 -1.89 0.83
C THR A 113 -18.76 -2.27 -0.56
N PRO A 114 -19.59 -3.01 -1.31
CA PRO A 114 -19.24 -3.44 -2.66
C PRO A 114 -19.21 -2.29 -3.66
N LEU A 115 -19.07 -2.62 -4.94
CA LEU A 115 -19.04 -1.61 -5.99
C LEU A 115 -19.70 -2.11 -7.27
N ARG A 116 -20.89 -2.69 -7.11
CA ARG A 116 -21.64 -3.22 -8.25
C ARG A 116 -22.13 -2.09 -9.15
N GLY A 1 10.75 12.14 13.77
CA GLY A 1 10.05 13.41 13.74
C GLY A 1 8.58 13.27 14.13
N ALA A 2 8.31 13.35 15.42
CA ALA A 2 6.93 13.25 15.91
C ALA A 2 6.63 14.32 16.94
N MET A 3 5.79 15.29 16.55
CA MET A 3 5.42 16.38 17.45
C MET A 3 3.91 16.58 17.46
N GLY A 4 3.17 15.47 17.36
CA GLY A 4 1.73 15.55 17.37
C GLY A 4 1.07 14.20 17.61
N ALA A 5 -0.25 14.18 17.59
CA ALA A 5 -0.99 12.94 17.81
C ALA A 5 -1.89 12.61 16.61
N PRO A 6 -1.26 12.28 15.49
CA PRO A 6 -1.97 11.94 14.25
C PRO A 6 -2.71 10.62 14.35
N ALA A 7 -3.24 10.14 13.22
CA ALA A 7 -3.97 8.88 13.19
C ALA A 7 -3.14 7.75 13.82
N ARG A 8 -3.49 7.38 15.04
CA ARG A 8 -2.78 6.32 15.75
C ARG A 8 -3.75 5.22 16.19
N ILE A 9 -4.47 4.65 15.22
CA ILE A 9 -5.43 3.59 15.51
C ILE A 9 -4.72 2.27 15.76
N GLU A 10 -5.40 1.36 16.46
CA GLU A 10 -4.83 0.06 16.77
C GLU A 10 -4.27 -0.60 15.51
N GLU A 11 -2.94 -0.71 15.46
CA GLU A 11 -2.27 -1.32 14.31
C GLU A 11 -2.86 -2.68 14.00
N GLU A 12 -3.58 -2.78 12.89
CA GLU A 12 -4.20 -4.03 12.48
C GLU A 12 -3.16 -5.11 12.24
N GLU A 13 -2.00 -4.70 11.72
CA GLU A 13 -0.91 -5.63 11.44
C GLU A 13 -1.31 -6.61 10.34
N LEU A 14 -1.08 -6.22 9.10
CA LEU A 14 -1.41 -7.07 7.95
C LEU A 14 -0.21 -7.23 7.03
N THR A 15 0.48 -8.36 7.17
CA THR A 15 1.65 -8.64 6.34
C THR A 15 1.31 -9.63 5.23
N LEU A 16 1.74 -9.31 4.01
CA LEU A 16 1.48 -10.17 2.86
C LEU A 16 2.77 -10.42 2.07
N THR A 17 2.81 -11.54 1.37
CA THR A 17 3.98 -11.90 0.57
C THR A 17 3.61 -12.06 -0.90
N ILE A 18 4.25 -11.26 -1.76
CA ILE A 18 3.98 -11.32 -3.19
C ILE A 18 5.20 -11.83 -3.95
N LEU A 19 5.14 -13.08 -4.38
CA LEU A 19 6.24 -13.69 -5.13
C LEU A 19 6.17 -13.32 -6.60
N ARG A 20 7.14 -13.80 -7.37
CA ARG A 20 7.18 -13.53 -8.81
C ARG A 20 5.91 -14.03 -9.50
N GLN A 21 5.71 -13.60 -10.74
CA GLN A 21 4.54 -14.01 -11.50
C GLN A 21 4.72 -15.38 -12.11
N THR A 22 3.73 -16.25 -11.93
CA THR A 22 3.78 -17.61 -12.45
C THR A 22 3.80 -17.60 -13.98
N GLY A 23 2.65 -17.31 -14.58
CA GLY A 23 2.56 -17.28 -16.02
C GLY A 23 1.58 -16.23 -16.52
N GLY A 24 2.06 -15.00 -16.66
CA GLY A 24 1.21 -13.92 -17.12
C GLY A 24 0.29 -13.40 -16.04
N LEU A 25 0.78 -13.41 -14.80
CA LEU A 25 -0.02 -12.93 -13.67
C LEU A 25 0.76 -11.89 -12.87
N GLY A 26 0.52 -10.62 -13.18
CA GLY A 26 1.20 -9.54 -12.47
C GLY A 26 0.24 -8.60 -11.78
N ILE A 27 0.68 -7.37 -11.54
CA ILE A 27 -0.15 -6.38 -10.88
C ILE A 27 0.16 -4.98 -11.38
N SER A 28 -0.42 -3.97 -10.72
CA SER A 28 -0.20 -2.59 -11.11
C SER A 28 -0.26 -1.67 -9.88
N ILE A 29 0.87 -1.03 -9.59
CA ILE A 29 0.95 -0.12 -8.45
C ILE A 29 1.38 1.28 -8.88
N ALA A 30 1.42 2.20 -7.92
CA ALA A 30 1.81 3.57 -8.21
C ALA A 30 2.70 4.12 -7.10
N GLY A 31 4.01 3.92 -7.24
CA GLY A 31 4.94 4.40 -6.25
C GLY A 31 5.72 5.63 -6.72
N GLY A 32 5.12 6.80 -6.55
CA GLY A 32 5.77 8.03 -6.98
C GLY A 32 4.79 9.04 -7.54
N LYS A 33 3.97 9.61 -6.68
CA LYS A 33 2.97 10.60 -7.10
C LYS A 33 3.44 12.02 -6.77
N GLY A 34 3.60 12.29 -5.48
CA GLY A 34 4.04 13.60 -5.05
C GLY A 34 2.89 14.47 -4.57
N SER A 35 2.34 14.14 -3.41
CA SER A 35 1.23 14.89 -2.85
C SER A 35 1.54 15.34 -1.43
N THR A 36 0.88 16.42 -1.00
CA THR A 36 1.08 16.95 0.35
C THR A 36 1.03 15.85 1.39
N PRO A 37 1.81 16.00 2.46
CA PRO A 37 1.88 15.02 3.55
C PRO A 37 0.59 15.01 4.39
N TYR A 38 0.01 13.82 4.54
CA TYR A 38 -1.22 13.67 5.31
C TYR A 38 -0.96 13.92 6.79
N LYS A 39 -0.06 13.15 7.37
CA LYS A 39 0.28 13.28 8.79
C LYS A 39 1.76 13.64 8.95
N GLY A 40 2.32 14.34 7.98
CA GLY A 40 3.71 14.73 8.04
C GLY A 40 4.62 13.74 7.33
N ASP A 41 4.21 12.48 7.30
CA ASP A 41 5.00 11.44 6.64
C ASP A 41 4.12 10.25 6.28
N ASP A 42 3.49 10.31 5.11
CA ASP A 42 2.62 9.23 4.66
C ASP A 42 2.16 9.48 3.22
N GLU A 43 2.08 8.41 2.44
CA GLU A 43 1.66 8.52 1.05
C GLU A 43 0.59 7.49 0.73
N GLY A 44 0.73 6.30 1.30
CA GLY A 44 -0.24 5.24 1.07
C GLY A 44 -0.29 4.83 -0.39
N ILE A 45 0.20 3.62 -0.69
CA ILE A 45 0.20 3.11 -2.05
C ILE A 45 -1.12 2.43 -2.38
N PHE A 46 -1.57 2.59 -3.62
CA PHE A 46 -2.83 2.00 -4.07
C PHE A 46 -2.63 1.26 -5.39
N ILE A 47 -3.00 -0.02 -5.41
CA ILE A 47 -2.88 -0.83 -6.61
C ILE A 47 -4.25 -1.16 -7.21
N SER A 48 -4.24 -1.94 -8.28
CA SER A 48 -5.48 -2.32 -8.94
C SER A 48 -5.23 -3.37 -10.02
N ARG A 49 -5.34 -4.64 -9.64
CA ARG A 49 -5.12 -5.74 -10.58
C ARG A 49 -5.21 -7.08 -9.86
N VAL A 50 -6.44 -7.58 -9.71
CA VAL A 50 -6.66 -8.86 -9.04
C VAL A 50 -6.26 -10.02 -9.94
N SER A 51 -5.57 -11.00 -9.36
CA SER A 51 -5.13 -12.17 -10.11
C SER A 51 -6.06 -13.36 -9.87
N GLU A 52 -5.91 -14.39 -10.69
CA GLU A 52 -6.73 -15.58 -10.56
C GLU A 52 -6.26 -16.45 -9.39
N GLU A 53 -6.21 -15.84 -8.20
CA GLU A 53 -5.77 -16.55 -7.01
C GLU A 53 -4.28 -16.89 -7.08
N GLY A 54 -3.46 -15.87 -7.33
CA GLY A 54 -2.03 -16.09 -7.41
C GLY A 54 -1.25 -15.23 -6.44
N PRO A 55 0.01 -15.61 -6.18
CA PRO A 55 0.88 -14.87 -5.26
C PRO A 55 1.30 -13.52 -5.81
N ALA A 56 0.87 -13.22 -7.04
CA ALA A 56 1.20 -11.95 -7.67
C ALA A 56 0.43 -10.80 -7.04
N ALA A 57 -0.75 -11.11 -6.51
CA ALA A 57 -1.59 -10.10 -5.87
C ALA A 57 -2.50 -10.72 -4.83
N ARG A 58 -3.27 -11.74 -5.24
CA ARG A 58 -4.18 -12.43 -4.34
C ARG A 58 -3.47 -12.87 -3.07
N ALA A 59 -2.14 -12.97 -3.15
CA ALA A 59 -1.35 -13.38 -2.00
C ALA A 59 -1.73 -12.62 -0.74
N GLY A 60 -2.26 -11.41 -0.93
CA GLY A 60 -2.67 -10.59 0.19
C GLY A 60 -3.42 -9.36 -0.24
N VAL A 61 -2.91 -8.69 -1.27
CA VAL A 61 -3.55 -7.47 -1.78
C VAL A 61 -5.00 -7.72 -2.15
N ARG A 62 -5.67 -6.68 -2.63
CA ARG A 62 -7.07 -6.78 -3.02
C ARG A 62 -7.49 -5.60 -3.88
N VAL A 63 -6.97 -5.56 -5.11
CA VAL A 63 -7.29 -4.48 -6.04
C VAL A 63 -7.44 -3.15 -5.30
N GLY A 64 -6.32 -2.63 -4.80
CA GLY A 64 -6.36 -1.37 -4.08
C GLY A 64 -6.21 -1.55 -2.59
N ASP A 65 -5.03 -1.99 -2.16
CA ASP A 65 -4.77 -2.21 -0.74
C ASP A 65 -4.05 -1.01 -0.13
N LYS A 66 -4.51 -0.58 1.04
CA LYS A 66 -3.91 0.55 1.73
C LYS A 66 -2.59 0.16 2.39
N LEU A 67 -1.60 -0.18 1.57
CA LEU A 67 -0.29 -0.57 2.08
C LEU A 67 0.55 0.65 2.42
N LEU A 68 1.51 0.48 3.33
CA LEU A 68 2.39 1.57 3.75
C LEU A 68 3.82 1.29 3.30
N GLU A 69 4.40 0.22 3.81
CA GLU A 69 5.76 -0.16 3.47
C GLU A 69 5.79 -1.26 2.42
N VAL A 70 6.76 -1.19 1.51
CA VAL A 70 6.89 -2.18 0.46
C VAL A 70 8.20 -2.95 0.59
N ASN A 71 8.09 -4.24 0.88
CA ASN A 71 9.27 -5.10 1.05
C ASN A 71 10.11 -4.65 2.23
N GLY A 72 9.45 -4.08 3.24
CA GLY A 72 10.15 -3.61 4.42
C GLY A 72 10.30 -2.11 4.45
N VAL A 73 10.67 -1.53 3.30
CA VAL A 73 10.85 -0.09 3.20
C VAL A 73 9.53 0.65 3.34
N ALA A 74 9.55 1.76 4.07
CA ALA A 74 8.35 2.56 4.28
C ALA A 74 8.14 3.55 3.14
N LEU A 75 7.01 3.43 2.46
CA LEU A 75 6.69 4.32 1.35
C LEU A 75 6.20 5.68 1.85
N GLN A 76 5.98 5.77 3.15
CA GLN A 76 5.51 7.01 3.76
C GLN A 76 6.43 8.17 3.40
N GLY A 77 5.98 9.02 2.50
CA GLY A 77 6.78 10.16 2.08
C GLY A 77 7.76 9.82 0.99
N ALA A 78 7.93 8.52 0.74
CA ALA A 78 8.86 8.06 -0.30
C ALA A 78 8.23 8.17 -1.69
N GLU A 79 9.02 8.63 -2.65
CA GLU A 79 8.54 8.80 -4.02
C GLU A 79 9.68 8.57 -5.02
N HIS A 80 9.57 9.23 -6.17
CA HIS A 80 10.58 9.11 -7.21
C HIS A 80 10.86 7.64 -7.53
N HIS A 81 9.84 6.80 -7.37
CA HIS A 81 9.97 5.37 -7.64
C HIS A 81 10.58 4.65 -6.45
N GLU A 82 10.43 5.23 -5.27
CA GLU A 82 10.97 4.64 -4.04
C GLU A 82 10.19 3.38 -3.65
N ALA A 83 8.90 3.37 -3.98
CA ALA A 83 8.04 2.25 -3.66
C ALA A 83 8.21 1.13 -4.68
N VAL A 84 8.45 1.51 -5.93
CA VAL A 84 8.63 0.53 -7.00
C VAL A 84 10.04 -0.06 -6.98
N GLU A 85 11.03 0.81 -6.82
CA GLU A 85 12.42 0.37 -6.79
C GLU A 85 12.60 -0.77 -5.78
N ALA A 86 11.77 -0.78 -4.75
CA ALA A 86 11.84 -1.80 -3.72
C ALA A 86 11.33 -3.15 -4.25
N LEU A 87 10.33 -3.08 -5.12
CA LEU A 87 9.74 -4.29 -5.69
C LEU A 87 10.65 -4.85 -6.79
N ARG A 88 11.59 -4.05 -7.25
CA ARG A 88 12.52 -4.47 -8.29
C ARG A 88 13.12 -5.84 -7.96
N GLY A 89 13.95 -5.88 -6.93
CA GLY A 89 14.57 -7.13 -6.53
C GLY A 89 13.63 -8.04 -5.78
N ALA A 90 12.62 -7.45 -5.15
CA ALA A 90 11.64 -8.22 -4.38
C ALA A 90 10.66 -8.92 -5.32
N GLY A 91 10.79 -8.66 -6.62
CA GLY A 91 9.90 -9.28 -7.59
C GLY A 91 9.66 -10.74 -7.30
N THR A 92 10.70 -11.44 -6.85
CA THR A 92 10.60 -12.86 -6.53
C THR A 92 9.90 -13.08 -5.20
N ALA A 93 10.10 -12.15 -4.27
CA ALA A 93 9.48 -12.25 -2.95
C ALA A 93 9.32 -10.87 -2.32
N VAL A 94 8.12 -10.30 -2.46
CA VAL A 94 7.84 -8.98 -1.90
C VAL A 94 7.08 -9.09 -0.58
N GLN A 95 7.40 -8.21 0.36
CA GLN A 95 6.75 -8.21 1.67
C GLN A 95 6.16 -6.84 1.97
N MET A 96 4.89 -6.65 1.61
CA MET A 96 4.21 -5.39 1.85
C MET A 96 3.27 -5.50 3.05
N ARG A 97 3.09 -4.39 3.76
CA ARG A 97 2.22 -4.36 4.92
C ARG A 97 1.04 -3.42 4.71
N VAL A 98 -0.11 -3.76 5.29
CA VAL A 98 -1.30 -2.94 5.16
C VAL A 98 -1.67 -2.28 6.49
N TRP A 99 -1.63 -0.96 6.51
CA TRP A 99 -1.96 -0.20 7.71
C TRP A 99 -3.26 0.56 7.54
N ARG A 100 -4.25 0.22 8.37
CA ARG A 100 -5.56 0.87 8.30
C ARG A 100 -5.57 2.14 9.15
N GLU A 101 -4.89 3.17 8.67
CA GLU A 101 -4.82 4.44 9.37
C GLU A 101 -5.80 5.46 8.77
N ARG A 102 -5.72 6.69 9.25
CA ARG A 102 -6.59 7.75 8.76
C ARG A 102 -5.95 8.51 7.60
N MET A 103 -5.04 7.84 6.90
CA MET A 103 -4.36 8.44 5.76
C MET A 103 -4.55 7.61 4.50
N VAL A 104 -3.71 6.58 4.34
CA VAL A 104 -3.80 5.70 3.18
C VAL A 104 -5.22 5.19 2.98
N GLU A 105 -5.95 5.05 4.08
CA GLU A 105 -7.33 4.57 4.02
C GLU A 105 -8.32 5.71 4.26
N PRO A 106 -8.82 6.30 3.16
CA PRO A 106 -9.78 7.41 3.22
C PRO A 106 -11.15 6.96 3.73
N GLU A 107 -11.40 7.19 5.01
CA GLU A 107 -12.68 6.81 5.61
C GLU A 107 -13.85 7.34 4.79
N ASN A 108 -13.66 8.51 4.21
CA ASN A 108 -14.70 9.14 3.40
C ASN A 108 -15.24 8.16 2.36
N ALA A 109 -14.34 7.38 1.78
CA ALA A 109 -14.71 6.41 0.76
C ALA A 109 -15.28 5.14 1.41
N VAL A 110 -14.67 4.70 2.50
CA VAL A 110 -15.11 3.51 3.20
C VAL A 110 -16.59 3.60 3.54
N THR A 111 -17.09 4.82 3.67
CA THR A 111 -18.50 5.06 4.01
C THR A 111 -19.37 4.99 2.76
N ILE A 112 -20.33 4.08 2.76
CA ILE A 112 -21.24 3.91 1.64
C ILE A 112 -22.47 4.81 1.78
N THR A 113 -22.30 6.09 1.47
CA THR A 113 -23.38 7.05 1.57
C THR A 113 -23.56 7.81 0.26
N PRO A 114 -24.80 8.28 0.00
CA PRO A 114 -25.13 9.03 -1.21
C PRO A 114 -24.50 10.42 -1.22
N LEU A 115 -24.89 11.24 -2.19
CA LEU A 115 -24.37 12.59 -2.31
C LEU A 115 -25.11 13.37 -3.39
N ARG A 116 -26.16 14.09 -2.98
CA ARG A 116 -26.96 14.88 -3.90
C ARG A 116 -26.07 15.79 -4.74
N GLY A 1 10.56 13.20 11.29
CA GLY A 1 9.57 14.25 11.34
C GLY A 1 8.27 13.81 11.97
N ALA A 2 7.62 14.71 12.70
CA ALA A 2 6.37 14.40 13.36
C ALA A 2 5.80 15.63 14.06
N MET A 3 4.79 16.24 13.46
CA MET A 3 4.15 17.42 14.03
C MET A 3 2.69 17.16 14.34
N GLY A 4 2.04 16.37 13.49
CA GLY A 4 0.64 16.06 13.69
C GLY A 4 -0.11 15.86 12.37
N ALA A 5 -1.09 14.97 12.38
CA ALA A 5 -1.88 14.70 11.19
C ALA A 5 -3.23 14.09 11.55
N PRO A 6 -4.18 14.17 10.61
CA PRO A 6 -5.54 13.65 10.81
C PRO A 6 -5.57 12.13 10.85
N ALA A 7 -4.67 11.50 10.09
CA ALA A 7 -4.60 10.04 10.04
C ALA A 7 -3.93 9.49 11.30
N ARG A 8 -4.65 9.55 12.42
CA ARG A 8 -4.12 9.07 13.69
C ARG A 8 -5.13 8.13 14.35
N ILE A 9 -5.39 7.00 13.71
CA ILE A 9 -6.33 6.01 14.24
C ILE A 9 -5.60 4.75 14.69
N GLU A 10 -6.26 3.96 15.52
CA GLU A 10 -5.69 2.72 16.02
C GLU A 10 -5.06 1.91 14.89
N GLU A 11 -4.17 0.98 15.25
CA GLU A 11 -3.50 0.14 14.26
C GLU A 11 -4.09 -1.26 14.24
N GLU A 12 -4.13 -1.88 13.07
CA GLU A 12 -4.67 -3.23 12.92
C GLU A 12 -3.60 -4.18 12.39
N GLU A 13 -2.71 -3.65 11.55
CA GLU A 13 -1.64 -4.46 10.97
C GLU A 13 -2.21 -5.45 9.96
N LEU A 14 -2.03 -5.15 8.68
CA LEU A 14 -2.52 -6.01 7.61
C LEU A 14 -1.40 -6.36 6.63
N THR A 15 -0.78 -7.53 6.84
CA THR A 15 0.30 -7.98 5.99
C THR A 15 -0.23 -8.83 4.83
N LEU A 16 0.18 -8.48 3.61
CA LEU A 16 -0.24 -9.21 2.43
C LEU A 16 0.95 -9.81 1.69
N THR A 17 0.71 -10.89 0.96
CA THR A 17 1.76 -11.55 0.20
C THR A 17 1.47 -11.53 -1.30
N ILE A 18 2.33 -10.87 -2.06
CA ILE A 18 2.17 -10.77 -3.51
C ILE A 18 3.26 -11.53 -4.23
N LEU A 19 2.92 -12.71 -4.74
CA LEU A 19 3.88 -13.54 -5.46
C LEU A 19 3.96 -13.12 -6.93
N ARG A 20 4.83 -13.78 -7.68
CA ARG A 20 4.99 -13.49 -9.10
C ARG A 20 3.67 -13.63 -9.85
N GLN A 21 3.62 -13.10 -11.07
CA GLN A 21 2.42 -13.16 -11.88
C GLN A 21 2.29 -14.52 -12.57
N THR A 22 2.25 -15.58 -11.76
CA THR A 22 2.13 -16.93 -12.28
C THR A 22 0.78 -17.17 -12.94
N GLY A 23 -0.28 -16.68 -12.28
CA GLY A 23 -1.61 -16.84 -12.81
C GLY A 23 -2.38 -15.53 -12.84
N GLY A 24 -1.71 -14.46 -13.25
CA GLY A 24 -2.34 -13.16 -13.33
C GLY A 24 -1.82 -12.32 -14.47
N LEU A 25 -1.55 -11.04 -14.19
CA LEU A 25 -1.03 -10.13 -15.20
C LEU A 25 0.09 -9.26 -14.63
N GLY A 26 -0.24 -8.47 -13.62
CA GLY A 26 0.74 -7.60 -13.00
C GLY A 26 0.10 -6.46 -12.23
N ILE A 27 0.89 -5.43 -11.94
CA ILE A 27 0.41 -4.28 -11.20
C ILE A 27 0.98 -2.98 -11.76
N SER A 28 0.64 -1.85 -11.12
CA SER A 28 1.12 -0.55 -11.56
C SER A 28 1.49 0.31 -10.36
N ILE A 29 2.06 -0.32 -9.33
CA ILE A 29 2.46 0.39 -8.13
C ILE A 29 3.44 1.52 -8.45
N ALA A 30 3.26 2.65 -7.78
CA ALA A 30 4.14 3.80 -7.99
C ALA A 30 3.67 5.00 -7.17
N GLY A 31 4.54 5.47 -6.27
CA GLY A 31 4.20 6.61 -5.44
C GLY A 31 4.48 7.93 -6.11
N GLY A 32 5.72 8.11 -6.58
CA GLY A 32 6.09 9.34 -7.25
C GLY A 32 5.87 10.56 -6.37
N LYS A 33 6.62 10.65 -5.28
CA LYS A 33 6.50 11.77 -4.36
C LYS A 33 7.85 12.14 -3.78
N GLY A 34 8.25 11.44 -2.73
CA GLY A 34 9.53 11.70 -2.09
C GLY A 34 9.49 12.93 -1.20
N SER A 35 8.30 13.26 -0.69
CA SER A 35 8.13 14.41 0.18
C SER A 35 8.02 13.99 1.64
N THR A 36 8.24 14.95 2.55
CA THR A 36 8.17 14.67 3.97
C THR A 36 6.94 13.84 4.32
N PRO A 37 7.09 12.92 5.28
CA PRO A 37 6.00 12.05 5.73
C PRO A 37 4.93 12.80 6.49
N TYR A 38 3.67 12.53 6.16
CA TYR A 38 2.54 13.19 6.81
C TYR A 38 2.71 13.17 8.32
N LYS A 39 2.85 11.97 8.89
CA LYS A 39 3.02 11.82 10.33
C LYS A 39 4.26 10.99 10.64
N GLY A 40 5.25 11.05 9.75
CA GLY A 40 6.47 10.30 9.96
C GLY A 40 6.51 9.01 9.15
N ASP A 41 5.35 8.38 9.01
CA ASP A 41 5.25 7.14 8.25
C ASP A 41 3.83 6.89 7.77
N ASP A 42 3.46 7.53 6.66
CA ASP A 42 2.13 7.39 6.10
C ASP A 42 2.10 7.80 4.63
N GLU A 43 3.26 7.74 3.98
CA GLU A 43 3.37 8.12 2.58
C GLU A 43 2.24 7.51 1.76
N GLY A 44 1.82 6.30 2.15
CA GLY A 44 0.76 5.62 1.44
C GLY A 44 1.01 5.54 -0.05
N ILE A 45 1.53 4.41 -0.50
CA ILE A 45 1.83 4.21 -1.92
C ILE A 45 0.54 4.21 -2.75
N PHE A 46 0.62 4.76 -3.95
CA PHE A 46 -0.52 4.83 -4.84
C PHE A 46 -0.41 3.79 -5.96
N ILE A 47 -1.45 3.00 -6.13
CA ILE A 47 -1.47 1.96 -7.17
C ILE A 47 -2.80 1.94 -7.90
N SER A 48 -2.87 1.15 -8.96
CA SER A 48 -4.09 1.03 -9.75
C SER A 48 -3.95 -0.05 -10.82
N ARG A 49 -4.36 -1.27 -10.48
CA ARG A 49 -4.27 -2.39 -11.40
C ARG A 49 -4.67 -3.69 -10.71
N VAL A 50 -5.96 -3.98 -10.70
CA VAL A 50 -6.47 -5.20 -10.08
C VAL A 50 -6.18 -6.42 -10.94
N SER A 51 -5.79 -7.52 -10.30
CA SER A 51 -5.48 -8.74 -11.01
C SER A 51 -6.69 -9.67 -11.03
N GLU A 52 -6.62 -10.72 -11.85
CA GLU A 52 -7.70 -11.68 -11.97
C GLU A 52 -7.74 -12.61 -10.77
N GLU A 53 -7.80 -12.02 -9.57
CA GLU A 53 -7.83 -12.80 -8.35
C GLU A 53 -6.65 -13.76 -8.27
N GLY A 54 -5.45 -13.22 -8.48
CA GLY A 54 -4.26 -14.05 -8.44
C GLY A 54 -3.11 -13.36 -7.72
N PRO A 55 -1.97 -14.05 -7.64
CA PRO A 55 -0.77 -13.53 -6.98
C PRO A 55 -0.13 -12.37 -7.75
N ALA A 56 -0.75 -11.20 -7.67
CA ALA A 56 -0.25 -10.03 -8.36
C ALA A 56 -0.66 -8.75 -7.64
N ALA A 57 -1.89 -8.74 -7.11
CA ALA A 57 -2.40 -7.58 -6.40
C ALA A 57 -3.57 -7.96 -5.49
N ARG A 58 -4.52 -8.70 -6.04
CA ARG A 58 -5.68 -9.14 -5.28
C ARG A 58 -5.26 -9.83 -3.99
N ALA A 59 -4.03 -10.33 -3.97
CA ALA A 59 -3.50 -11.01 -2.78
C ALA A 59 -3.67 -10.15 -1.53
N GLY A 60 -3.79 -8.84 -1.73
CA GLY A 60 -3.96 -7.93 -0.61
C GLY A 60 -4.33 -6.53 -1.06
N VAL A 61 -3.54 -5.96 -1.96
CA VAL A 61 -3.79 -4.61 -2.47
C VAL A 61 -5.19 -4.51 -3.06
N ARG A 62 -5.78 -3.33 -2.98
CA ARG A 62 -7.12 -3.08 -3.51
C ARG A 62 -7.11 -1.92 -4.49
N VAL A 63 -6.46 -2.11 -5.63
CA VAL A 63 -6.38 -1.06 -6.65
C VAL A 63 -6.30 0.32 -6.01
N GLY A 64 -5.33 0.49 -5.12
CA GLY A 64 -5.16 1.78 -4.46
C GLY A 64 -4.98 1.64 -2.95
N ASP A 65 -3.95 0.88 -2.57
CA ASP A 65 -3.66 0.66 -1.15
C ASP A 65 -2.46 1.50 -0.70
N LYS A 66 -2.72 2.48 0.14
CA LYS A 66 -1.66 3.35 0.64
C LYS A 66 -0.86 2.65 1.74
N LEU A 67 -0.26 1.52 1.39
CA LEU A 67 0.54 0.75 2.34
C LEU A 67 1.61 1.63 2.98
N LEU A 68 2.39 1.04 3.87
CA LEU A 68 3.47 1.77 4.56
C LEU A 68 4.83 1.18 4.20
N GLU A 69 5.04 -0.07 4.58
CA GLU A 69 6.30 -0.76 4.31
C GLU A 69 6.17 -1.67 3.08
N VAL A 70 7.18 -1.63 2.21
CA VAL A 70 7.18 -2.45 1.01
C VAL A 70 8.23 -3.55 1.09
N ASN A 71 7.77 -4.78 1.34
CA ASN A 71 8.67 -5.91 1.45
C ASN A 71 9.64 -5.74 2.61
N GLY A 72 9.17 -5.08 3.67
CA GLY A 72 10.01 -4.86 4.84
C GLY A 72 10.77 -3.55 4.75
N VAL A 73 10.56 -2.80 3.67
CA VAL A 73 11.24 -1.53 3.48
C VAL A 73 10.28 -0.36 3.63
N ALA A 74 10.27 0.24 4.81
CA ALA A 74 9.40 1.37 5.09
C ALA A 74 9.39 2.36 3.92
N LEU A 75 8.22 2.53 3.31
CA LEU A 75 8.07 3.44 2.18
C LEU A 75 7.91 4.88 2.66
N GLN A 76 7.96 5.07 3.97
CA GLN A 76 7.82 6.40 4.56
C GLN A 76 8.85 7.37 3.97
N GLY A 77 8.38 8.26 3.11
CA GLY A 77 9.27 9.23 2.49
C GLY A 77 9.84 8.72 1.18
N ALA A 78 9.93 7.40 1.04
CA ALA A 78 10.46 6.80 -0.17
C ALA A 78 9.63 7.17 -1.39
N GLU A 79 10.23 7.06 -2.58
CA GLU A 79 9.55 7.40 -3.81
C GLU A 79 9.14 6.13 -4.57
N HIS A 80 8.73 6.30 -5.83
CA HIS A 80 8.33 5.17 -6.66
C HIS A 80 9.49 4.21 -6.87
N HIS A 81 10.68 4.75 -7.11
CA HIS A 81 11.87 3.94 -7.34
C HIS A 81 12.24 3.18 -6.07
N GLU A 82 11.91 3.75 -4.91
CA GLU A 82 12.21 3.12 -3.63
C GLU A 82 11.27 1.95 -3.36
N ALA A 83 10.05 2.04 -3.90
CA ALA A 83 9.05 1.00 -3.71
C ALA A 83 9.29 -0.16 -4.67
N VAL A 84 9.77 0.17 -5.87
CA VAL A 84 10.04 -0.85 -6.88
C VAL A 84 11.34 -1.61 -6.57
N GLU A 85 12.32 -0.88 -6.06
CA GLU A 85 13.60 -1.49 -5.71
C GLU A 85 13.41 -2.69 -4.79
N ALA A 86 12.36 -2.65 -3.99
CA ALA A 86 12.07 -3.74 -3.07
C ALA A 86 11.27 -4.85 -3.75
N LEU A 87 10.41 -4.45 -4.68
CA LEU A 87 9.58 -5.40 -5.41
C LEU A 87 10.41 -6.13 -6.48
N ARG A 88 11.55 -5.56 -6.83
CA ARG A 88 12.43 -6.15 -7.84
C ARG A 88 12.64 -7.64 -7.57
N GLY A 89 13.36 -7.94 -6.50
CA GLY A 89 13.63 -9.32 -6.15
C GLY A 89 12.44 -9.99 -5.49
N ALA A 90 11.57 -9.19 -4.89
CA ALA A 90 10.39 -9.70 -4.21
C ALA A 90 9.30 -10.10 -5.22
N GLY A 91 9.57 -9.86 -6.49
CA GLY A 91 8.61 -10.19 -7.53
C GLY A 91 7.98 -11.54 -7.31
N THR A 92 8.78 -12.51 -6.86
CA THR A 92 8.28 -13.86 -6.62
C THR A 92 7.49 -13.92 -5.31
N ALA A 93 7.88 -13.09 -4.35
CA ALA A 93 7.19 -13.06 -3.06
C ALA A 93 7.36 -11.69 -2.39
N VAL A 94 6.33 -10.86 -2.49
CA VAL A 94 6.37 -9.53 -1.90
C VAL A 94 5.54 -9.47 -0.62
N GLN A 95 6.04 -8.75 0.37
CA GLN A 95 5.33 -8.61 1.65
C GLN A 95 5.18 -7.15 2.03
N MET A 96 4.04 -6.56 1.65
CA MET A 96 3.78 -5.17 1.96
C MET A 96 2.76 -5.05 3.10
N ARG A 97 3.04 -4.14 4.03
CA ARG A 97 2.15 -3.92 5.17
C ARG A 97 1.32 -2.65 4.98
N VAL A 98 0.03 -2.77 5.23
CA VAL A 98 -0.88 -1.63 5.09
C VAL A 98 -1.43 -1.20 6.45
N TRP A 99 -1.16 0.05 6.82
CA TRP A 99 -1.64 0.57 8.10
C TRP A 99 -2.99 1.25 7.93
N ARG A 100 -3.95 0.85 8.77
CA ARG A 100 -5.29 1.41 8.72
C ARG A 100 -5.28 2.89 9.12
N GLU A 101 -5.08 3.76 8.13
CA GLU A 101 -5.04 5.20 8.38
C GLU A 101 -6.15 5.91 7.61
N ARG A 102 -6.06 7.23 7.55
CA ARG A 102 -7.05 8.04 6.85
C ARG A 102 -6.77 8.04 5.35
N MET A 103 -5.74 7.32 4.94
CA MET A 103 -5.37 7.24 3.53
C MET A 103 -5.81 5.91 2.92
N VAL A 104 -4.95 4.90 3.00
CA VAL A 104 -5.27 3.58 2.46
C VAL A 104 -6.66 3.14 2.87
N GLU A 105 -7.12 3.62 4.03
CA GLU A 105 -8.44 3.25 4.53
C GLU A 105 -9.31 4.50 4.70
N PRO A 106 -10.12 4.79 3.67
CA PRO A 106 -11.01 5.96 3.68
C PRO A 106 -12.16 5.80 4.66
N GLU A 107 -12.58 6.91 5.27
CA GLU A 107 -13.67 6.89 6.24
C GLU A 107 -14.94 6.36 5.61
N ASN A 108 -15.20 6.77 4.36
CA ASN A 108 -16.40 6.33 3.65
C ASN A 108 -16.53 4.81 3.68
N ALA A 109 -15.40 4.13 3.57
CA ALA A 109 -15.38 2.66 3.59
C ALA A 109 -15.64 2.14 5.00
N VAL A 110 -15.06 2.80 5.99
CA VAL A 110 -15.21 2.40 7.38
C VAL A 110 -16.69 2.27 7.75
N THR A 111 -17.54 3.02 7.04
CA THR A 111 -18.97 2.99 7.29
C THR A 111 -19.63 1.80 6.61
N ILE A 112 -20.23 0.92 7.40
CA ILE A 112 -20.89 -0.26 6.87
C ILE A 112 -22.33 0.05 6.49
N THR A 113 -22.52 0.69 5.34
CA THR A 113 -23.85 1.04 4.87
C THR A 113 -24.09 0.52 3.45
N PRO A 114 -24.56 -0.73 3.36
CA PRO A 114 -24.85 -1.38 2.07
C PRO A 114 -26.04 -0.77 1.37
N LEU A 115 -26.48 -1.41 0.29
CA LEU A 115 -27.62 -0.93 -0.47
C LEU A 115 -28.64 -2.04 -0.70
N ARG A 116 -28.23 -3.07 -1.44
CA ARG A 116 -29.10 -4.20 -1.73
C ARG A 116 -28.33 -5.52 -1.68
N GLY A 1 12.89 12.82 10.97
CA GLY A 1 11.50 12.94 10.59
C GLY A 1 10.56 12.74 11.76
N ALA A 2 9.78 13.77 12.09
CA ALA A 2 8.84 13.70 13.19
C ALA A 2 8.01 14.97 13.30
N MET A 3 6.76 14.90 12.84
CA MET A 3 5.86 16.05 12.88
C MET A 3 4.67 15.78 13.79
N GLY A 4 4.20 14.53 13.78
CA GLY A 4 3.07 14.16 14.60
C GLY A 4 2.57 12.75 14.33
N ALA A 5 1.46 12.38 14.93
CA ALA A 5 0.89 11.05 14.74
C ALA A 5 -0.60 11.04 15.05
N PRO A 6 -1.40 11.64 14.15
CA PRO A 6 -2.85 11.72 14.30
C PRO A 6 -3.53 10.36 14.14
N ALA A 7 -3.06 9.58 13.16
CA ALA A 7 -3.61 8.26 12.91
C ALA A 7 -3.16 7.26 13.97
N ARG A 8 -4.05 6.96 14.92
CA ARG A 8 -3.75 6.02 15.99
C ARG A 8 -4.91 5.07 16.22
N ILE A 9 -5.23 4.27 15.20
CA ILE A 9 -6.32 3.32 15.29
C ILE A 9 -5.80 1.90 15.49
N GLU A 10 -6.66 1.01 15.98
CA GLU A 10 -6.27 -0.38 16.21
C GLU A 10 -5.56 -0.96 14.99
N GLU A 11 -4.24 -1.08 15.09
CA GLU A 11 -3.45 -1.62 13.99
C GLU A 11 -3.83 -3.07 13.70
N GLU A 12 -4.04 -3.38 12.42
CA GLU A 12 -4.41 -4.72 12.01
C GLU A 12 -3.18 -5.59 11.78
N GLU A 13 -2.04 -4.94 11.58
CA GLU A 13 -0.78 -5.65 11.34
C GLU A 13 -1.01 -6.86 10.45
N LEU A 14 -1.04 -6.64 9.14
CA LEU A 14 -1.25 -7.72 8.18
C LEU A 14 -0.08 -7.81 7.21
N THR A 15 0.81 -8.76 7.46
CA THR A 15 1.98 -8.95 6.59
C THR A 15 1.67 -9.94 5.47
N LEU A 16 2.08 -9.59 4.26
CA LEU A 16 1.86 -10.45 3.10
C LEU A 16 3.15 -10.69 2.33
N THR A 17 3.21 -11.80 1.61
CA THR A 17 4.40 -12.14 0.84
C THR A 17 4.06 -12.27 -0.65
N ILE A 18 4.70 -11.45 -1.47
CA ILE A 18 4.46 -11.48 -2.91
C ILE A 18 5.70 -11.98 -3.65
N LEU A 19 5.64 -13.23 -4.11
CA LEU A 19 6.75 -13.83 -4.83
C LEU A 19 6.70 -13.45 -6.30
N ARG A 20 7.67 -13.94 -7.07
CA ARG A 20 7.74 -13.66 -8.50
C ARG A 20 6.45 -14.09 -9.20
N GLN A 21 6.23 -13.55 -10.40
CA GLN A 21 5.04 -13.88 -11.17
C GLN A 21 5.35 -14.94 -12.23
N THR A 22 4.30 -15.41 -12.91
CA THR A 22 4.47 -16.42 -13.95
C THR A 22 4.07 -15.88 -15.32
N GLY A 23 4.48 -14.64 -15.59
CA GLY A 23 4.15 -14.02 -16.87
C GLY A 23 2.81 -13.33 -16.85
N GLY A 24 2.12 -13.35 -17.99
CA GLY A 24 0.83 -12.70 -18.09
C GLY A 24 0.88 -11.23 -17.75
N LEU A 25 0.05 -10.81 -16.80
CA LEU A 25 0.00 -9.41 -16.39
C LEU A 25 0.79 -9.20 -15.10
N GLY A 26 0.26 -9.72 -13.99
CA GLY A 26 0.93 -9.58 -12.72
C GLY A 26 0.17 -8.69 -11.76
N ILE A 27 0.60 -7.44 -11.65
CA ILE A 27 -0.05 -6.48 -10.76
C ILE A 27 0.10 -5.06 -11.28
N SER A 28 -0.40 -4.10 -10.52
CA SER A 28 -0.31 -2.69 -10.89
C SER A 28 -0.05 -1.81 -9.68
N ILE A 29 1.08 -2.05 -9.02
CA ILE A 29 1.45 -1.27 -7.84
C ILE A 29 2.06 0.07 -8.23
N ALA A 30 1.63 1.12 -7.55
CA ALA A 30 2.14 2.46 -7.82
C ALA A 30 1.46 3.51 -6.93
N GLY A 31 2.27 4.25 -6.19
CA GLY A 31 1.73 5.27 -5.29
C GLY A 31 2.71 6.40 -5.05
N GLY A 32 3.27 6.95 -6.13
CA GLY A 32 4.22 8.03 -6.00
C GLY A 32 3.91 9.19 -6.93
N LYS A 33 3.24 10.22 -6.40
CA LYS A 33 2.89 11.39 -7.19
C LYS A 33 3.32 12.67 -6.49
N GLY A 34 3.15 12.71 -5.17
CA GLY A 34 3.52 13.88 -4.41
C GLY A 34 2.32 14.64 -3.89
N SER A 35 1.25 13.92 -3.57
CA SER A 35 0.03 14.53 -3.07
C SER A 35 0.26 15.13 -1.67
N THR A 36 -0.59 16.08 -1.30
CA THR A 36 -0.48 16.72 0.00
C THR A 36 -0.29 15.69 1.12
N PRO A 37 0.47 16.08 2.15
CA PRO A 37 0.76 15.21 3.29
C PRO A 37 -0.48 14.97 4.16
N TYR A 38 -0.86 13.71 4.30
CA TYR A 38 -2.03 13.35 5.11
C TYR A 38 -1.79 13.64 6.58
N LYS A 39 -0.72 13.06 7.12
CA LYS A 39 -0.37 13.26 8.53
C LYS A 39 1.08 13.73 8.67
N GLY A 40 1.57 14.42 7.65
CA GLY A 40 2.93 14.91 7.67
C GLY A 40 3.89 14.02 6.91
N ASP A 41 3.61 12.72 6.90
CA ASP A 41 4.46 11.76 6.21
C ASP A 41 3.70 10.47 5.93
N ASP A 42 2.98 10.45 4.81
CA ASP A 42 2.20 9.28 4.43
C ASP A 42 1.69 9.41 3.00
N GLU A 43 1.70 8.30 2.26
CA GLU A 43 1.23 8.29 0.88
C GLU A 43 0.26 7.15 0.64
N GLY A 44 0.51 6.01 1.29
CA GLY A 44 -0.35 4.85 1.13
C GLY A 44 -0.40 4.35 -0.31
N ILE A 45 0.21 3.19 -0.55
CA ILE A 45 0.23 2.61 -1.88
C ILE A 45 -1.12 1.99 -2.24
N PHE A 46 -1.54 2.19 -3.48
CA PHE A 46 -2.82 1.65 -3.95
C PHE A 46 -2.63 0.88 -5.26
N ILE A 47 -3.04 -0.39 -5.25
CA ILE A 47 -2.92 -1.23 -6.44
C ILE A 47 -4.29 -1.56 -7.00
N SER A 48 -4.31 -2.36 -8.07
CA SER A 48 -5.55 -2.76 -8.72
C SER A 48 -5.29 -3.78 -9.82
N ARG A 49 -5.36 -5.06 -9.46
CA ARG A 49 -5.13 -6.14 -10.42
C ARG A 49 -5.16 -7.49 -9.72
N VAL A 50 -6.36 -8.04 -9.56
CA VAL A 50 -6.53 -9.33 -8.92
C VAL A 50 -6.04 -10.46 -9.83
N SER A 51 -5.29 -11.39 -9.24
CA SER A 51 -4.76 -12.53 -9.99
C SER A 51 -5.58 -13.78 -9.73
N GLU A 52 -5.36 -14.80 -10.56
CA GLU A 52 -6.09 -16.06 -10.42
C GLU A 52 -5.54 -16.88 -9.25
N GLU A 53 -5.54 -16.26 -8.07
CA GLU A 53 -5.04 -16.92 -6.87
C GLU A 53 -3.55 -17.18 -6.95
N GLY A 54 -2.79 -16.12 -7.23
CA GLY A 54 -1.35 -16.24 -7.35
C GLY A 54 -0.61 -15.37 -6.35
N PRO A 55 0.65 -15.72 -6.07
CA PRO A 55 1.49 -14.97 -5.13
C PRO A 55 1.89 -13.60 -5.66
N ALA A 56 1.45 -13.30 -6.88
CA ALA A 56 1.75 -12.01 -7.50
C ALA A 56 0.93 -10.89 -6.89
N ALA A 57 -0.25 -11.24 -6.37
CA ALA A 57 -1.13 -10.26 -5.74
C ALA A 57 -2.05 -10.92 -4.73
N ARG A 58 -2.76 -11.96 -5.16
CA ARG A 58 -3.67 -12.67 -4.28
C ARG A 58 -2.97 -13.10 -2.98
N ALA A 59 -1.65 -13.16 -3.03
CA ALA A 59 -0.86 -13.53 -1.86
C ALA A 59 -1.27 -12.72 -0.64
N GLY A 60 -1.81 -11.54 -0.88
CA GLY A 60 -2.23 -10.68 0.21
C GLY A 60 -3.08 -9.51 -0.25
N VAL A 61 -2.59 -8.80 -1.26
CA VAL A 61 -3.30 -7.64 -1.80
C VAL A 61 -4.73 -8.03 -2.21
N ARG A 62 -5.50 -7.04 -2.65
CA ARG A 62 -6.87 -7.27 -3.07
C ARG A 62 -7.39 -6.11 -3.92
N VAL A 63 -6.90 -6.02 -5.15
CA VAL A 63 -7.31 -4.96 -6.05
C VAL A 63 -7.53 -3.66 -5.31
N GLY A 64 -6.51 -3.20 -4.59
CA GLY A 64 -6.61 -1.96 -3.85
C GLY A 64 -6.25 -2.14 -2.39
N ASP A 65 -5.03 -2.58 -2.12
CA ASP A 65 -4.55 -2.79 -0.77
C ASP A 65 -3.98 -1.50 -0.18
N LYS A 66 -4.19 -1.30 1.12
CA LYS A 66 -3.70 -0.10 1.80
C LYS A 66 -2.41 -0.41 2.56
N LEU A 67 -1.35 -0.70 1.82
CA LEU A 67 -0.05 -1.01 2.42
C LEU A 67 0.73 0.28 2.70
N LEU A 68 1.67 0.19 3.63
CA LEU A 68 2.49 1.34 3.99
C LEU A 68 3.96 1.11 3.61
N GLU A 69 4.54 0.03 4.13
CA GLU A 69 5.93 -0.30 3.84
C GLU A 69 6.02 -1.43 2.82
N VAL A 70 6.92 -1.28 1.85
CA VAL A 70 7.10 -2.29 0.82
C VAL A 70 8.46 -2.97 0.95
N ASN A 71 8.44 -4.26 1.27
CA ASN A 71 9.66 -5.04 1.42
C ASN A 71 10.49 -4.51 2.60
N GLY A 72 9.80 -3.96 3.59
CA GLY A 72 10.49 -3.43 4.76
C GLY A 72 10.56 -1.92 4.76
N VAL A 73 10.87 -1.34 3.60
CA VAL A 73 10.97 0.10 3.46
C VAL A 73 9.60 0.76 3.57
N ALA A 74 9.54 1.88 4.29
CA ALA A 74 8.30 2.61 4.48
C ALA A 74 8.04 3.56 3.31
N LEU A 75 6.91 3.37 2.64
CA LEU A 75 6.53 4.20 1.51
C LEU A 75 5.99 5.55 1.98
N GLN A 76 5.75 5.66 3.28
CA GLN A 76 5.22 6.89 3.85
C GLN A 76 6.08 8.09 3.43
N GLY A 77 5.56 8.87 2.49
CA GLY A 77 6.28 10.04 2.01
C GLY A 77 7.22 9.70 0.87
N ALA A 78 7.60 8.45 0.77
CA ALA A 78 8.51 8.00 -0.29
C ALA A 78 7.82 8.04 -1.65
N GLU A 79 8.55 8.49 -2.67
CA GLU A 79 8.00 8.58 -4.01
C GLU A 79 9.11 8.38 -5.06
N HIS A 80 8.91 8.97 -6.23
CA HIS A 80 9.88 8.86 -7.31
C HIS A 80 10.23 7.40 -7.58
N HIS A 81 9.28 6.50 -7.31
CA HIS A 81 9.49 5.07 -7.53
C HIS A 81 10.23 4.45 -6.34
N GLU A 82 10.12 5.09 -5.18
CA GLU A 82 10.78 4.60 -3.97
C GLU A 82 10.12 3.31 -3.49
N ALA A 83 8.82 3.20 -3.69
CA ALA A 83 8.07 2.02 -3.27
C ALA A 83 8.26 0.87 -4.26
N VAL A 84 8.35 1.21 -5.54
CA VAL A 84 8.54 0.20 -6.58
C VAL A 84 9.99 -0.27 -6.63
N GLU A 85 10.92 0.67 -6.52
CA GLU A 85 12.34 0.35 -6.55
C GLU A 85 12.67 -0.79 -5.57
N ALA A 86 12.00 -0.78 -4.43
CA ALA A 86 12.21 -1.81 -3.42
C ALA A 86 11.77 -3.18 -3.92
N LEU A 87 10.73 -3.20 -4.74
CA LEU A 87 10.21 -4.44 -5.30
C LEU A 87 11.15 -4.99 -6.37
N ARG A 88 12.11 -4.17 -6.78
CA ARG A 88 13.07 -4.58 -7.80
C ARG A 88 13.68 -5.93 -7.47
N GLY A 89 14.50 -5.97 -6.41
CA GLY A 89 15.12 -7.22 -6.01
C GLY A 89 14.17 -8.15 -5.29
N ALA A 90 13.14 -7.58 -4.68
CA ALA A 90 12.15 -8.37 -3.96
C ALA A 90 11.20 -9.07 -4.92
N GLY A 91 11.35 -8.78 -6.21
CA GLY A 91 10.49 -9.38 -7.20
C GLY A 91 10.24 -10.85 -6.95
N THR A 92 11.27 -11.55 -6.48
CA THR A 92 11.17 -12.98 -6.19
C THR A 92 10.43 -13.22 -4.88
N ALA A 93 10.63 -12.32 -3.92
CA ALA A 93 9.98 -12.43 -2.62
C ALA A 93 9.81 -11.06 -1.97
N VAL A 94 8.61 -10.50 -2.09
CA VAL A 94 8.32 -9.20 -1.51
C VAL A 94 7.53 -9.34 -0.21
N GLN A 95 7.82 -8.46 0.75
CA GLN A 95 7.14 -8.48 2.04
C GLN A 95 6.52 -7.12 2.35
N MET A 96 5.27 -6.95 1.96
CA MET A 96 4.56 -5.70 2.22
C MET A 96 3.63 -5.81 3.42
N ARG A 97 3.44 -4.71 4.13
CA ARG A 97 2.57 -4.70 5.29
C ARG A 97 1.38 -3.78 5.07
N VAL A 98 0.24 -4.14 5.66
CA VAL A 98 -0.98 -3.34 5.54
C VAL A 98 -1.35 -2.68 6.85
N TRP A 99 -1.36 -1.35 6.85
CA TRP A 99 -1.70 -0.59 8.05
C TRP A 99 -3.01 0.16 7.87
N ARG A 100 -4.08 -0.34 8.49
CA ARG A 100 -5.38 0.29 8.39
C ARG A 100 -5.44 1.57 9.22
N GLU A 101 -4.81 2.63 8.70
CA GLU A 101 -4.78 3.91 9.39
C GLU A 101 -5.79 4.88 8.77
N ARG A 102 -5.76 6.13 9.23
CA ARG A 102 -6.67 7.15 8.73
C ARG A 102 -6.03 7.93 7.57
N MET A 103 -5.10 7.28 6.89
CA MET A 103 -4.41 7.90 5.75
C MET A 103 -4.57 7.07 4.49
N VAL A 104 -3.84 5.97 4.41
CA VAL A 104 -3.91 5.09 3.25
C VAL A 104 -5.31 4.56 3.05
N GLU A 105 -6.06 4.43 4.14
CA GLU A 105 -7.44 3.94 4.08
C GLU A 105 -8.44 5.07 4.25
N PRO A 106 -8.93 5.60 3.12
CA PRO A 106 -9.90 6.70 3.11
C PRO A 106 -11.27 6.27 3.64
N GLU A 107 -11.42 6.28 4.97
CA GLU A 107 -12.68 5.88 5.60
C GLU A 107 -13.82 6.77 5.12
N ASN A 108 -13.54 8.08 5.00
CA ASN A 108 -14.55 9.04 4.56
C ASN A 108 -15.21 8.58 3.27
N ALA A 109 -14.41 8.02 2.36
CA ALA A 109 -14.91 7.53 1.09
C ALA A 109 -15.55 6.16 1.24
N VAL A 110 -14.98 5.33 2.11
CA VAL A 110 -15.50 3.99 2.33
C VAL A 110 -16.99 4.03 2.68
N THR A 111 -17.43 5.15 3.24
CA THR A 111 -18.82 5.32 3.62
C THR A 111 -19.68 5.69 2.42
N ILE A 112 -20.69 4.88 2.13
CA ILE A 112 -21.58 5.14 1.02
C ILE A 112 -22.77 6.01 1.44
N THR A 113 -22.51 7.31 1.55
CA THR A 113 -23.56 8.25 1.95
C THR A 113 -23.67 9.40 0.94
N PRO A 114 -24.87 9.99 0.85
CA PRO A 114 -25.14 11.10 -0.07
C PRO A 114 -24.44 12.38 0.37
N LEU A 115 -24.76 13.48 -0.31
CA LEU A 115 -24.16 14.77 0.00
C LEU A 115 -24.82 15.88 -0.81
N ARG A 116 -24.53 17.13 -0.43
CA ARG A 116 -25.10 18.29 -1.12
C ARG A 116 -24.33 19.56 -0.76
N GLY A 1 7.05 12.86 16.94
CA GLY A 1 5.67 13.33 16.99
C GLY A 1 4.81 12.50 17.93
N ALA A 2 4.06 11.56 17.36
CA ALA A 2 3.19 10.70 18.17
C ALA A 2 2.24 11.53 19.02
N MET A 3 1.81 12.66 18.48
CA MET A 3 0.88 13.53 19.20
C MET A 3 -0.46 12.85 19.42
N GLY A 4 -0.94 12.16 18.38
CA GLY A 4 -2.21 11.47 18.48
C GLY A 4 -3.38 12.43 18.62
N ALA A 5 -4.23 12.46 17.59
CA ALA A 5 -5.40 13.33 17.60
C ALA A 5 -6.23 13.14 16.34
N PRO A 6 -5.64 13.42 15.18
CA PRO A 6 -6.31 13.28 13.88
C PRO A 6 -6.56 11.82 13.52
N ALA A 7 -7.04 11.60 12.30
CA ALA A 7 -7.32 10.25 11.82
C ALA A 7 -6.12 9.33 12.02
N ARG A 8 -4.93 9.90 11.93
CA ARG A 8 -3.70 9.14 12.09
C ARG A 8 -3.69 8.38 13.42
N ILE A 9 -3.98 7.08 13.35
CA ILE A 9 -4.02 6.26 14.55
C ILE A 9 -3.09 5.04 14.40
N GLU A 10 -2.70 4.48 15.53
CA GLU A 10 -1.82 3.31 15.53
C GLU A 10 -2.59 2.04 15.17
N GLU A 11 -2.11 1.33 14.15
CA GLU A 11 -2.75 0.10 13.71
C GLU A 11 -1.72 -0.89 13.19
N GLU A 12 -1.21 -0.63 11.99
CA GLU A 12 -0.22 -1.51 11.38
C GLU A 12 -0.53 -2.98 11.66
N GLU A 13 -1.74 -3.39 11.30
CA GLU A 13 -2.17 -4.77 11.53
C GLU A 13 -2.76 -5.37 10.25
N LEU A 14 -2.22 -4.94 9.11
CA LEU A 14 -2.69 -5.43 7.82
C LEU A 14 -1.53 -5.97 6.98
N THR A 15 -1.22 -7.25 7.14
CA THR A 15 -0.14 -7.88 6.40
C THR A 15 -0.67 -8.63 5.18
N LEU A 16 -0.12 -8.32 4.02
CA LEU A 16 -0.54 -8.97 2.78
C LEU A 16 0.67 -9.46 1.98
N THR A 17 0.47 -10.53 1.23
CA THR A 17 1.55 -11.10 0.42
C THR A 17 1.17 -11.15 -1.05
N ILE A 18 1.97 -10.52 -1.89
CA ILE A 18 1.71 -10.50 -3.32
C ILE A 18 2.78 -11.28 -4.09
N LEU A 19 2.43 -12.47 -4.53
CA LEU A 19 3.36 -13.32 -5.28
C LEU A 19 3.38 -12.94 -6.76
N ARG A 20 4.20 -13.64 -7.53
CA ARG A 20 4.32 -13.37 -8.95
C ARG A 20 2.96 -13.49 -9.64
N GLN A 21 2.87 -13.00 -10.87
CA GLN A 21 1.63 -13.05 -11.64
C GLN A 21 1.52 -14.37 -12.39
N THR A 22 2.64 -14.87 -12.89
CA THR A 22 2.66 -16.12 -13.63
C THR A 22 1.85 -16.02 -14.91
N GLY A 23 2.12 -14.97 -15.69
CA GLY A 23 1.41 -14.77 -16.94
C GLY A 23 0.19 -13.89 -16.78
N GLY A 24 0.39 -12.57 -16.87
CA GLY A 24 -0.71 -11.64 -16.72
C GLY A 24 -0.24 -10.26 -16.32
N LEU A 25 -1.19 -9.34 -16.19
CA LEU A 25 -0.88 -7.96 -15.80
C LEU A 25 -0.37 -7.90 -14.37
N GLY A 26 -1.22 -8.30 -13.42
CA GLY A 26 -0.85 -8.28 -12.03
C GLY A 26 -1.42 -7.10 -11.28
N ILE A 27 -0.69 -5.98 -11.29
CA ILE A 27 -1.14 -4.78 -10.61
C ILE A 27 -0.64 -3.52 -11.33
N SER A 28 -0.94 -2.36 -10.77
CA SER A 28 -0.53 -1.09 -11.35
C SER A 28 -0.05 -0.13 -10.27
N ILE A 29 0.56 -0.67 -9.23
CA ILE A 29 1.07 0.14 -8.12
C ILE A 29 1.92 1.30 -8.64
N ALA A 30 1.86 2.42 -7.94
CA ALA A 30 2.64 3.60 -8.33
C ALA A 30 2.46 4.73 -7.31
N GLY A 31 3.58 5.29 -6.86
CA GLY A 31 3.53 6.36 -5.88
C GLY A 31 4.87 7.07 -5.74
N GLY A 32 4.96 8.26 -6.31
CA GLY A 32 6.19 9.03 -6.22
C GLY A 32 5.95 10.49 -5.91
N LYS A 33 6.54 10.97 -4.82
CA LYS A 33 6.40 12.36 -4.41
C LYS A 33 7.66 12.86 -3.73
N GLY A 34 7.90 12.40 -2.51
CA GLY A 34 9.08 12.82 -1.78
C GLY A 34 8.83 14.06 -0.94
N SER A 35 7.60 14.22 -0.48
CA SER A 35 7.23 15.37 0.34
C SER A 35 7.29 15.03 1.83
N THR A 36 7.35 16.06 2.67
CA THR A 36 7.42 15.87 4.10
C THR A 36 6.45 14.77 4.56
N PRO A 37 6.84 14.04 5.62
CA PRO A 37 6.04 12.95 6.16
C PRO A 37 4.77 13.46 6.86
N TYR A 38 3.67 12.74 6.67
CA TYR A 38 2.40 13.12 7.26
C TYR A 38 2.49 13.11 8.79
N LYS A 39 3.01 12.02 9.34
CA LYS A 39 3.15 11.88 10.79
C LYS A 39 4.60 11.55 11.15
N GLY A 40 5.53 12.03 10.34
CA GLY A 40 6.94 11.76 10.60
C GLY A 40 7.47 10.58 9.81
N ASP A 41 6.58 9.66 9.47
CA ASP A 41 6.96 8.47 8.72
C ASP A 41 5.75 7.86 8.02
N ASP A 42 5.43 8.37 6.83
CA ASP A 42 4.30 7.87 6.06
C ASP A 42 4.29 8.47 4.65
N GLU A 43 3.94 7.64 3.68
CA GLU A 43 3.90 8.09 2.28
C GLU A 43 2.60 7.66 1.61
N GLY A 44 2.14 6.45 1.93
CA GLY A 44 0.91 5.94 1.35
C GLY A 44 1.01 5.76 -0.14
N ILE A 45 1.05 4.50 -0.58
CA ILE A 45 1.14 4.18 -1.99
C ILE A 45 -0.24 4.02 -2.62
N PHE A 46 -0.39 4.49 -3.86
CA PHE A 46 -1.65 4.39 -4.56
C PHE A 46 -1.57 3.36 -5.68
N ILE A 47 -2.65 2.60 -5.86
CA ILE A 47 -2.71 1.58 -6.90
C ILE A 47 -4.08 1.56 -7.58
N SER A 48 -4.24 0.68 -8.55
CA SER A 48 -5.48 0.55 -9.28
C SER A 48 -5.42 -0.59 -10.29
N ARG A 49 -5.83 -1.78 -9.85
CA ARG A 49 -5.81 -2.96 -10.71
C ARG A 49 -6.16 -4.21 -9.93
N VAL A 50 -7.45 -4.55 -9.90
CA VAL A 50 -7.91 -5.73 -9.17
C VAL A 50 -7.58 -7.00 -9.93
N SER A 51 -7.11 -8.01 -9.20
CA SER A 51 -6.74 -9.29 -9.80
C SER A 51 -7.94 -10.23 -9.86
N GLU A 52 -7.87 -11.21 -10.76
CA GLU A 52 -8.95 -12.18 -10.91
C GLU A 52 -8.92 -13.22 -9.79
N GLU A 53 -8.93 -12.74 -8.56
CA GLU A 53 -8.89 -13.63 -7.40
C GLU A 53 -7.61 -14.46 -7.38
N GLY A 54 -6.48 -13.79 -7.59
CA GLY A 54 -5.21 -14.47 -7.59
C GLY A 54 -4.13 -13.72 -6.84
N PRO A 55 -3.01 -14.39 -6.55
CA PRO A 55 -1.89 -13.79 -5.83
C PRO A 55 -1.16 -12.73 -6.66
N ALA A 56 -1.81 -11.59 -6.86
CA ALA A 56 -1.22 -10.50 -7.64
C ALA A 56 -1.70 -9.15 -7.12
N ALA A 57 -2.96 -9.09 -6.70
CA ALA A 57 -3.53 -7.84 -6.19
C ALA A 57 -4.52 -8.12 -5.05
N ARG A 58 -5.56 -8.90 -5.35
CA ARG A 58 -6.56 -9.24 -4.36
C ARG A 58 -5.92 -9.79 -3.09
N ALA A 59 -4.70 -10.32 -3.24
CA ALA A 59 -3.98 -10.88 -2.11
C ALA A 59 -3.94 -9.90 -0.94
N GLY A 60 -4.08 -8.61 -1.25
CA GLY A 60 -4.05 -7.59 -0.22
C GLY A 60 -4.59 -6.25 -0.70
N VAL A 61 -4.11 -5.80 -1.86
CA VAL A 61 -4.56 -4.54 -2.43
C VAL A 61 -6.04 -4.59 -2.79
N ARG A 62 -6.63 -3.42 -3.02
CA ARG A 62 -8.03 -3.34 -3.38
C ARG A 62 -8.28 -2.18 -4.34
N VAL A 63 -7.83 -2.34 -5.57
CA VAL A 63 -8.01 -1.31 -6.60
C VAL A 63 -7.89 0.09 -5.99
N GLY A 64 -6.81 0.32 -5.25
CA GLY A 64 -6.60 1.61 -4.63
C GLY A 64 -6.35 1.51 -3.13
N ASP A 65 -5.45 0.60 -2.76
CA ASP A 65 -5.12 0.40 -1.35
C ASP A 65 -3.86 1.16 -0.98
N LYS A 66 -3.85 1.73 0.23
CA LYS A 66 -2.70 2.49 0.71
C LYS A 66 -1.83 1.63 1.62
N LEU A 67 -0.51 1.81 1.51
CA LEU A 67 0.44 1.06 2.32
C LEU A 67 1.59 1.95 2.78
N LEU A 68 2.38 1.43 3.71
CA LEU A 68 3.52 2.19 4.24
C LEU A 68 4.84 1.58 3.77
N GLU A 69 5.11 0.35 4.21
CA GLU A 69 6.34 -0.34 3.82
C GLU A 69 6.06 -1.36 2.73
N VAL A 70 6.93 -1.39 1.72
CA VAL A 70 6.79 -2.32 0.61
C VAL A 70 7.85 -3.41 0.65
N ASN A 71 7.41 -4.64 0.90
CA ASN A 71 8.32 -5.78 0.99
C ASN A 71 9.29 -5.62 2.15
N GLY A 72 8.84 -4.93 3.20
CA GLY A 72 9.68 -4.73 4.36
C GLY A 72 10.23 -3.32 4.43
N VAL A 73 10.69 -2.80 3.31
CA VAL A 73 11.24 -1.46 3.25
C VAL A 73 10.15 -0.40 3.46
N ALA A 74 10.47 0.62 4.24
CA ALA A 74 9.53 1.70 4.53
C ALA A 74 9.48 2.69 3.38
N LEU A 75 8.28 2.88 2.83
CA LEU A 75 8.10 3.81 1.72
C LEU A 75 7.94 5.24 2.23
N GLN A 76 8.04 5.41 3.55
CA GLN A 76 7.91 6.73 4.16
C GLN A 76 8.85 7.73 3.49
N GLY A 77 8.27 8.62 2.69
CA GLY A 77 9.06 9.63 2.00
C GLY A 77 9.59 9.14 0.67
N ALA A 78 9.67 7.82 0.51
CA ALA A 78 10.15 7.22 -0.73
C ALA A 78 9.31 7.67 -1.92
N GLU A 79 9.84 7.45 -3.12
CA GLU A 79 9.14 7.82 -4.34
C GLU A 79 8.63 6.60 -5.09
N HIS A 80 8.23 6.78 -6.34
CA HIS A 80 7.73 5.69 -7.15
C HIS A 80 8.83 4.67 -7.43
N HIS A 81 10.03 5.15 -7.69
CA HIS A 81 11.16 4.27 -7.96
C HIS A 81 11.55 3.48 -6.72
N GLU A 82 11.32 4.07 -5.55
CA GLU A 82 11.64 3.42 -4.29
C GLU A 82 10.68 2.28 -4.00
N ALA A 83 9.46 2.41 -4.49
CA ALA A 83 8.43 1.38 -4.29
C ALA A 83 8.61 0.22 -5.27
N VAL A 84 9.09 0.54 -6.47
CA VAL A 84 9.31 -0.47 -7.49
C VAL A 84 10.58 -1.27 -7.21
N GLU A 85 11.67 -0.55 -6.92
CA GLU A 85 12.94 -1.19 -6.64
C GLU A 85 12.78 -2.29 -5.58
N ALA A 86 11.78 -2.13 -4.72
CA ALA A 86 11.52 -3.11 -3.66
C ALA A 86 10.72 -4.29 -4.20
N LEU A 87 9.84 -4.02 -5.16
CA LEU A 87 9.03 -5.07 -5.76
C LEU A 87 9.80 -5.84 -6.82
N ARG A 88 10.94 -5.29 -7.22
CA ARG A 88 11.79 -5.92 -8.23
C ARG A 88 12.03 -7.39 -7.89
N GLY A 89 12.79 -7.63 -6.83
CA GLY A 89 13.07 -9.00 -6.42
C GLY A 89 11.91 -9.65 -5.69
N ALA A 90 11.06 -8.83 -5.09
CA ALA A 90 9.90 -9.33 -4.36
C ALA A 90 8.80 -9.74 -5.32
N GLY A 91 9.01 -9.52 -6.61
CA GLY A 91 8.02 -9.87 -7.61
C GLY A 91 7.42 -11.24 -7.36
N THR A 92 8.25 -12.18 -6.93
CA THR A 92 7.79 -13.54 -6.65
C THR A 92 7.04 -13.61 -5.33
N ALA A 93 7.44 -12.76 -4.37
CA ALA A 93 6.80 -12.73 -3.06
C ALA A 93 6.97 -11.36 -2.40
N VAL A 94 5.95 -10.52 -2.51
CA VAL A 94 5.98 -9.20 -1.93
C VAL A 94 5.24 -9.15 -0.61
N GLN A 95 5.76 -8.38 0.34
CA GLN A 95 5.13 -8.26 1.66
C GLN A 95 4.92 -6.80 2.02
N MET A 96 3.73 -6.29 1.74
CA MET A 96 3.40 -4.90 2.04
C MET A 96 2.49 -4.81 3.25
N ARG A 97 2.63 -3.72 4.02
CA ARG A 97 1.81 -3.52 5.21
C ARG A 97 0.96 -2.26 5.08
N VAL A 98 -0.21 -2.28 5.69
CA VAL A 98 -1.12 -1.15 5.64
C VAL A 98 -1.23 -0.47 7.01
N TRP A 99 -0.85 0.80 7.06
CA TRP A 99 -0.90 1.56 8.31
C TRP A 99 -2.07 2.55 8.29
N ARG A 100 -3.06 2.31 9.14
CA ARG A 100 -4.23 3.18 9.22
C ARG A 100 -3.85 4.55 9.78
N GLU A 101 -3.43 5.44 8.90
CA GLU A 101 -3.05 6.79 9.30
C GLU A 101 -4.11 7.80 8.91
N ARG A 102 -3.73 9.08 8.91
CA ARG A 102 -4.65 10.15 8.56
C ARG A 102 -4.84 10.23 7.04
N MET A 103 -4.18 9.33 6.33
CA MET A 103 -4.28 9.29 4.88
C MET A 103 -4.48 7.86 4.37
N VAL A 104 -3.43 7.06 4.48
CA VAL A 104 -3.50 5.66 4.04
C VAL A 104 -4.90 5.10 4.19
N GLU A 105 -5.39 5.07 5.42
CA GLU A 105 -6.73 4.55 5.69
C GLU A 105 -7.76 5.16 4.73
N PRO A 106 -8.22 4.33 3.78
CA PRO A 106 -9.20 4.76 2.78
C PRO A 106 -10.58 5.00 3.39
N GLU A 107 -11.07 6.23 3.28
CA GLU A 107 -12.37 6.59 3.81
C GLU A 107 -13.45 5.65 3.28
N ASN A 108 -13.38 5.33 1.99
CA ASN A 108 -14.36 4.44 1.38
C ASN A 108 -14.51 3.16 2.17
N ALA A 109 -13.38 2.63 2.66
CA ALA A 109 -13.39 1.40 3.44
C ALA A 109 -14.06 1.62 4.79
N VAL A 110 -13.90 2.81 5.36
CA VAL A 110 -14.49 3.14 6.64
C VAL A 110 -15.98 2.86 6.65
N THR A 111 -16.60 2.91 5.48
CA THR A 111 -18.03 2.66 5.34
C THR A 111 -18.31 1.17 5.21
N ILE A 112 -19.12 0.64 6.12
CA ILE A 112 -19.48 -0.77 6.09
C ILE A 112 -20.71 -1.02 5.21
N THR A 113 -20.49 -1.05 3.90
CA THR A 113 -21.56 -1.28 2.95
C THR A 113 -21.23 -2.41 1.99
N PRO A 114 -22.26 -3.07 1.47
CA PRO A 114 -22.09 -4.19 0.53
C PRO A 114 -21.59 -3.72 -0.83
N LEU A 115 -21.40 -4.67 -1.74
CA LEU A 115 -20.91 -4.37 -3.08
C LEU A 115 -20.93 -5.61 -3.97
N ARG A 116 -22.02 -5.79 -4.71
CA ARG A 116 -22.15 -6.94 -5.60
C ARG A 116 -22.33 -6.49 -7.04
N GLY A 1 12.21 13.51 7.95
CA GLY A 1 11.14 14.12 8.73
C GLY A 1 10.95 13.45 10.08
N ALA A 2 10.54 14.22 11.07
CA ALA A 2 10.32 13.70 12.41
C ALA A 2 9.81 14.78 13.35
N MET A 3 9.68 14.44 14.63
CA MET A 3 9.20 15.38 15.63
C MET A 3 7.77 15.81 15.34
N GLY A 4 6.92 14.85 14.99
CA GLY A 4 5.54 15.14 14.69
C GLY A 4 4.73 13.90 14.37
N ALA A 5 3.66 13.69 15.13
CA ALA A 5 2.79 12.53 14.93
C ALA A 5 1.34 12.86 15.24
N PRO A 6 0.70 13.62 14.34
CA PRO A 6 -0.70 14.02 14.50
C PRO A 6 -1.66 12.84 14.35
N ALA A 7 -1.48 12.07 13.29
CA ALA A 7 -2.32 10.91 13.03
C ALA A 7 -1.90 9.72 13.88
N ARG A 8 -2.53 9.57 15.04
CA ARG A 8 -2.21 8.46 15.95
C ARG A 8 -3.45 7.63 16.24
N ILE A 9 -3.97 6.96 15.21
CA ILE A 9 -5.15 6.13 15.37
C ILE A 9 -4.77 4.67 15.58
N GLU A 10 -5.72 3.89 16.10
CA GLU A 10 -5.49 2.47 16.35
C GLU A 10 -4.85 1.79 15.13
N GLU A 11 -4.11 0.72 15.37
CA GLU A 11 -3.46 -0.01 14.29
C GLU A 11 -4.37 -1.11 13.75
N GLU A 12 -4.17 -1.49 12.50
CA GLU A 12 -4.97 -2.53 11.87
C GLU A 12 -4.24 -3.88 11.92
N GLU A 13 -2.97 -3.88 11.54
CA GLU A 13 -2.18 -5.10 11.55
C GLU A 13 -2.67 -6.08 10.49
N LEU A 14 -2.51 -5.69 9.22
CA LEU A 14 -2.94 -6.54 8.11
C LEU A 14 -1.76 -6.90 7.21
N THR A 15 -1.20 -8.08 7.42
CA THR A 15 -0.06 -8.54 6.62
C THR A 15 -0.52 -9.39 5.45
N LEU A 16 -0.05 -9.05 4.26
CA LEU A 16 -0.41 -9.79 3.06
C LEU A 16 0.83 -10.20 2.26
N THR A 17 0.71 -11.28 1.50
CA THR A 17 1.82 -11.76 0.70
C THR A 17 1.47 -11.76 -0.79
N ILE A 18 2.22 -10.97 -1.55
CA ILE A 18 1.98 -10.87 -2.99
C ILE A 18 3.10 -11.57 -3.78
N LEU A 19 2.81 -12.76 -4.28
CA LEU A 19 3.78 -13.52 -5.06
C LEU A 19 3.79 -13.09 -6.51
N ARG A 20 4.67 -13.69 -7.30
CA ARG A 20 4.78 -13.36 -8.72
C ARG A 20 3.44 -13.56 -9.43
N GLN A 21 3.33 -13.04 -10.64
CA GLN A 21 2.11 -13.17 -11.43
C GLN A 21 2.37 -13.93 -12.72
N THR A 22 1.30 -14.46 -13.32
CA THR A 22 1.41 -15.21 -14.56
C THR A 22 0.27 -14.89 -15.50
N GLY A 23 0.60 -14.33 -16.67
CA GLY A 23 -0.42 -13.98 -17.65
C GLY A 23 -1.23 -12.77 -17.23
N GLY A 24 -1.80 -12.07 -18.21
CA GLY A 24 -2.60 -10.90 -17.92
C GLY A 24 -1.75 -9.65 -17.77
N LEU A 25 -2.27 -8.66 -17.06
CA LEU A 25 -1.55 -7.41 -16.85
C LEU A 25 -0.84 -7.41 -15.51
N GLY A 26 -1.55 -7.84 -14.46
CA GLY A 26 -0.97 -7.88 -13.14
C GLY A 26 -1.54 -6.82 -12.21
N ILE A 27 -0.70 -5.87 -11.82
CA ILE A 27 -1.14 -4.80 -10.92
C ILE A 27 -0.67 -3.44 -11.44
N SER A 28 -0.98 -2.39 -10.68
CA SER A 28 -0.59 -1.04 -11.06
C SER A 28 -0.13 -0.24 -9.84
N ILE A 29 0.53 -0.93 -8.92
CA ILE A 29 1.03 -0.29 -7.70
C ILE A 29 1.85 0.95 -8.03
N ALA A 30 1.56 2.05 -7.35
CA ALA A 30 2.28 3.30 -7.57
C ALA A 30 1.71 4.42 -6.70
N GLY A 31 2.59 5.07 -5.94
CA GLY A 31 2.16 6.15 -5.07
C GLY A 31 2.06 7.47 -5.80
N GLY A 32 3.21 8.04 -6.14
CA GLY A 32 3.23 9.32 -6.83
C GLY A 32 2.72 10.46 -5.98
N LYS A 33 3.60 11.38 -5.64
CA LYS A 33 3.23 12.53 -4.81
C LYS A 33 4.43 13.45 -4.59
N GLY A 34 5.32 13.07 -3.67
CA GLY A 34 6.49 13.87 -3.38
C GLY A 34 6.17 15.07 -2.53
N SER A 35 5.53 14.83 -1.39
CA SER A 35 5.16 15.90 -0.47
C SER A 35 5.65 15.60 0.94
N THR A 36 5.72 16.63 1.77
CA THR A 36 6.17 16.48 3.15
C THR A 36 5.49 15.30 3.82
N PRO A 37 6.16 14.73 4.83
CA PRO A 37 5.63 13.58 5.58
C PRO A 37 4.44 13.94 6.45
N TYR A 38 3.40 13.13 6.40
CA TYR A 38 2.19 13.36 7.18
C TYR A 38 2.51 13.34 8.68
N LYS A 39 3.04 12.21 9.14
CA LYS A 39 3.39 12.07 10.56
C LYS A 39 4.89 11.89 10.73
N GLY A 40 5.66 12.48 9.82
CA GLY A 40 7.11 12.39 9.90
C GLY A 40 7.66 11.30 9.01
N ASP A 41 6.86 10.27 8.77
CA ASP A 41 7.28 9.16 7.92
C ASP A 41 6.07 8.38 7.41
N ASP A 42 5.50 8.85 6.30
CA ASP A 42 4.34 8.21 5.70
C ASP A 42 3.99 8.86 4.37
N GLU A 43 3.61 8.02 3.39
CA GLU A 43 3.24 8.51 2.07
C GLU A 43 1.93 7.90 1.60
N GLY A 44 1.73 6.62 1.94
CA GLY A 44 0.52 5.93 1.54
C GLY A 44 0.49 5.63 0.06
N ILE A 45 0.58 4.35 -0.29
CA ILE A 45 0.56 3.93 -1.69
C ILE A 45 -0.87 3.70 -2.17
N PHE A 46 -1.13 4.05 -3.42
CA PHE A 46 -2.46 3.87 -4.00
C PHE A 46 -2.38 3.05 -5.29
N ILE A 47 -3.04 1.90 -5.29
CA ILE A 47 -3.04 1.02 -6.45
C ILE A 47 -4.42 0.98 -7.10
N SER A 48 -4.55 0.23 -8.18
CA SER A 48 -5.81 0.11 -8.90
C SER A 48 -5.71 -0.93 -10.01
N ARG A 49 -6.05 -2.17 -9.70
CA ARG A 49 -6.00 -3.26 -10.67
C ARG A 49 -6.33 -4.59 -10.02
N VAL A 50 -7.60 -4.96 -10.04
CA VAL A 50 -8.05 -6.22 -9.46
C VAL A 50 -7.72 -7.40 -10.35
N SER A 51 -7.25 -8.49 -9.76
CA SER A 51 -6.90 -9.68 -10.51
C SER A 51 -7.97 -10.76 -10.36
N GLU A 52 -7.90 -11.78 -11.22
CA GLU A 52 -8.86 -12.87 -11.19
C GLU A 52 -8.57 -13.81 -10.02
N GLU A 53 -8.51 -13.26 -8.81
CA GLU A 53 -8.24 -14.05 -7.62
C GLU A 53 -6.81 -14.59 -7.65
N GLY A 54 -5.85 -13.70 -7.86
CA GLY A 54 -4.46 -14.12 -7.90
C GLY A 54 -3.63 -13.46 -6.82
N PRO A 55 -2.45 -14.04 -6.54
CA PRO A 55 -1.53 -13.53 -5.52
C PRO A 55 -0.90 -12.20 -5.93
N ALA A 56 -1.20 -11.75 -7.14
CA ALA A 56 -0.67 -10.49 -7.64
C ALA A 56 -1.24 -9.30 -6.87
N ALA A 57 -2.45 -9.46 -6.37
CA ALA A 57 -3.11 -8.40 -5.60
C ALA A 57 -4.17 -8.97 -4.67
N ARG A 58 -5.02 -9.84 -5.21
CA ARG A 58 -6.09 -10.46 -4.43
C ARG A 58 -5.52 -11.11 -3.18
N ALA A 59 -4.23 -11.42 -3.20
CA ALA A 59 -3.57 -12.05 -2.06
C ALA A 59 -3.82 -11.26 -0.78
N GLY A 60 -4.12 -9.98 -0.93
CA GLY A 60 -4.37 -9.14 0.23
C GLY A 60 -5.05 -7.83 -0.14
N VAL A 61 -4.60 -7.23 -1.23
CA VAL A 61 -5.17 -5.96 -1.69
C VAL A 61 -6.29 -6.20 -2.69
N ARG A 62 -7.09 -5.17 -2.94
CA ARG A 62 -8.20 -5.26 -3.89
C ARG A 62 -7.97 -4.36 -5.10
N VAL A 63 -8.17 -3.06 -4.90
CA VAL A 63 -7.98 -2.09 -5.97
C VAL A 63 -7.59 -0.72 -5.42
N GLY A 64 -6.65 -0.73 -4.47
CA GLY A 64 -6.20 0.52 -3.87
C GLY A 64 -6.19 0.46 -2.35
N ASP A 65 -5.39 -0.45 -1.81
CA ASP A 65 -5.30 -0.61 -0.36
C ASP A 65 -4.41 0.48 0.25
N LYS A 66 -4.70 0.86 1.48
CA LYS A 66 -3.93 1.88 2.17
C LYS A 66 -2.73 1.27 2.90
N LEU A 67 -1.74 0.84 2.14
CA LEU A 67 -0.55 0.23 2.71
C LEU A 67 0.45 1.30 3.14
N LEU A 68 1.35 0.93 4.05
CA LEU A 68 2.36 1.86 4.55
C LEU A 68 3.76 1.39 4.16
N GLU A 69 4.08 0.16 4.53
CA GLU A 69 5.39 -0.41 4.23
C GLU A 69 5.28 -1.46 3.12
N VAL A 70 6.27 -1.46 2.23
CA VAL A 70 6.30 -2.41 1.12
C VAL A 70 7.46 -3.39 1.25
N ASN A 71 7.14 -4.67 1.43
CA ASN A 71 8.16 -5.70 1.57
C ASN A 71 9.11 -5.37 2.72
N GLY A 72 8.59 -4.74 3.76
CA GLY A 72 9.40 -4.37 4.90
C GLY A 72 10.04 -3.01 4.74
N VAL A 73 9.83 -2.38 3.59
CA VAL A 73 10.40 -1.07 3.32
C VAL A 73 9.35 0.03 3.48
N ALA A 74 9.51 0.83 4.54
CA ALA A 74 8.58 1.91 4.82
C ALA A 74 8.44 2.83 3.60
N LEU A 75 7.19 3.10 3.21
CA LEU A 75 6.91 3.96 2.07
C LEU A 75 7.18 5.42 2.41
N GLN A 76 7.56 5.67 3.66
CA GLN A 76 7.84 7.03 4.12
C GLN A 76 8.81 7.73 3.17
N GLY A 77 8.29 8.71 2.42
CA GLY A 77 9.13 9.44 1.49
C GLY A 77 9.09 8.84 0.09
N ALA A 78 8.85 7.54 0.00
CA ALA A 78 8.78 6.86 -1.27
C ALA A 78 7.64 7.40 -2.13
N GLU A 79 7.90 7.55 -3.42
CA GLU A 79 6.89 8.06 -4.35
C GLU A 79 6.35 6.94 -5.22
N HIS A 80 7.07 6.61 -6.27
CA HIS A 80 6.66 5.55 -7.19
C HIS A 80 7.80 4.57 -7.44
N HIS A 81 8.97 5.10 -7.76
CA HIS A 81 10.15 4.26 -8.02
C HIS A 81 10.72 3.71 -6.72
N GLU A 82 10.48 4.41 -5.63
CA GLU A 82 10.97 3.99 -4.32
C GLU A 82 10.19 2.78 -3.81
N ALA A 83 8.91 2.73 -4.15
CA ALA A 83 8.05 1.63 -3.74
C ALA A 83 8.23 0.42 -4.65
N VAL A 84 8.59 0.68 -5.91
CA VAL A 84 8.79 -0.40 -6.88
C VAL A 84 10.11 -1.11 -6.64
N GLU A 85 11.16 -0.34 -6.35
CA GLU A 85 12.48 -0.91 -6.10
C GLU A 85 12.41 -2.05 -5.10
N ALA A 86 11.53 -1.90 -4.11
CA ALA A 86 11.36 -2.92 -3.08
C ALA A 86 10.63 -4.14 -3.63
N LEU A 87 9.70 -3.91 -4.54
CA LEU A 87 8.92 -4.98 -5.15
C LEU A 87 9.71 -5.65 -6.27
N ARG A 88 10.80 -5.00 -6.68
CA ARG A 88 11.64 -5.54 -7.75
C ARG A 88 11.99 -7.00 -7.48
N GLY A 89 12.80 -7.23 -6.46
CA GLY A 89 13.20 -8.58 -6.12
C GLY A 89 12.11 -9.35 -5.41
N ALA A 90 11.21 -8.63 -4.75
CA ALA A 90 10.10 -9.25 -4.02
C ALA A 90 9.02 -9.71 -4.98
N GLY A 91 9.19 -9.41 -6.27
CA GLY A 91 8.22 -9.80 -7.27
C GLY A 91 7.69 -11.20 -7.05
N THR A 92 8.58 -12.10 -6.64
CA THR A 92 8.21 -13.49 -6.40
C THR A 92 7.47 -13.64 -5.07
N ALA A 93 7.82 -12.80 -4.10
CA ALA A 93 7.20 -12.84 -2.78
C ALA A 93 7.30 -11.49 -2.09
N VAL A 94 6.22 -10.71 -2.15
CA VAL A 94 6.19 -9.39 -1.53
C VAL A 94 5.39 -9.42 -0.23
N GLN A 95 5.83 -8.64 0.75
CA GLN A 95 5.16 -8.57 2.04
C GLN A 95 4.79 -7.13 2.39
N MET A 96 3.57 -6.73 2.04
CA MET A 96 3.10 -5.38 2.31
C MET A 96 2.14 -5.37 3.50
N ARG A 97 2.12 -4.28 4.24
CA ARG A 97 1.25 -4.14 5.40
C ARG A 97 0.26 -2.99 5.20
N VAL A 98 -0.93 -3.15 5.77
CA VAL A 98 -1.97 -2.13 5.67
C VAL A 98 -2.23 -1.48 7.02
N TRP A 99 -2.02 -0.16 7.08
CA TRP A 99 -2.24 0.58 8.31
C TRP A 99 -3.38 1.58 8.16
N ARG A 100 -4.45 1.37 8.90
CA ARG A 100 -5.62 2.25 8.84
C ARG A 100 -5.36 3.54 9.61
N GLU A 101 -4.70 4.49 8.95
CA GLU A 101 -4.40 5.77 9.58
C GLU A 101 -5.34 6.86 9.07
N ARG A 102 -5.08 8.10 9.48
CA ARG A 102 -5.90 9.23 9.06
C ARG A 102 -5.27 9.96 7.88
N MET A 103 -4.56 9.21 7.05
CA MET A 103 -3.90 9.79 5.88
C MET A 103 -4.10 8.90 4.65
N VAL A 104 -3.24 7.90 4.50
CA VAL A 104 -3.32 6.98 3.37
C VAL A 104 -4.72 6.38 3.25
N GLU A 105 -5.44 6.34 4.37
CA GLU A 105 -6.79 5.79 4.39
C GLU A 105 -7.82 6.90 4.53
N PRO A 106 -8.37 7.34 3.38
CA PRO A 106 -9.38 8.40 3.34
C PRO A 106 -10.71 7.95 3.92
N GLU A 107 -11.68 8.87 3.95
CA GLU A 107 -13.01 8.56 4.48
C GLU A 107 -13.77 7.65 3.53
N ASN A 108 -13.79 8.01 2.25
CA ASN A 108 -14.49 7.22 1.25
C ASN A 108 -14.07 5.75 1.31
N ALA A 109 -12.79 5.52 1.60
CA ALA A 109 -12.26 4.17 1.70
C ALA A 109 -12.72 3.49 2.99
N VAL A 110 -12.78 4.28 4.07
CA VAL A 110 -13.20 3.75 5.37
C VAL A 110 -14.54 3.04 5.26
N THR A 111 -15.34 3.42 4.28
CA THR A 111 -16.65 2.82 4.07
C THR A 111 -16.54 1.54 3.25
N ILE A 112 -16.92 0.42 3.85
CA ILE A 112 -16.87 -0.87 3.17
C ILE A 112 -18.13 -1.12 2.35
N THR A 113 -18.20 -0.48 1.18
CA THR A 113 -19.36 -0.64 0.31
C THR A 113 -18.93 -1.07 -1.09
N PRO A 114 -18.80 -2.39 -1.29
CA PRO A 114 -18.40 -2.95 -2.58
C PRO A 114 -19.48 -2.81 -3.65
N LEU A 115 -19.27 -3.44 -4.78
CA LEU A 115 -20.23 -3.37 -5.89
C LEU A 115 -21.08 -4.65 -5.94
N ARG A 116 -20.44 -5.75 -6.33
CA ARG A 116 -21.13 -7.03 -6.43
C ARG A 116 -21.25 -7.70 -5.07
N GLY A 1 7.61 15.38 10.40
CA GLY A 1 6.64 15.68 11.43
C GLY A 1 5.25 15.91 10.87
N ALA A 2 4.28 16.07 11.77
CA ALA A 2 2.89 16.30 11.36
C ALA A 2 2.78 17.55 10.49
N MET A 3 2.55 17.35 9.20
CA MET A 3 2.42 18.47 8.27
C MET A 3 1.00 18.54 7.70
N GLY A 4 0.38 17.38 7.50
CA GLY A 4 -0.97 17.34 6.98
C GLY A 4 -1.93 16.63 7.91
N ALA A 5 -2.75 15.75 7.35
CA ALA A 5 -3.72 15.00 8.14
C ALA A 5 -3.06 14.33 9.34
N PRO A 6 -3.87 13.98 10.35
CA PRO A 6 -3.39 13.33 11.57
C PRO A 6 -2.91 11.90 11.31
N ALA A 7 -3.74 11.13 10.63
CA ALA A 7 -3.41 9.74 10.31
C ALA A 7 -2.80 9.04 11.53
N ARG A 8 -3.37 9.30 12.70
CA ARG A 8 -2.88 8.69 13.94
C ARG A 8 -4.00 7.92 14.64
N ILE A 9 -4.45 6.84 14.01
CA ILE A 9 -5.51 6.02 14.58
C ILE A 9 -5.01 4.61 14.90
N GLU A 10 -5.76 3.89 15.72
CA GLU A 10 -5.39 2.54 16.10
C GLU A 10 -5.01 1.71 14.88
N GLU A 11 -4.39 0.56 15.12
CA GLU A 11 -3.97 -0.32 14.04
C GLU A 11 -4.96 -1.47 13.84
N GLU A 12 -4.97 -2.03 12.64
CA GLU A 12 -5.87 -3.13 12.32
C GLU A 12 -5.09 -4.38 11.93
N GLU A 13 -3.91 -4.19 11.37
CA GLU A 13 -3.07 -5.30 10.96
C GLU A 13 -3.60 -5.95 9.69
N LEU A 14 -2.99 -5.61 8.56
CA LEU A 14 -3.42 -6.15 7.28
C LEU A 14 -2.22 -6.71 6.50
N THR A 15 -2.01 -8.02 6.61
CA THR A 15 -0.89 -8.67 5.93
C THR A 15 -1.35 -9.29 4.61
N LEU A 16 -0.64 -8.99 3.53
CA LEU A 16 -0.97 -9.52 2.22
C LEU A 16 0.27 -10.06 1.53
N THR A 17 0.07 -11.02 0.63
CA THR A 17 1.17 -11.63 -0.11
C THR A 17 0.96 -11.50 -1.62
N ILE A 18 1.91 -10.85 -2.29
CA ILE A 18 1.83 -10.67 -3.73
C ILE A 18 2.92 -11.44 -4.46
N LEU A 19 2.53 -12.56 -5.06
CA LEU A 19 3.48 -13.40 -5.79
C LEU A 19 3.70 -12.87 -7.21
N ARG A 20 4.57 -13.54 -7.96
CA ARG A 20 4.86 -13.15 -9.33
C ARG A 20 3.59 -13.14 -10.17
N GLN A 21 3.68 -12.52 -11.35
CA GLN A 21 2.53 -12.45 -12.25
C GLN A 21 2.25 -13.80 -12.92
N THR A 22 3.33 -14.54 -13.20
CA THR A 22 3.20 -15.84 -13.82
C THR A 22 2.36 -15.76 -15.10
N GLY A 23 2.48 -14.65 -15.82
CA GLY A 23 1.72 -14.48 -17.03
C GLY A 23 1.22 -13.06 -17.20
N GLY A 24 -0.08 -12.91 -17.48
CA GLY A 24 -0.65 -11.60 -17.66
C GLY A 24 -1.22 -11.03 -16.38
N LEU A 25 -0.37 -10.91 -15.36
CA LEU A 25 -0.78 -10.37 -14.07
C LEU A 25 0.12 -9.22 -13.64
N GLY A 26 0.13 -8.15 -14.43
CA GLY A 26 0.95 -7.00 -14.12
C GLY A 26 0.25 -6.02 -13.19
N ILE A 27 0.92 -4.93 -12.87
CA ILE A 27 0.36 -3.91 -11.98
C ILE A 27 0.99 -2.55 -12.24
N SER A 28 0.52 -1.54 -11.51
CA SER A 28 1.03 -0.19 -11.67
C SER A 28 1.27 0.46 -10.31
N ILE A 29 1.82 -0.31 -9.38
CA ILE A 29 2.11 0.19 -8.03
C ILE A 29 3.39 1.00 -8.01
N ALA A 30 3.48 1.93 -7.06
CA ALA A 30 4.66 2.78 -6.94
C ALA A 30 4.89 3.60 -8.20
N GLY A 31 4.07 4.62 -8.39
CA GLY A 31 4.21 5.47 -9.56
C GLY A 31 5.18 6.61 -9.34
N GLY A 32 5.27 7.09 -8.11
CA GLY A 32 6.17 8.18 -7.80
C GLY A 32 5.44 9.41 -7.29
N LYS A 33 5.92 9.98 -6.20
CA LYS A 33 5.31 11.17 -5.62
C LYS A 33 6.31 11.94 -4.77
N GLY A 34 6.53 11.48 -3.54
CA GLY A 34 7.47 12.15 -2.66
C GLY A 34 6.89 13.39 -2.02
N SER A 35 6.10 13.21 -0.98
CA SER A 35 5.47 14.33 -0.28
C SER A 35 5.75 14.26 1.22
N THR A 36 5.64 15.41 1.89
CA THR A 36 5.88 15.49 3.32
C THR A 36 5.11 14.39 4.05
N PRO A 37 5.62 14.00 5.24
CA PRO A 37 4.99 12.97 6.07
C PRO A 37 3.68 13.43 6.67
N TYR A 38 2.64 12.60 6.54
CA TYR A 38 1.32 12.92 7.07
C TYR A 38 1.33 12.88 8.60
N LYS A 39 1.72 11.74 9.15
CA LYS A 39 1.77 11.58 10.60
C LYS A 39 3.21 11.53 11.10
N GLY A 40 4.11 12.21 10.39
CA GLY A 40 5.50 12.23 10.76
C GLY A 40 6.31 11.16 10.04
N ASP A 41 5.65 10.07 9.66
CA ASP A 41 6.31 8.99 8.96
C ASP A 41 5.30 8.13 8.21
N ASP A 42 4.95 8.55 7.00
CA ASP A 42 4.00 7.82 6.18
C ASP A 42 3.94 8.40 4.77
N GLU A 43 3.79 7.53 3.78
CA GLU A 43 3.72 7.96 2.39
C GLU A 43 2.53 7.32 1.68
N GLY A 44 2.19 6.10 2.09
CA GLY A 44 1.07 5.40 1.48
C GLY A 44 1.24 5.21 -0.01
N ILE A 45 1.75 4.05 -0.40
CA ILE A 45 1.97 3.74 -1.81
C ILE A 45 0.66 3.77 -2.59
N PHE A 46 0.65 4.46 -3.72
CA PHE A 46 -0.54 4.57 -4.55
C PHE A 46 -0.44 3.64 -5.76
N ILE A 47 -1.51 2.92 -6.04
CA ILE A 47 -1.55 1.99 -7.16
C ILE A 47 -2.88 2.08 -7.90
N SER A 48 -2.96 1.40 -9.04
CA SER A 48 -4.18 1.39 -9.84
C SER A 48 -4.05 0.43 -11.02
N ARG A 49 -4.49 -0.81 -10.80
CA ARG A 49 -4.43 -1.84 -11.84
C ARG A 49 -4.91 -3.19 -11.30
N VAL A 50 -6.22 -3.37 -11.27
CA VAL A 50 -6.81 -4.61 -10.78
C VAL A 50 -6.58 -5.75 -11.77
N SER A 51 -6.26 -6.94 -11.24
CA SER A 51 -6.02 -8.11 -12.08
C SER A 51 -7.25 -9.00 -12.11
N GLU A 52 -7.24 -9.95 -13.04
CA GLU A 52 -8.35 -10.89 -13.18
C GLU A 52 -8.33 -11.94 -12.07
N GLU A 53 -8.33 -11.47 -10.82
CA GLU A 53 -8.31 -12.37 -9.67
C GLU A 53 -6.95 -13.07 -9.57
N GLY A 54 -5.89 -12.28 -9.46
CA GLY A 54 -4.56 -12.85 -9.35
C GLY A 54 -3.81 -12.33 -8.13
N PRO A 55 -2.75 -13.05 -7.73
CA PRO A 55 -1.93 -12.68 -6.58
C PRO A 55 -1.11 -11.41 -6.83
N ALA A 56 -1.17 -10.91 -8.06
CA ALA A 56 -0.44 -9.71 -8.42
C ALA A 56 -1.01 -8.48 -7.72
N ALA A 57 -2.30 -8.52 -7.40
CA ALA A 57 -2.96 -7.42 -6.73
C ALA A 57 -4.13 -7.91 -5.88
N ARG A 58 -5.03 -8.66 -6.51
CA ARG A 58 -6.19 -9.19 -5.81
C ARG A 58 -5.77 -9.92 -4.53
N ALA A 59 -4.52 -10.35 -4.47
CA ALA A 59 -3.99 -11.05 -3.31
C ALA A 59 -4.25 -10.26 -2.04
N GLY A 60 -4.43 -8.95 -2.18
CA GLY A 60 -4.67 -8.11 -1.02
C GLY A 60 -4.92 -6.66 -1.40
N VAL A 61 -4.02 -6.10 -2.21
CA VAL A 61 -4.13 -4.72 -2.65
C VAL A 61 -5.54 -4.43 -3.19
N ARG A 62 -6.01 -3.21 -2.96
CA ARG A 62 -7.33 -2.81 -3.42
C ARG A 62 -7.24 -1.66 -4.42
N VAL A 63 -6.52 -1.89 -5.51
CA VAL A 63 -6.34 -0.88 -6.55
C VAL A 63 -6.25 0.52 -5.94
N GLY A 64 -5.32 0.69 -5.00
CA GLY A 64 -5.14 1.98 -4.35
C GLY A 64 -4.97 1.85 -2.85
N ASP A 65 -4.03 1.01 -2.43
CA ASP A 65 -3.76 0.80 -1.02
C ASP A 65 -2.50 1.54 -0.59
N LYS A 66 -2.68 2.57 0.24
CA LYS A 66 -1.57 3.36 0.73
C LYS A 66 -0.81 2.62 1.82
N LEU A 67 -0.31 1.43 1.48
CA LEU A 67 0.44 0.62 2.44
C LEU A 67 1.55 1.43 3.10
N LEU A 68 2.21 0.84 4.09
CA LEU A 68 3.29 1.51 4.80
C LEU A 68 4.63 0.86 4.48
N GLU A 69 4.78 -0.40 4.88
CA GLU A 69 6.02 -1.13 4.63
C GLU A 69 5.86 -2.08 3.44
N VAL A 70 6.83 -2.07 2.54
CA VAL A 70 6.79 -2.92 1.36
C VAL A 70 7.85 -4.03 1.46
N ASN A 71 7.39 -5.27 1.50
CA ASN A 71 8.29 -6.42 1.59
C ASN A 71 9.22 -6.27 2.78
N GLY A 72 8.74 -5.66 3.85
CA GLY A 72 9.55 -5.46 5.03
C GLY A 72 10.37 -4.19 4.97
N VAL A 73 10.08 -3.34 4.00
CA VAL A 73 10.80 -2.08 3.83
C VAL A 73 9.87 -0.90 4.04
N ALA A 74 10.03 -0.21 5.17
CA ALA A 74 9.21 0.95 5.49
C ALA A 74 9.25 1.98 4.36
N LEU A 75 8.08 2.35 3.87
CA LEU A 75 7.99 3.32 2.79
C LEU A 75 8.36 4.72 3.28
N GLN A 76 8.57 4.84 4.58
CA GLN A 76 8.94 6.13 5.17
C GLN A 76 10.08 6.78 4.41
N GLY A 77 9.77 7.84 3.67
CA GLY A 77 10.78 8.53 2.89
C GLY A 77 10.87 8.01 1.47
N ALA A 78 10.56 6.73 1.28
CA ALA A 78 10.61 6.12 -0.04
C ALA A 78 9.71 6.85 -1.02
N GLU A 79 10.14 6.92 -2.28
CA GLU A 79 9.37 7.60 -3.31
C GLU A 79 8.77 6.59 -4.29
N HIS A 80 9.57 6.17 -5.26
CA HIS A 80 9.12 5.22 -6.26
C HIS A 80 10.13 4.08 -6.42
N HIS A 81 11.40 4.44 -6.59
CA HIS A 81 12.46 3.46 -6.75
C HIS A 81 12.75 2.76 -5.43
N GLU A 82 12.44 3.43 -4.33
CA GLU A 82 12.67 2.87 -2.99
C GLU A 82 11.66 1.77 -2.69
N ALA A 83 10.45 1.94 -3.18
CA ALA A 83 9.39 0.96 -2.95
C ALA A 83 9.50 -0.20 -3.94
N VAL A 84 10.03 0.08 -5.13
CA VAL A 84 10.19 -0.94 -6.15
C VAL A 84 11.37 -1.85 -5.85
N GLU A 85 12.46 -1.24 -5.37
CA GLU A 85 13.65 -2.00 -5.04
C GLU A 85 13.32 -3.22 -4.18
N ALA A 86 12.36 -3.05 -3.27
CA ALA A 86 11.95 -4.13 -2.39
C ALA A 86 11.14 -5.18 -3.16
N LEU A 87 10.38 -4.74 -4.14
CA LEU A 87 9.57 -5.64 -4.96
C LEU A 87 10.42 -6.35 -6.00
N ARG A 88 11.62 -5.83 -6.24
CA ARG A 88 12.54 -6.41 -7.20
C ARG A 88 12.66 -7.92 -7.01
N GLY A 89 13.30 -8.31 -5.90
CA GLY A 89 13.47 -9.72 -5.61
C GLY A 89 12.21 -10.36 -5.06
N ALA A 90 11.35 -9.54 -4.46
CA ALA A 90 10.11 -10.04 -3.88
C ALA A 90 9.07 -10.30 -4.97
N GLY A 91 9.42 -9.98 -6.22
CA GLY A 91 8.51 -10.19 -7.32
C GLY A 91 7.80 -11.52 -7.24
N THR A 92 8.52 -12.55 -6.82
CA THR A 92 7.95 -13.88 -6.70
C THR A 92 7.08 -14.00 -5.45
N ALA A 93 7.45 -13.28 -4.41
CA ALA A 93 6.70 -13.29 -3.16
C ALA A 93 6.90 -11.99 -2.38
N VAL A 94 5.94 -11.08 -2.49
CA VAL A 94 6.01 -9.81 -1.79
C VAL A 94 5.15 -9.81 -0.54
N GLN A 95 5.62 -9.15 0.51
CA GLN A 95 4.88 -9.07 1.77
C GLN A 95 4.71 -7.62 2.21
N MET A 96 3.57 -7.03 1.84
CA MET A 96 3.27 -5.65 2.20
C MET A 96 2.22 -5.60 3.31
N ARG A 97 2.31 -4.56 4.14
CA ARG A 97 1.36 -4.38 5.24
C ARG A 97 0.56 -3.10 5.06
N VAL A 98 -0.73 -3.17 5.39
CA VAL A 98 -1.61 -2.01 5.26
C VAL A 98 -2.03 -1.49 6.63
N TRP A 99 -1.64 -0.26 6.94
CA TRP A 99 -1.98 0.35 8.22
C TRP A 99 -3.19 1.27 8.08
N ARG A 100 -4.22 1.00 8.87
CA ARG A 100 -5.44 1.80 8.84
C ARG A 100 -5.16 3.24 9.26
N GLU A 101 -4.80 4.07 8.29
CA GLU A 101 -4.51 5.48 8.57
C GLU A 101 -5.48 6.39 7.83
N ARG A 102 -5.20 7.70 7.87
CA ARG A 102 -6.04 8.68 7.21
C ARG A 102 -5.82 8.65 5.69
N MET A 103 -4.88 7.82 5.25
CA MET A 103 -4.58 7.71 3.83
C MET A 103 -5.22 6.46 3.24
N VAL A 104 -4.52 5.34 3.31
CA VAL A 104 -5.02 4.08 2.78
C VAL A 104 -6.45 3.82 3.26
N GLU A 105 -6.79 4.36 4.42
CA GLU A 105 -8.12 4.19 4.99
C GLU A 105 -8.86 5.52 5.06
N PRO A 106 -9.66 5.81 4.04
CA PRO A 106 -10.44 7.06 3.97
C PRO A 106 -11.57 7.09 4.99
N GLU A 107 -12.13 8.28 5.20
CA GLU A 107 -13.23 8.45 6.16
C GLU A 107 -14.40 7.54 5.80
N ASN A 108 -14.72 7.47 4.51
CA ASN A 108 -15.83 6.65 4.04
C ASN A 108 -15.67 5.20 4.51
N ALA A 109 -14.43 4.72 4.50
CA ALA A 109 -14.13 3.36 4.92
C ALA A 109 -14.31 3.19 6.43
N VAL A 110 -13.96 4.24 7.17
CA VAL A 110 -14.08 4.23 8.63
C VAL A 110 -15.48 3.81 9.05
N THR A 111 -16.45 4.07 8.20
CA THR A 111 -17.85 3.73 8.49
C THR A 111 -18.13 2.27 8.14
N ILE A 112 -18.58 1.51 9.13
CA ILE A 112 -18.89 0.10 8.92
C ILE A 112 -20.34 -0.08 8.49
N THR A 113 -20.61 0.18 7.22
CA THR A 113 -21.96 0.05 6.68
C THR A 113 -21.98 -0.83 5.44
N PRO A 114 -23.13 -1.48 5.19
CA PRO A 114 -23.30 -2.37 4.04
C PRO A 114 -23.33 -1.60 2.72
N LEU A 115 -23.68 -2.31 1.64
CA LEU A 115 -23.74 -1.69 0.32
C LEU A 115 -25.05 -2.05 -0.38
N ARG A 116 -25.28 -3.34 -0.55
CA ARG A 116 -26.49 -3.82 -1.21
C ARG A 116 -27.74 -3.23 -0.55
N GLY A 1 10.62 20.17 9.77
CA GLY A 1 10.00 19.62 10.95
C GLY A 1 8.60 20.14 11.17
N ALA A 2 7.74 19.98 10.16
CA ALA A 2 6.36 20.45 10.25
C ALA A 2 5.40 19.40 9.71
N MET A 3 5.01 18.45 10.56
CA MET A 3 4.10 17.39 10.18
C MET A 3 2.83 17.98 9.54
N GLY A 4 2.28 19.01 10.17
CA GLY A 4 1.09 19.63 9.66
C GLY A 4 -0.17 18.83 9.96
N ALA A 5 -0.28 17.67 9.35
CA ALA A 5 -1.44 16.80 9.56
C ALA A 5 -1.04 15.50 10.26
N PRO A 6 -0.72 15.61 11.56
CA PRO A 6 -0.32 14.46 12.37
C PRO A 6 -1.47 13.49 12.63
N ALA A 7 -1.42 12.33 11.98
CA ALA A 7 -2.45 11.32 12.14
C ALA A 7 -1.89 10.04 12.76
N ARG A 8 -2.24 9.79 14.01
CA ARG A 8 -1.77 8.60 14.71
C ARG A 8 -2.93 7.86 15.37
N ILE A 9 -3.59 7.01 14.60
CA ILE A 9 -4.72 6.24 15.11
C ILE A 9 -4.35 4.77 15.26
N GLU A 10 -5.11 4.07 16.09
CA GLU A 10 -4.86 2.64 16.33
C GLU A 10 -4.74 1.88 15.00
N GLU A 11 -3.58 1.26 14.79
CA GLU A 11 -3.34 0.51 13.57
C GLU A 11 -4.02 -0.85 13.63
N GLU A 12 -4.57 -1.28 12.50
CA GLU A 12 -5.27 -2.56 12.42
C GLU A 12 -4.27 -3.68 12.13
N GLU A 13 -3.23 -3.38 11.37
CA GLU A 13 -2.21 -4.36 11.02
C GLU A 13 -2.77 -5.39 10.04
N LEU A 14 -2.42 -5.24 8.77
CA LEU A 14 -2.89 -6.16 7.73
C LEU A 14 -1.72 -6.60 6.84
N THR A 15 -1.22 -7.80 7.10
CA THR A 15 -0.10 -8.34 6.32
C THR A 15 -0.62 -9.12 5.12
N LEU A 16 -0.07 -8.82 3.95
CA LEU A 16 -0.46 -9.49 2.71
C LEU A 16 0.76 -9.98 1.95
N THR A 17 0.56 -11.02 1.14
CA THR A 17 1.65 -11.60 0.36
C THR A 17 1.32 -11.57 -1.13
N ILE A 18 2.16 -10.89 -1.90
CA ILE A 18 1.96 -10.80 -3.35
C ILE A 18 3.02 -11.57 -4.10
N LEU A 19 2.64 -12.74 -4.61
CA LEU A 19 3.57 -13.59 -5.35
C LEU A 19 3.65 -13.15 -6.81
N ARG A 20 4.47 -13.85 -7.60
CA ARG A 20 4.63 -13.54 -9.01
C ARG A 20 3.29 -13.57 -9.73
N GLN A 21 3.25 -13.00 -10.94
CA GLN A 21 2.03 -12.97 -11.73
C GLN A 21 1.77 -14.31 -12.40
N THR A 22 0.71 -14.37 -13.19
CA THR A 22 0.34 -15.60 -13.88
C THR A 22 0.45 -15.44 -15.40
N GLY A 23 0.03 -14.27 -15.88
CA GLY A 23 0.09 -14.00 -17.30
C GLY A 23 -0.95 -12.98 -17.74
N GLY A 24 -0.66 -11.70 -17.51
CA GLY A 24 -1.58 -10.65 -17.88
C GLY A 24 -0.95 -9.27 -17.81
N LEU A 25 -1.64 -8.33 -17.19
CA LEU A 25 -1.15 -6.97 -17.06
C LEU A 25 -0.28 -6.83 -15.82
N GLY A 26 -0.79 -7.30 -14.68
CA GLY A 26 -0.05 -7.22 -13.44
C GLY A 26 -0.70 -6.28 -12.44
N ILE A 27 0.01 -5.22 -12.08
CA ILE A 27 -0.51 -4.25 -11.12
C ILE A 27 0.04 -2.85 -11.39
N SER A 28 -0.41 -1.87 -10.62
CA SER A 28 0.04 -0.50 -10.77
C SER A 28 0.28 0.16 -9.42
N ILE A 29 0.86 -0.61 -8.50
CA ILE A 29 1.15 -0.11 -7.16
C ILE A 29 2.35 0.82 -7.17
N ALA A 30 2.44 1.67 -6.14
CA ALA A 30 3.54 2.62 -6.04
C ALA A 30 3.53 3.60 -7.20
N GLY A 31 2.58 4.53 -7.18
CA GLY A 31 2.48 5.52 -8.23
C GLY A 31 3.61 6.54 -8.18
N GLY A 32 3.91 7.03 -6.98
CA GLY A 32 4.96 8.00 -6.82
C GLY A 32 4.45 9.35 -6.36
N LYS A 33 5.12 9.94 -5.37
CA LYS A 33 4.71 11.23 -4.84
C LYS A 33 5.90 11.94 -4.20
N GLY A 34 6.23 11.55 -2.97
CA GLY A 34 7.35 12.16 -2.27
C GLY A 34 6.97 13.47 -1.61
N SER A 35 6.06 13.39 -0.64
CA SER A 35 5.60 14.58 0.07
C SER A 35 5.88 14.45 1.57
N THR A 36 5.87 15.58 2.27
CA THR A 36 6.12 15.60 3.70
C THR A 36 5.35 14.48 4.40
N PRO A 37 5.92 13.95 5.48
CA PRO A 37 5.31 12.87 6.26
C PRO A 37 4.08 13.35 7.04
N TYR A 38 3.10 12.47 7.18
CA TYR A 38 1.87 12.79 7.90
C TYR A 38 2.14 12.95 9.40
N LYS A 39 2.67 11.89 10.00
CA LYS A 39 2.98 11.90 11.43
C LYS A 39 4.48 11.76 11.66
N GLY A 40 5.27 12.27 10.72
CA GLY A 40 6.72 12.20 10.84
C GLY A 40 7.32 11.13 9.96
N ASP A 41 6.57 10.06 9.72
CA ASP A 41 7.03 8.97 8.88
C ASP A 41 5.86 8.16 8.33
N ASP A 42 5.29 8.63 7.22
CA ASP A 42 4.16 7.95 6.60
C ASP A 42 3.78 8.61 5.28
N GLU A 43 3.47 7.80 4.27
CA GLU A 43 3.11 8.31 2.96
C GLU A 43 1.84 7.62 2.45
N GLY A 44 1.71 6.34 2.75
CA GLY A 44 0.55 5.59 2.31
C GLY A 44 0.53 5.37 0.81
N ILE A 45 1.26 4.36 0.36
CA ILE A 45 1.32 4.05 -1.07
C ILE A 45 -0.07 3.77 -1.64
N PHE A 46 -0.30 4.22 -2.86
CA PHE A 46 -1.59 4.01 -3.52
C PHE A 46 -1.44 3.12 -4.74
N ILE A 47 -2.50 2.40 -5.07
CA ILE A 47 -2.50 1.50 -6.23
C ILE A 47 -3.83 1.53 -6.96
N SER A 48 -3.90 0.81 -8.07
CA SER A 48 -5.13 0.75 -8.87
C SER A 48 -4.99 -0.25 -10.00
N ARG A 49 -5.40 -1.49 -9.75
CA ARG A 49 -5.32 -2.55 -10.75
C ARG A 49 -5.76 -3.88 -10.17
N VAL A 50 -7.06 -4.15 -10.23
CA VAL A 50 -7.61 -5.40 -9.70
C VAL A 50 -7.38 -6.54 -10.68
N SER A 51 -6.97 -7.70 -10.14
CA SER A 51 -6.71 -8.87 -10.97
C SER A 51 -7.87 -9.86 -10.87
N GLU A 52 -7.87 -10.84 -11.77
CA GLU A 52 -8.92 -11.85 -11.80
C GLU A 52 -8.73 -12.86 -10.66
N GLU A 53 -8.65 -12.35 -9.43
CA GLU A 53 -8.46 -13.21 -8.27
C GLU A 53 -7.08 -13.85 -8.28
N GLY A 54 -6.05 -13.03 -8.33
CA GLY A 54 -4.68 -13.53 -8.35
C GLY A 54 -3.83 -12.94 -7.24
N PRO A 55 -2.72 -13.64 -6.92
CA PRO A 55 -1.80 -13.19 -5.87
C PRO A 55 -1.03 -11.94 -6.26
N ALA A 56 -1.25 -11.48 -7.48
CA ALA A 56 -0.57 -10.29 -7.98
C ALA A 56 -1.13 -9.03 -7.34
N ALA A 57 -2.38 -9.10 -6.88
CA ALA A 57 -3.03 -7.97 -6.25
C ALA A 57 -4.12 -8.42 -5.28
N ARG A 58 -5.03 -9.25 -5.79
CA ARG A 58 -6.13 -9.75 -4.98
C ARG A 58 -5.61 -10.38 -3.68
N ALA A 59 -4.34 -10.77 -3.69
CA ALA A 59 -3.73 -11.37 -2.53
C ALA A 59 -3.89 -10.49 -1.29
N GLY A 60 -4.11 -9.20 -1.52
CA GLY A 60 -4.29 -8.27 -0.42
C GLY A 60 -4.81 -6.92 -0.88
N VAL A 61 -4.11 -6.31 -1.83
CA VAL A 61 -4.51 -5.01 -2.35
C VAL A 61 -5.95 -5.04 -2.84
N ARG A 62 -6.44 -3.88 -3.29
CA ARG A 62 -7.81 -3.78 -3.78
C ARG A 62 -8.03 -2.44 -4.50
N VAL A 63 -7.47 -2.33 -5.70
CA VAL A 63 -7.61 -1.11 -6.49
C VAL A 63 -7.59 0.13 -5.60
N GLY A 64 -6.57 0.22 -4.74
CA GLY A 64 -6.47 1.36 -3.85
C GLY A 64 -6.31 0.95 -2.40
N ASP A 65 -5.32 0.09 -2.14
CA ASP A 65 -5.07 -0.38 -0.78
C ASP A 65 -4.13 0.56 -0.03
N LYS A 66 -4.24 0.58 1.29
CA LYS A 66 -3.41 1.44 2.12
C LYS A 66 -2.27 0.64 2.74
N LEU A 67 -1.08 0.78 2.17
CA LEU A 67 0.10 0.08 2.67
C LEU A 67 1.19 1.07 3.08
N LEU A 68 2.05 0.65 4.00
CA LEU A 68 3.14 1.49 4.47
C LEU A 68 4.49 0.96 3.99
N GLU A 69 4.85 -0.23 4.47
CA GLU A 69 6.12 -0.85 4.10
C GLU A 69 5.91 -1.88 2.99
N VAL A 70 6.89 -1.99 2.10
CA VAL A 70 6.81 -2.94 0.99
C VAL A 70 7.93 -3.97 1.09
N ASN A 71 7.55 -5.23 1.34
CA ASN A 71 8.52 -6.31 1.45
C ASN A 71 9.44 -6.10 2.64
N GLY A 72 8.91 -5.45 3.67
CA GLY A 72 9.70 -5.19 4.87
C GLY A 72 10.17 -3.75 4.95
N VAL A 73 10.64 -3.22 3.83
CA VAL A 73 11.12 -1.85 3.78
C VAL A 73 9.99 -0.86 3.97
N ALA A 74 10.25 0.20 4.75
CA ALA A 74 9.24 1.22 5.01
C ALA A 74 9.17 2.23 3.87
N LEU A 75 8.00 2.37 3.28
CA LEU A 75 7.80 3.30 2.17
C LEU A 75 7.44 4.69 2.68
N GLN A 76 7.51 4.85 4.00
CA GLN A 76 7.20 6.15 4.63
C GLN A 76 8.09 7.24 4.07
N GLY A 77 7.51 8.10 3.22
CA GLY A 77 8.26 9.19 2.64
C GLY A 77 8.87 8.81 1.30
N ALA A 78 9.15 7.52 1.11
CA ALA A 78 9.73 7.03 -0.13
C ALA A 78 8.79 7.29 -1.31
N GLU A 79 9.31 7.10 -2.52
CA GLU A 79 8.53 7.32 -3.73
C GLU A 79 8.26 5.98 -4.43
N HIS A 80 7.77 6.07 -5.67
CA HIS A 80 7.47 4.88 -6.45
C HIS A 80 8.73 4.04 -6.69
N HIS A 81 9.82 4.72 -7.04
CA HIS A 81 11.09 4.04 -7.30
C HIS A 81 11.56 3.29 -6.05
N GLU A 82 11.27 3.85 -4.88
CA GLU A 82 11.67 3.23 -3.63
C GLU A 82 10.80 2.00 -3.33
N ALA A 83 9.56 2.03 -3.80
CA ALA A 83 8.64 0.93 -3.59
C ALA A 83 8.87 -0.19 -4.60
N VAL A 84 9.31 0.18 -5.80
CA VAL A 84 9.57 -0.78 -6.86
C VAL A 84 10.87 -1.53 -6.60
N GLU A 85 11.92 -0.79 -6.25
CA GLU A 85 13.22 -1.39 -5.97
C GLU A 85 13.10 -2.55 -4.98
N ALA A 86 12.07 -2.48 -4.13
CA ALA A 86 11.84 -3.52 -3.14
C ALA A 86 11.06 -4.69 -3.74
N LEU A 87 10.17 -4.38 -4.68
CA LEU A 87 9.35 -5.39 -5.32
C LEU A 87 10.14 -6.11 -6.41
N ARG A 88 11.30 -5.55 -6.76
CA ARG A 88 12.14 -6.14 -7.80
C ARG A 88 12.38 -7.62 -7.53
N GLY A 89 13.11 -7.92 -6.47
CA GLY A 89 13.41 -9.30 -6.12
C GLY A 89 12.22 -9.99 -5.46
N ALA A 90 11.37 -9.20 -4.82
CA ALA A 90 10.20 -9.74 -4.14
C ALA A 90 9.10 -10.10 -5.14
N GLY A 91 9.35 -9.80 -6.41
CA GLY A 91 8.39 -10.11 -7.46
C GLY A 91 7.75 -11.48 -7.28
N THR A 92 8.56 -12.44 -6.84
CA THR A 92 8.08 -13.81 -6.63
C THR A 92 7.29 -13.92 -5.35
N ALA A 93 7.68 -13.14 -4.34
CA ALA A 93 7.00 -13.15 -3.04
C ALA A 93 7.18 -11.83 -2.32
N VAL A 94 6.18 -10.96 -2.43
CA VAL A 94 6.22 -9.66 -1.78
C VAL A 94 5.41 -9.65 -0.49
N GLN A 95 5.91 -8.94 0.51
CA GLN A 95 5.22 -8.85 1.80
C GLN A 95 4.98 -7.40 2.20
N MET A 96 3.80 -6.88 1.85
CA MET A 96 3.45 -5.51 2.17
C MET A 96 2.49 -5.45 3.36
N ARG A 97 2.62 -4.40 4.16
CA ARG A 97 1.76 -4.24 5.33
C ARG A 97 0.77 -3.10 5.12
N VAL A 98 -0.46 -3.30 5.59
CA VAL A 98 -1.51 -2.30 5.45
C VAL A 98 -1.93 -1.76 6.81
N TRP A 99 -1.73 -0.46 7.01
CA TRP A 99 -2.10 0.19 8.27
C TRP A 99 -3.23 1.17 8.06
N ARG A 100 -4.11 1.28 9.05
CA ARG A 100 -5.24 2.19 8.98
C ARG A 100 -4.94 3.50 9.70
N GLU A 101 -5.26 4.62 9.05
CA GLU A 101 -5.01 5.94 9.62
C GLU A 101 -6.14 6.90 9.25
N ARG A 102 -5.86 8.20 9.38
CA ARG A 102 -6.85 9.22 9.06
C ARG A 102 -6.49 9.93 7.75
N MET A 103 -5.78 9.22 6.87
CA MET A 103 -5.37 9.77 5.59
C MET A 103 -5.51 8.73 4.49
N VAL A 104 -4.52 7.84 4.39
CA VAL A 104 -4.53 6.79 3.37
C VAL A 104 -5.90 6.14 3.27
N GLU A 105 -6.55 5.95 4.42
CA GLU A 105 -7.88 5.34 4.45
C GLU A 105 -8.94 6.37 4.78
N PRO A 106 -9.57 6.93 3.73
CA PRO A 106 -10.62 7.93 3.88
C PRO A 106 -11.91 7.35 4.47
N GLU A 107 -12.83 8.24 4.84
CA GLU A 107 -14.10 7.80 5.42
C GLU A 107 -14.81 6.82 4.50
N ASN A 108 -14.76 7.07 3.21
CA ASN A 108 -15.40 6.20 2.22
C ASN A 108 -14.98 4.76 2.42
N ALA A 109 -13.70 4.56 2.74
CA ALA A 109 -13.17 3.22 2.97
C ALA A 109 -13.53 2.71 4.36
N VAL A 110 -13.51 3.62 5.33
CA VAL A 110 -13.83 3.25 6.70
C VAL A 110 -15.19 2.55 6.78
N THR A 111 -16.05 2.83 5.82
CA THR A 111 -17.38 2.22 5.78
C THR A 111 -17.33 0.82 5.16
N ILE A 112 -17.77 -0.17 5.92
CA ILE A 112 -17.78 -1.55 5.44
C ILE A 112 -19.06 -1.86 4.69
N THR A 113 -19.12 -1.42 3.43
CA THR A 113 -20.30 -1.65 2.60
C THR A 113 -19.91 -2.29 1.27
N PRO A 114 -20.85 -3.05 0.68
CA PRO A 114 -20.62 -3.72 -0.60
C PRO A 114 -20.53 -2.75 -1.77
N LEU A 115 -20.53 -3.28 -2.99
CA LEU A 115 -20.45 -2.45 -4.19
C LEU A 115 -21.71 -2.59 -5.03
N ARG A 116 -22.11 -3.84 -5.27
CA ARG A 116 -23.30 -4.10 -6.07
C ARG A 116 -24.50 -3.33 -5.52
N GLY A 1 12.42 16.77 16.13
CA GLY A 1 11.45 16.25 17.09
C GLY A 1 10.15 17.02 17.06
N ALA A 2 9.32 16.77 16.05
CA ALA A 2 8.04 17.44 15.93
C ALA A 2 7.23 16.88 14.76
N MET A 3 6.30 15.99 15.07
CA MET A 3 5.46 15.37 14.04
C MET A 3 4.53 16.40 13.41
N GLY A 4 3.98 17.28 14.24
CA GLY A 4 3.08 18.31 13.74
C GLY A 4 1.70 17.76 13.44
N ALA A 5 1.63 16.82 12.52
CA ALA A 5 0.36 16.21 12.14
C ALA A 5 0.31 14.73 12.51
N PRO A 6 0.15 14.45 13.81
CA PRO A 6 0.10 13.08 14.32
C PRO A 6 -1.18 12.36 13.92
N ALA A 7 -1.08 11.50 12.91
CA ALA A 7 -2.23 10.75 12.42
C ALA A 7 -2.10 9.28 12.77
N ARG A 8 -2.19 8.97 14.06
CA ARG A 8 -2.09 7.59 14.53
C ARG A 8 -3.45 7.08 15.01
N ILE A 9 -4.26 6.60 14.06
CA ILE A 9 -5.57 6.08 14.39
C ILE A 9 -5.56 4.56 14.49
N GLU A 10 -6.55 4.01 15.19
CA GLU A 10 -6.64 2.56 15.37
C GLU A 10 -6.53 1.84 14.02
N GLU A 11 -5.37 1.27 13.76
CA GLU A 11 -5.13 0.55 12.52
C GLU A 11 -5.91 -0.77 12.49
N GLU A 12 -5.96 -1.40 11.32
CA GLU A 12 -6.67 -2.66 11.17
C GLU A 12 -5.69 -3.82 10.97
N GLU A 13 -4.50 -3.50 10.46
CA GLU A 13 -3.48 -4.51 10.22
C GLU A 13 -3.88 -5.42 9.07
N LEU A 14 -3.19 -5.29 7.94
CA LEU A 14 -3.46 -6.11 6.76
C LEU A 14 -2.18 -6.73 6.22
N THR A 15 -1.95 -7.98 6.56
CA THR A 15 -0.76 -8.69 6.10
C THR A 15 -1.05 -9.49 4.83
N LEU A 16 -0.35 -9.15 3.75
CA LEU A 16 -0.52 -9.83 2.47
C LEU A 16 0.82 -10.14 1.83
N THR A 17 0.84 -11.16 0.98
CA THR A 17 2.07 -11.57 0.29
C THR A 17 1.78 -11.93 -1.16
N ILE A 18 2.61 -11.43 -2.07
CA ILE A 18 2.45 -11.70 -3.49
C ILE A 18 3.69 -12.37 -4.06
N LEU A 19 3.59 -13.68 -4.32
CA LEU A 19 4.70 -14.44 -4.87
C LEU A 19 4.79 -14.27 -6.38
N ARG A 20 5.77 -14.93 -6.99
CA ARG A 20 5.96 -14.85 -8.44
C ARG A 20 4.69 -15.28 -9.18
N GLN A 21 4.60 -14.90 -10.45
CA GLN A 21 3.44 -15.26 -11.27
C GLN A 21 3.87 -15.91 -12.56
N THR A 22 2.90 -16.34 -13.36
CA THR A 22 3.18 -16.99 -14.64
C THR A 22 2.87 -16.07 -15.81
N GLY A 23 1.80 -15.30 -15.69
CA GLY A 23 1.42 -14.38 -16.74
C GLY A 23 0.28 -13.46 -16.33
N GLY A 24 0.35 -12.95 -15.11
CA GLY A 24 -0.70 -12.06 -14.63
C GLY A 24 -0.72 -10.73 -15.35
N LEU A 25 -1.75 -9.93 -15.10
CA LEU A 25 -1.88 -8.63 -15.73
C LEU A 25 -0.92 -7.62 -15.10
N GLY A 26 -0.89 -7.59 -13.77
CA GLY A 26 -0.01 -6.67 -13.08
C GLY A 26 -0.77 -5.58 -12.34
N ILE A 27 -0.40 -5.35 -11.09
CA ILE A 27 -1.05 -4.33 -10.27
C ILE A 27 -0.63 -2.93 -10.69
N SER A 28 -1.06 -1.94 -9.94
CA SER A 28 -0.72 -0.54 -10.23
C SER A 28 -0.41 0.22 -8.94
N ILE A 29 0.87 0.33 -8.62
CA ILE A 29 1.30 1.03 -7.43
C ILE A 29 2.30 2.13 -7.77
N ALA A 30 2.09 3.32 -7.22
CA ALA A 30 2.99 4.45 -7.46
C ALA A 30 2.49 5.70 -6.75
N GLY A 31 3.39 6.36 -6.03
CA GLY A 31 3.03 7.57 -5.30
C GLY A 31 3.64 8.82 -5.92
N GLY A 32 4.96 8.91 -5.87
CA GLY A 32 5.65 10.06 -6.42
C GLY A 32 5.38 11.32 -5.63
N LYS A 33 6.32 11.70 -4.78
CA LYS A 33 6.17 12.91 -3.96
C LYS A 33 7.52 13.34 -3.38
N GLY A 34 7.91 12.69 -2.28
CA GLY A 34 9.17 13.01 -1.64
C GLY A 34 9.06 14.19 -0.71
N SER A 35 7.93 14.29 -0.02
CA SER A 35 7.69 15.39 0.92
C SER A 35 7.67 14.88 2.36
N THR A 36 7.85 15.80 3.30
CA THR A 36 7.85 15.45 4.72
C THR A 36 6.70 14.50 5.04
N PRO A 37 6.92 13.60 6.01
CA PRO A 37 5.93 12.62 6.45
C PRO A 37 4.77 13.28 7.20
N TYR A 38 3.59 12.66 7.11
CA TYR A 38 2.41 13.19 7.79
C TYR A 38 2.53 13.02 9.29
N LYS A 39 2.72 11.78 9.73
CA LYS A 39 2.84 11.48 11.15
C LYS A 39 4.29 11.16 11.51
N GLY A 40 5.23 11.76 10.78
CA GLY A 40 6.64 11.52 11.04
C GLY A 40 7.21 10.43 10.15
N ASP A 41 6.36 9.50 9.73
CA ASP A 41 6.79 8.41 8.87
C ASP A 41 5.62 7.79 8.13
N ASP A 42 5.25 8.39 7.00
CA ASP A 42 4.13 7.90 6.20
C ASP A 42 4.01 8.69 4.91
N GLU A 43 3.65 7.99 3.83
CA GLU A 43 3.50 8.62 2.52
C GLU A 43 2.17 8.24 1.88
N GLY A 44 1.75 7.00 2.10
CA GLY A 44 0.50 6.53 1.54
C GLY A 44 0.57 6.37 0.04
N ILE A 45 0.56 5.11 -0.42
CA ILE A 45 0.63 4.83 -1.86
C ILE A 45 -0.75 4.46 -2.39
N PHE A 46 -1.10 5.06 -3.54
CA PHE A 46 -2.39 4.80 -4.17
C PHE A 46 -2.28 3.69 -5.21
N ILE A 47 -3.27 2.82 -5.24
CA ILE A 47 -3.29 1.71 -6.19
C ILE A 47 -4.71 1.42 -6.68
N SER A 48 -4.81 0.58 -7.71
CA SER A 48 -6.10 0.22 -8.27
C SER A 48 -5.95 -0.82 -9.38
N ARG A 49 -6.11 -2.09 -9.01
CA ARG A 49 -5.98 -3.18 -9.96
C ARG A 49 -6.10 -4.53 -9.26
N VAL A 50 -7.33 -5.06 -9.22
CA VAL A 50 -7.57 -6.35 -8.58
C VAL A 50 -7.18 -7.50 -9.49
N SER A 51 -6.53 -8.50 -8.91
CA SER A 51 -6.09 -9.66 -9.67
C SER A 51 -7.24 -10.65 -9.88
N GLU A 52 -7.36 -11.16 -11.10
CA GLU A 52 -8.42 -12.10 -11.43
C GLU A 52 -8.08 -13.49 -10.90
N GLU A 53 -7.84 -13.58 -9.59
CA GLU A 53 -7.51 -14.85 -8.96
C GLU A 53 -6.11 -15.31 -9.34
N GLY A 54 -5.14 -14.39 -9.21
CA GLY A 54 -3.77 -14.71 -9.55
C GLY A 54 -2.78 -14.19 -8.52
N PRO A 55 -1.57 -14.77 -8.53
CA PRO A 55 -0.51 -14.37 -7.60
C PRO A 55 0.03 -12.97 -7.88
N ALA A 56 -0.85 -11.99 -7.85
CA ALA A 56 -0.46 -10.60 -8.11
C ALA A 56 -1.14 -9.66 -7.13
N ALA A 57 -2.27 -10.07 -6.58
CA ALA A 57 -3.00 -9.25 -5.63
C ALA A 57 -4.02 -10.10 -4.85
N ARG A 58 -4.73 -10.96 -5.56
CA ARG A 58 -5.73 -11.82 -4.94
C ARG A 58 -5.12 -12.64 -3.82
N ALA A 59 -3.81 -12.81 -3.86
CA ALA A 59 -3.10 -13.57 -2.83
C ALA A 59 -3.48 -13.10 -1.44
N GLY A 60 -3.94 -11.85 -1.34
CA GLY A 60 -4.33 -11.30 -0.06
C GLY A 60 -4.56 -9.81 -0.11
N VAL A 61 -3.88 -9.14 -1.03
CA VAL A 61 -4.00 -7.69 -1.19
C VAL A 61 -5.38 -7.32 -1.73
N ARG A 62 -5.69 -6.03 -1.71
CA ARG A 62 -6.97 -5.53 -2.21
C ARG A 62 -6.98 -4.01 -2.26
N VAL A 63 -6.69 -3.47 -3.44
CA VAL A 63 -6.68 -2.02 -3.62
C VAL A 63 -6.09 -1.31 -2.40
N GLY A 64 -4.83 -1.59 -2.12
CA GLY A 64 -4.17 -0.97 -0.97
C GLY A 64 -3.81 0.48 -1.23
N ASP A 65 -4.75 1.22 -1.81
CA ASP A 65 -4.52 2.64 -2.10
C ASP A 65 -4.11 3.39 -0.85
N LYS A 66 -4.28 2.76 0.31
CA LYS A 66 -3.93 3.37 1.58
C LYS A 66 -2.88 2.55 2.32
N LEU A 67 -1.89 2.06 1.57
CA LEU A 67 -0.82 1.26 2.15
C LEU A 67 0.27 2.14 2.73
N LEU A 68 1.21 1.52 3.44
CA LEU A 68 2.31 2.26 4.05
C LEU A 68 3.66 1.76 3.53
N GLU A 69 4.02 0.54 3.93
CA GLU A 69 5.29 -0.05 3.50
C GLU A 69 5.06 -1.02 2.34
N VAL A 70 6.12 -1.25 1.56
CA VAL A 70 6.03 -2.16 0.42
C VAL A 70 7.20 -3.15 0.43
N ASN A 71 6.87 -4.43 0.59
CA ASN A 71 7.89 -5.48 0.61
C ASN A 71 8.83 -5.30 1.80
N GLY A 72 8.29 -4.79 2.91
CA GLY A 72 9.09 -4.58 4.09
C GLY A 72 9.85 -3.28 4.05
N VAL A 73 9.70 -2.54 2.95
CA VAL A 73 10.37 -1.25 2.79
C VAL A 73 9.41 -0.09 3.02
N ALA A 74 9.62 0.64 4.10
CA ALA A 74 8.77 1.78 4.43
C ALA A 74 8.72 2.78 3.27
N LEU A 75 7.51 3.05 2.78
CA LEU A 75 7.33 3.98 1.67
C LEU A 75 7.23 5.41 2.18
N GLN A 76 7.43 5.59 3.49
CA GLN A 76 7.36 6.91 4.09
C GLN A 76 8.43 7.84 3.51
N GLY A 77 7.99 8.78 2.68
CA GLY A 77 8.92 9.72 2.06
C GLY A 77 9.44 9.21 0.73
N ALA A 78 9.35 7.91 0.51
CA ALA A 78 9.82 7.30 -0.73
C ALA A 78 9.04 7.84 -1.93
N GLU A 79 9.56 7.57 -3.12
CA GLU A 79 8.91 8.02 -4.35
C GLU A 79 8.30 6.85 -5.10
N HIS A 80 7.58 7.15 -6.18
CA HIS A 80 6.93 6.13 -6.99
C HIS A 80 7.94 5.07 -7.42
N HIS A 81 9.18 5.49 -7.65
CA HIS A 81 10.23 4.57 -8.07
C HIS A 81 10.71 3.72 -6.89
N GLU A 82 10.55 4.24 -5.68
CA GLU A 82 10.96 3.53 -4.48
C GLU A 82 10.00 2.39 -4.17
N ALA A 83 8.74 2.56 -4.55
CA ALA A 83 7.72 1.54 -4.30
C ALA A 83 7.83 0.41 -5.32
N VAL A 84 8.21 0.76 -6.54
CA VAL A 84 8.35 -0.25 -7.61
C VAL A 84 9.65 -1.02 -7.46
N GLU A 85 10.72 -0.32 -7.10
CA GLU A 85 12.02 -0.95 -6.93
C GLU A 85 11.95 -2.07 -5.88
N ALA A 86 11.06 -1.90 -4.90
CA ALA A 86 10.90 -2.88 -3.84
C ALA A 86 10.26 -4.16 -4.38
N LEU A 87 9.38 -4.01 -5.36
CA LEU A 87 8.71 -5.15 -5.96
C LEU A 87 9.61 -5.87 -6.95
N ARG A 88 10.60 -5.15 -7.48
CA ARG A 88 11.53 -5.73 -8.44
C ARG A 88 12.03 -7.09 -7.96
N GLY A 89 12.81 -7.08 -6.89
CA GLY A 89 13.34 -8.33 -6.36
C GLY A 89 12.30 -9.11 -5.58
N ALA A 90 11.28 -8.41 -5.08
CA ALA A 90 10.22 -9.05 -4.31
C ALA A 90 9.27 -9.81 -5.22
N GLY A 91 9.48 -9.70 -6.52
CA GLY A 91 8.64 -10.38 -7.48
C GLY A 91 8.34 -11.82 -7.07
N THR A 92 9.32 -12.47 -6.45
CA THR A 92 9.15 -13.85 -6.02
C THR A 92 8.34 -13.93 -4.73
N ALA A 93 8.48 -12.90 -3.89
CA ALA A 93 7.75 -12.85 -2.62
C ALA A 93 7.62 -11.42 -2.13
N VAL A 94 6.48 -10.80 -2.41
CA VAL A 94 6.23 -9.43 -1.99
C VAL A 94 5.39 -9.38 -0.72
N GLN A 95 5.73 -8.45 0.18
CA GLN A 95 5.01 -8.32 1.44
C GLN A 95 4.65 -6.86 1.69
N MET A 96 3.39 -6.51 1.42
CA MET A 96 2.92 -5.15 1.62
C MET A 96 1.96 -5.08 2.81
N ARG A 97 1.95 -3.94 3.50
CA ARG A 97 1.07 -3.75 4.64
C ARG A 97 0.13 -2.58 4.42
N VAL A 98 -1.11 -2.73 4.87
CA VAL A 98 -2.12 -1.68 4.72
C VAL A 98 -2.47 -1.04 6.06
N TRP A 99 -2.20 0.25 6.19
CA TRP A 99 -2.49 0.96 7.43
C TRP A 99 -3.51 2.08 7.19
N ARG A 100 -4.66 1.97 7.83
CA ARG A 100 -5.71 2.97 7.69
C ARG A 100 -5.43 4.19 8.56
N GLU A 101 -4.57 5.08 8.05
CA GLU A 101 -4.22 6.28 8.78
C GLU A 101 -5.26 7.38 8.56
N ARG A 102 -4.97 8.57 9.09
CA ARG A 102 -5.88 9.71 8.95
C ARG A 102 -5.47 10.59 7.78
N MET A 103 -4.84 9.99 6.78
CA MET A 103 -4.38 10.72 5.60
C MET A 103 -4.66 9.93 4.32
N VAL A 104 -3.77 8.99 4.02
CA VAL A 104 -3.92 8.16 2.83
C VAL A 104 -5.22 7.37 2.87
N GLU A 105 -5.78 7.21 4.06
CA GLU A 105 -7.03 6.48 4.23
C GLU A 105 -8.15 7.40 4.71
N PRO A 106 -8.93 7.90 3.75
CA PRO A 106 -10.06 8.81 4.04
C PRO A 106 -11.20 8.10 4.76
N GLU A 107 -12.12 8.89 5.31
CA GLU A 107 -13.26 8.34 6.02
C GLU A 107 -14.12 7.47 5.09
N ASN A 108 -14.30 7.94 3.87
CA ASN A 108 -15.10 7.21 2.88
C ASN A 108 -14.65 5.76 2.78
N ALA A 109 -13.33 5.55 2.80
CA ALA A 109 -12.77 4.21 2.71
C ALA A 109 -13.04 3.43 4.00
N VAL A 110 -12.99 4.11 5.13
CA VAL A 110 -13.22 3.47 6.42
C VAL A 110 -14.55 2.72 6.43
N THR A 111 -15.48 3.16 5.59
CA THR A 111 -16.78 2.53 5.49
C THR A 111 -16.75 1.32 4.57
N ILE A 112 -17.02 0.14 5.12
CA ILE A 112 -17.02 -1.09 4.34
C ILE A 112 -18.38 -1.33 3.69
N THR A 113 -18.64 -0.62 2.60
CA THR A 113 -19.91 -0.76 1.88
C THR A 113 -19.67 -1.12 0.42
N PRO A 114 -19.54 -2.43 0.15
CA PRO A 114 -19.32 -2.93 -1.22
C PRO A 114 -20.53 -2.76 -2.10
N LEU A 115 -20.50 -3.36 -3.29
CA LEU A 115 -21.60 -3.28 -4.24
C LEU A 115 -21.38 -4.23 -5.42
N ARG A 116 -22.36 -5.09 -5.65
CA ARG A 116 -22.28 -6.05 -6.76
C ARG A 116 -21.95 -5.35 -8.06
#